data_7VWV
# 
_entry.id   7VWV 
# 
_audit_conform.dict_name       mmcif_pdbx.dic 
_audit_conform.dict_version    5.392 
_audit_conform.dict_location   http://mmcif.pdb.org/dictionaries/ascii/mmcif_pdbx.dic 
# 
loop_
_database_2.database_id 
_database_2.database_code 
_database_2.pdbx_database_accession 
_database_2.pdbx_DOI 
PDB   7VWV         pdb_00007vwv 10.2210/pdb7vwv/pdb 
WWPDB D_1300025385 ?            ?                   
# 
loop_
_pdbx_audit_revision_history.ordinal 
_pdbx_audit_revision_history.data_content_type 
_pdbx_audit_revision_history.major_revision 
_pdbx_audit_revision_history.minor_revision 
_pdbx_audit_revision_history.revision_date 
1 'Structure model' 1 0 2022-11-16 
2 'Structure model' 1 1 2023-05-31 
3 'Structure model' 1 2 2024-05-29 
# 
_pdbx_audit_revision_details.ordinal             1 
_pdbx_audit_revision_details.revision_ordinal    1 
_pdbx_audit_revision_details.data_content_type   'Structure model' 
_pdbx_audit_revision_details.provider            repository 
_pdbx_audit_revision_details.type                'Initial release' 
_pdbx_audit_revision_details.description         ? 
_pdbx_audit_revision_details.details             ? 
# 
loop_
_pdbx_audit_revision_group.ordinal 
_pdbx_audit_revision_group.revision_ordinal 
_pdbx_audit_revision_group.data_content_type 
_pdbx_audit_revision_group.group 
1 2 'Structure model' 'Database references' 
2 3 'Structure model' 'Data collection'     
# 
loop_
_pdbx_audit_revision_category.ordinal 
_pdbx_audit_revision_category.revision_ordinal 
_pdbx_audit_revision_category.data_content_type 
_pdbx_audit_revision_category.category 
1 2 'Structure model' citation        
2 2 'Structure model' citation_author 
3 3 'Structure model' chem_comp_atom  
4 3 'Structure model' chem_comp_bond  
# 
loop_
_pdbx_audit_revision_item.ordinal 
_pdbx_audit_revision_item.revision_ordinal 
_pdbx_audit_revision_item.data_content_type 
_pdbx_audit_revision_item.item 
1  2 'Structure model' '_citation.country'                 
2  2 'Structure model' '_citation.journal_abbrev'          
3  2 'Structure model' '_citation.journal_id_ASTM'         
4  2 'Structure model' '_citation.journal_id_CSD'          
5  2 'Structure model' '_citation.journal_id_ISSN'         
6  2 'Structure model' '_citation.journal_volume'          
7  2 'Structure model' '_citation.page_first'              
8  2 'Structure model' '_citation.page_last'               
9  2 'Structure model' '_citation.pdbx_database_id_DOI'    
10 2 'Structure model' '_citation.pdbx_database_id_PubMed' 
11 2 'Structure model' '_citation.title'                   
12 2 'Structure model' '_citation.year'                    
# 
_pdbx_database_status.status_code                     REL 
_pdbx_database_status.status_code_sf                  REL 
_pdbx_database_status.status_code_mr                  ? 
_pdbx_database_status.entry_id                        7VWV 
_pdbx_database_status.recvd_initial_deposition_date   2021-11-11 
_pdbx_database_status.SG_entry                        N 
_pdbx_database_status.deposit_site                    PDBJ 
_pdbx_database_status.process_site                    PDBJ 
_pdbx_database_status.status_code_cs                  ? 
_pdbx_database_status.status_code_nmr_data            ? 
_pdbx_database_status.methods_development_category    ? 
_pdbx_database_status.pdb_format_compatible           Y 
# 
_pdbx_contact_author.id                 3 
_pdbx_contact_author.email              1063462584@qq.com 
_pdbx_contact_author.name_first         zhou 
_pdbx_contact_author.name_last          Shen 
_pdbx_contact_author.name_mi            ? 
_pdbx_contact_author.role               'principal investigator/group leader' 
_pdbx_contact_author.identifier_ORCID   0000-0001-8772-2978 
# 
loop_
_audit_author.name 
_audit_author.pdbx_ordinal 
_audit_author.identifier_ORCID 
'Shen, Z.'  1 0000-0001-8772-2978 
'Liang, R.' 2 0000-0003-2259-0112 
# 
_citation.abstract                  ? 
_citation.abstract_id_CAS           ? 
_citation.book_id_ISBN              ? 
_citation.book_publisher            ? 
_citation.book_publisher_city       ? 
_citation.book_title                ? 
_citation.coordinate_linkage        ? 
_citation.country                   US 
_citation.database_id_Medline       ? 
_citation.details                   ? 
_citation.id                        primary 
_citation.journal_abbrev            Proc.Natl.Acad.Sci.USA 
_citation.journal_id_ASTM           PNASA6 
_citation.journal_id_CSD            0040 
_citation.journal_id_ISSN           1091-6490 
_citation.journal_full              ? 
_citation.journal_issue             ? 
_citation.journal_volume            120 
_citation.language                  ? 
_citation.page_first                e2210808120 
_citation.page_last                 e2210808120 
_citation.title                     
'African swine fever virus I73R is a critical virulence-related gene: A potential target for attenuation.' 
_citation.year                      2023 
_citation.database_id_CSD           ? 
_citation.pdbx_database_id_DOI      10.1073/pnas.2210808120 
_citation.pdbx_database_id_PubMed   37023125 
_citation.pdbx_database_id_patent   ? 
_citation.unpublished_flag          ? 
# 
loop_
_citation_author.citation_id 
_citation_author.name 
_citation_author.ordinal 
_citation_author.identifier_ORCID 
primary 'Liu, Y.'   1  0000-0001-7335-4422 
primary 'Shen, Z.'  2  ?                   
primary 'Xie, Z.'   3  ?                   
primary 'Song, Y.'  4  ?                   
primary 'Li, Y.'    5  ?                   
primary 'Liang, R.' 6  ?                   
primary 'Gong, L.'  7  0000-0003-0745-0031 
primary 'Di, D.'    8  ?                   
primary 'Liu, J.'   9  0009-0001-4188-3685 
primary 'Liu, J.'   10 ?                   
primary 'Chen, Z.'  11 ?                   
primary 'Yu, W.'    12 ?                   
primary 'Lv, L.'    13 ?                   
primary 'Zhong, Q.' 14 ?                   
primary 'Liao, X.'  15 ?                   
primary 'Tian, C.'  16 ?                   
primary 'Wang, R.'  17 0000-0003-0215-3257 
primary 'Song, Q.'  18 ?                   
primary 'Wang, H.'  19 ?                   
primary 'Peng, G.'  20 0000-0001-8813-6663 
primary 'Chen, H.'  21 0000-0002-7254-7596 
# 
loop_
_entity.id 
_entity.type 
_entity.src_method 
_entity.pdbx_description 
_entity.formula_weight 
_entity.pdbx_number_of_molecules 
_entity.pdbx_ec 
_entity.pdbx_mutation 
_entity.pdbx_fragment 
_entity.details 
1 polymer man I73R  9712.255 2  ? ? ? ? 
2 water   nat water 18.015   41 ? ? ? ? 
# 
_entity_name_com.entity_id   1 
_entity_name_com.name        'I73R CDS protein,I73R protein' 
# 
_entity_poly.entity_id                      1 
_entity_poly.type                           'polypeptide(L)' 
_entity_poly.nstd_linkage                   no 
_entity_poly.nstd_monomer                   no 
_entity_poly.pdbx_seq_one_letter_code       
;MAHHHHHHEFMETQKLISMVKEALEKYQYPLTAKNIKVVIQKEHNVVLPTGSINSILYSNSELFEKIDKTNTIYPPLWIR
KN
;
_entity_poly.pdbx_seq_one_letter_code_can   
;MAHHHHHHEFMETQKLISMVKEALEKYQYPLTAKNIKVVIQKEHNVVLPTGSINSILYSNSELFEKIDKTNTIYPPLWIR
KN
;
_entity_poly.pdbx_strand_id                 A,B 
_entity_poly.pdbx_target_identifier         ? 
# 
_pdbx_entity_nonpoly.entity_id   2 
_pdbx_entity_nonpoly.name        water 
_pdbx_entity_nonpoly.comp_id     HOH 
# 
loop_
_entity_poly_seq.entity_id 
_entity_poly_seq.num 
_entity_poly_seq.mon_id 
_entity_poly_seq.hetero 
1 1  MET n 
1 2  ALA n 
1 3  HIS n 
1 4  HIS n 
1 5  HIS n 
1 6  HIS n 
1 7  HIS n 
1 8  HIS n 
1 9  GLU n 
1 10 PHE n 
1 11 MET n 
1 12 GLU n 
1 13 THR n 
1 14 GLN n 
1 15 LYS n 
1 16 LEU n 
1 17 ILE n 
1 18 SER n 
1 19 MET n 
1 20 VAL n 
1 21 LYS n 
1 22 GLU n 
1 23 ALA n 
1 24 LEU n 
1 25 GLU n 
1 26 LYS n 
1 27 TYR n 
1 28 GLN n 
1 29 TYR n 
1 30 PRO n 
1 31 LEU n 
1 32 THR n 
1 33 ALA n 
1 34 LYS n 
1 35 ASN n 
1 36 ILE n 
1 37 LYS n 
1 38 VAL n 
1 39 VAL n 
1 40 ILE n 
1 41 GLN n 
1 42 LYS n 
1 43 GLU n 
1 44 HIS n 
1 45 ASN n 
1 46 VAL n 
1 47 VAL n 
1 48 LEU n 
1 49 PRO n 
1 50 THR n 
1 51 GLY n 
1 52 SER n 
1 53 ILE n 
1 54 ASN n 
1 55 SER n 
1 56 ILE n 
1 57 LEU n 
1 58 TYR n 
1 59 SER n 
1 60 ASN n 
1 61 SER n 
1 62 GLU n 
1 63 LEU n 
1 64 PHE n 
1 65 GLU n 
1 66 LYS n 
1 67 ILE n 
1 68 ASP n 
1 69 LYS n 
1 70 THR n 
1 71 ASN n 
1 72 THR n 
1 73 ILE n 
1 74 TYR n 
1 75 PRO n 
1 76 PRO n 
1 77 LEU n 
1 78 TRP n 
1 79 ILE n 
1 80 ARG n 
1 81 LYS n 
1 82 ASN n 
# 
_entity_src_gen.entity_id                          1 
_entity_src_gen.pdbx_src_id                        1 
_entity_src_gen.pdbx_alt_source_flag               sample 
_entity_src_gen.pdbx_seq_type                      'Biological sequence' 
_entity_src_gen.pdbx_beg_seq_num                   1 
_entity_src_gen.pdbx_end_seq_num                   82 
_entity_src_gen.gene_src_common_name               ? 
_entity_src_gen.gene_src_genus                     ? 
_entity_src_gen.pdbx_gene_src_gene                 'I73R CDS, I73R, ASFV-Georgia_4-163, ASFV_Kyiv_2016_131_00219' 
_entity_src_gen.gene_src_species                   ? 
_entity_src_gen.gene_src_strain                    ? 
_entity_src_gen.gene_src_tissue                    ? 
_entity_src_gen.gene_src_tissue_fraction           ? 
_entity_src_gen.gene_src_details                   ? 
_entity_src_gen.pdbx_gene_src_fragment             ? 
_entity_src_gen.pdbx_gene_src_scientific_name      'African swine fever virus' 
_entity_src_gen.pdbx_gene_src_ncbi_taxonomy_id     10497 
_entity_src_gen.pdbx_gene_src_variant              ? 
_entity_src_gen.pdbx_gene_src_cell_line            ? 
_entity_src_gen.pdbx_gene_src_atcc                 ? 
_entity_src_gen.pdbx_gene_src_organ                ? 
_entity_src_gen.pdbx_gene_src_organelle            ? 
_entity_src_gen.pdbx_gene_src_cell                 ? 
_entity_src_gen.pdbx_gene_src_cellular_location    ? 
_entity_src_gen.host_org_common_name               ? 
_entity_src_gen.pdbx_host_org_scientific_name      'Escherichia coli BL21(DE3)' 
_entity_src_gen.pdbx_host_org_ncbi_taxonomy_id     469008 
_entity_src_gen.host_org_genus                     ? 
_entity_src_gen.pdbx_host_org_gene                 ? 
_entity_src_gen.pdbx_host_org_organ                ? 
_entity_src_gen.host_org_species                   ? 
_entity_src_gen.pdbx_host_org_tissue               ? 
_entity_src_gen.pdbx_host_org_tissue_fraction      ? 
_entity_src_gen.pdbx_host_org_strain               ? 
_entity_src_gen.pdbx_host_org_variant              ? 
_entity_src_gen.pdbx_host_org_cell_line            ? 
_entity_src_gen.pdbx_host_org_atcc                 ? 
_entity_src_gen.pdbx_host_org_culture_collection   ? 
_entity_src_gen.pdbx_host_org_cell                 ? 
_entity_src_gen.pdbx_host_org_organelle            ? 
_entity_src_gen.pdbx_host_org_cellular_location    ? 
_entity_src_gen.pdbx_host_org_vector_type          ? 
_entity_src_gen.pdbx_host_org_vector               ? 
_entity_src_gen.host_org_details                   ? 
_entity_src_gen.expression_system_id               ? 
_entity_src_gen.plasmid_name                       ? 
_entity_src_gen.plasmid_details                    ? 
_entity_src_gen.pdbx_description                   ? 
# 
loop_
_chem_comp.id 
_chem_comp.type 
_chem_comp.mon_nstd_flag 
_chem_comp.name 
_chem_comp.pdbx_synonyms 
_chem_comp.formula 
_chem_comp.formula_weight 
ALA 'L-peptide linking' y ALANINE         ? 'C3 H7 N O2'     89.093  
ARG 'L-peptide linking' y ARGININE        ? 'C6 H15 N4 O2 1' 175.209 
ASN 'L-peptide linking' y ASPARAGINE      ? 'C4 H8 N2 O3'    132.118 
ASP 'L-peptide linking' y 'ASPARTIC ACID' ? 'C4 H7 N O4'     133.103 
GLN 'L-peptide linking' y GLUTAMINE       ? 'C5 H10 N2 O3'   146.144 
GLU 'L-peptide linking' y 'GLUTAMIC ACID' ? 'C5 H9 N O4'     147.129 
GLY 'peptide linking'   y GLYCINE         ? 'C2 H5 N O2'     75.067  
HIS 'L-peptide linking' y HISTIDINE       ? 'C6 H10 N3 O2 1' 156.162 
HOH non-polymer         . WATER           ? 'H2 O'           18.015  
ILE 'L-peptide linking' y ISOLEUCINE      ? 'C6 H13 N O2'    131.173 
LEU 'L-peptide linking' y LEUCINE         ? 'C6 H13 N O2'    131.173 
LYS 'L-peptide linking' y LYSINE          ? 'C6 H15 N2 O2 1' 147.195 
MET 'L-peptide linking' y METHIONINE      ? 'C5 H11 N O2 S'  149.211 
PHE 'L-peptide linking' y PHENYLALANINE   ? 'C9 H11 N O2'    165.189 
PRO 'L-peptide linking' y PROLINE         ? 'C5 H9 N O2'     115.130 
SER 'L-peptide linking' y SERINE          ? 'C3 H7 N O3'     105.093 
THR 'L-peptide linking' y THREONINE       ? 'C4 H9 N O3'     119.119 
TRP 'L-peptide linking' y TRYPTOPHAN      ? 'C11 H12 N2 O2'  204.225 
TYR 'L-peptide linking' y TYROSINE        ? 'C9 H11 N O3'    181.189 
VAL 'L-peptide linking' y VALINE          ? 'C5 H11 N O2'    117.146 
# 
loop_
_pdbx_poly_seq_scheme.asym_id 
_pdbx_poly_seq_scheme.entity_id 
_pdbx_poly_seq_scheme.seq_id 
_pdbx_poly_seq_scheme.mon_id 
_pdbx_poly_seq_scheme.ndb_seq_num 
_pdbx_poly_seq_scheme.pdb_seq_num 
_pdbx_poly_seq_scheme.auth_seq_num 
_pdbx_poly_seq_scheme.pdb_mon_id 
_pdbx_poly_seq_scheme.auth_mon_id 
_pdbx_poly_seq_scheme.pdb_strand_id 
_pdbx_poly_seq_scheme.pdb_ins_code 
_pdbx_poly_seq_scheme.hetero 
A 1 1  MET 1  -7 ?  ?   ?   A . n 
A 1 2  ALA 2  -6 ?  ?   ?   A . n 
A 1 3  HIS 3  -5 ?  ?   ?   A . n 
A 1 4  HIS 4  -4 ?  ?   ?   A . n 
A 1 5  HIS 5  -3 ?  ?   ?   A . n 
A 1 6  HIS 6  -2 ?  ?   ?   A . n 
A 1 7  HIS 7  -1 ?  ?   ?   A . n 
A 1 8  HIS 8  0  ?  ?   ?   A . n 
A 1 9  GLU 9  1  ?  ?   ?   A . n 
A 1 10 PHE 10 2  2  PHE PHE A . n 
A 1 11 MET 11 3  3  MET MET A . n 
A 1 12 GLU 12 4  4  GLU GLU A . n 
A 1 13 THR 13 5  5  THR THR A . n 
A 1 14 GLN 14 6  6  GLN GLN A . n 
A 1 15 LYS 15 7  7  LYS LYS A . n 
A 1 16 LEU 16 8  8  LEU LEU A . n 
A 1 17 ILE 17 9  9  ILE ILE A . n 
A 1 18 SER 18 10 10 SER SER A . n 
A 1 19 MET 19 11 11 MET MET A . n 
A 1 20 VAL 20 12 12 VAL VAL A . n 
A 1 21 LYS 21 13 13 LYS LYS A . n 
A 1 22 GLU 22 14 14 GLU GLU A . n 
A 1 23 ALA 23 15 15 ALA ALA A . n 
A 1 24 LEU 24 16 16 LEU LEU A . n 
A 1 25 GLU 25 17 17 GLU GLU A . n 
A 1 26 LYS 26 18 18 LYS LYS A . n 
A 1 27 TYR 27 19 19 TYR TYR A . n 
A 1 28 GLN 28 20 20 GLN GLN A . n 
A 1 29 TYR 29 21 21 TYR TYR A . n 
A 1 30 PRO 30 22 22 PRO PRO A . n 
A 1 31 LEU 31 23 23 LEU LEU A . n 
A 1 32 THR 32 24 24 THR THR A . n 
A 1 33 ALA 33 25 25 ALA ALA A . n 
A 1 34 LYS 34 26 26 LYS LYS A . n 
A 1 35 ASN 35 27 27 ASN ASN A . n 
A 1 36 ILE 36 28 28 ILE ILE A . n 
A 1 37 LYS 37 29 29 LYS LYS A . n 
A 1 38 VAL 38 30 30 VAL VAL A . n 
A 1 39 VAL 39 31 31 VAL VAL A . n 
A 1 40 ILE 40 32 32 ILE ILE A . n 
A 1 41 GLN 41 33 33 GLN GLN A . n 
A 1 42 LYS 42 34 34 LYS LYS A . n 
A 1 43 GLU 43 35 35 GLU GLU A . n 
A 1 44 HIS 44 36 36 HIS HIS A . n 
A 1 45 ASN 45 37 37 ASN ASN A . n 
A 1 46 VAL 46 38 38 VAL VAL A . n 
A 1 47 VAL 47 39 39 VAL VAL A . n 
A 1 48 LEU 48 40 40 LEU LEU A . n 
A 1 49 PRO 49 41 41 PRO PRO A . n 
A 1 50 THR 50 42 42 THR THR A . n 
A 1 51 GLY 51 43 43 GLY GLY A . n 
A 1 52 SER 52 44 44 SER SER A . n 
A 1 53 ILE 53 45 45 ILE ILE A . n 
A 1 54 ASN 54 46 46 ASN ASN A . n 
A 1 55 SER 55 47 47 SER SER A . n 
A 1 56 ILE 56 48 48 ILE ILE A . n 
A 1 57 LEU 57 49 49 LEU LEU A . n 
A 1 58 TYR 58 50 50 TYR TYR A . n 
A 1 59 SER 59 51 51 SER SER A . n 
A 1 60 ASN 60 52 52 ASN ASN A . n 
A 1 61 SER 61 53 53 SER SER A . n 
A 1 62 GLU 62 54 54 GLU GLU A . n 
A 1 63 LEU 63 55 55 LEU LEU A . n 
A 1 64 PHE 64 56 56 PHE PHE A . n 
A 1 65 GLU 65 57 57 GLU GLU A . n 
A 1 66 LYS 66 58 58 LYS LYS A . n 
A 1 67 ILE 67 59 59 ILE ILE A . n 
A 1 68 ASP 68 60 60 ASP ASP A . n 
A 1 69 LYS 69 61 61 LYS LYS A . n 
A 1 70 THR 70 62 62 THR THR A . n 
A 1 71 ASN 71 63 63 ASN ASN A . n 
A 1 72 THR 72 64 64 THR THR A . n 
A 1 73 ILE 73 65 65 ILE ILE A . n 
A 1 74 TYR 74 66 66 TYR TYR A . n 
A 1 75 PRO 75 67 67 PRO PRO A . n 
A 1 76 PRO 76 68 68 PRO PRO A . n 
A 1 77 LEU 77 69 69 LEU LEU A . n 
A 1 78 TRP 78 70 70 TRP TRP A . n 
A 1 79 ILE 79 71 71 ILE ILE A . n 
A 1 80 ARG 80 72 72 ARG ARG A . n 
A 1 81 LYS 81 73 73 LYS LYS A . n 
A 1 82 ASN 82 74 74 ASN ASN A . n 
B 1 1  MET 1  -7 ?  ?   ?   B . n 
B 1 2  ALA 2  -6 ?  ?   ?   B . n 
B 1 3  HIS 3  -5 ?  ?   ?   B . n 
B 1 4  HIS 4  -4 ?  ?   ?   B . n 
B 1 5  HIS 5  -3 ?  ?   ?   B . n 
B 1 6  HIS 6  -2 ?  ?   ?   B . n 
B 1 7  HIS 7  -1 ?  ?   ?   B . n 
B 1 8  HIS 8  0  ?  ?   ?   B . n 
B 1 9  GLU 9  1  1  GLU GLU B . n 
B 1 10 PHE 10 2  2  PHE PHE B . n 
B 1 11 MET 11 3  3  MET MET B . n 
B 1 12 GLU 12 4  4  GLU GLU B . n 
B 1 13 THR 13 5  5  THR THR B . n 
B 1 14 GLN 14 6  6  GLN GLN B . n 
B 1 15 LYS 15 7  7  LYS LYS B . n 
B 1 16 LEU 16 8  8  LEU LEU B . n 
B 1 17 ILE 17 9  9  ILE ILE B . n 
B 1 18 SER 18 10 10 SER SER B . n 
B 1 19 MET 19 11 11 MET MET B . n 
B 1 20 VAL 20 12 12 VAL VAL B . n 
B 1 21 LYS 21 13 13 LYS LYS B . n 
B 1 22 GLU 22 14 14 GLU GLU B . n 
B 1 23 ALA 23 15 15 ALA ALA B . n 
B 1 24 LEU 24 16 16 LEU LEU B . n 
B 1 25 GLU 25 17 17 GLU GLU B . n 
B 1 26 LYS 26 18 18 LYS LYS B . n 
B 1 27 TYR 27 19 19 TYR TYR B . n 
B 1 28 GLN 28 20 20 GLN GLN B . n 
B 1 29 TYR 29 21 21 TYR TYR B . n 
B 1 30 PRO 30 22 22 PRO PRO B . n 
B 1 31 LEU 31 23 23 LEU LEU B . n 
B 1 32 THR 32 24 24 THR THR B . n 
B 1 33 ALA 33 25 25 ALA ALA B . n 
B 1 34 LYS 34 26 26 LYS LYS B . n 
B 1 35 ASN 35 27 27 ASN ASN B . n 
B 1 36 ILE 36 28 28 ILE ILE B . n 
B 1 37 LYS 37 29 29 LYS LYS B . n 
B 1 38 VAL 38 30 30 VAL VAL B . n 
B 1 39 VAL 39 31 31 VAL VAL B . n 
B 1 40 ILE 40 32 32 ILE ILE B . n 
B 1 41 GLN 41 33 33 GLN GLN B . n 
B 1 42 LYS 42 34 34 LYS LYS B . n 
B 1 43 GLU 43 35 35 GLU GLU B . n 
B 1 44 HIS 44 36 36 HIS HIS B . n 
B 1 45 ASN 45 37 37 ASN ASN B . n 
B 1 46 VAL 46 38 38 VAL VAL B . n 
B 1 47 VAL 47 39 39 VAL VAL B . n 
B 1 48 LEU 48 40 40 LEU LEU B . n 
B 1 49 PRO 49 41 41 PRO PRO B . n 
B 1 50 THR 50 42 42 THR THR B . n 
B 1 51 GLY 51 43 43 GLY GLY B . n 
B 1 52 SER 52 44 44 SER SER B . n 
B 1 53 ILE 53 45 45 ILE ILE B . n 
B 1 54 ASN 54 46 46 ASN ASN B . n 
B 1 55 SER 55 47 47 SER SER B . n 
B 1 56 ILE 56 48 48 ILE ILE B . n 
B 1 57 LEU 57 49 49 LEU LEU B . n 
B 1 58 TYR 58 50 50 TYR TYR B . n 
B 1 59 SER 59 51 51 SER SER B . n 
B 1 60 ASN 60 52 52 ASN ASN B . n 
B 1 61 SER 61 53 53 SER SER B . n 
B 1 62 GLU 62 54 54 GLU GLU B . n 
B 1 63 LEU 63 55 55 LEU LEU B . n 
B 1 64 PHE 64 56 56 PHE PHE B . n 
B 1 65 GLU 65 57 57 GLU GLU B . n 
B 1 66 LYS 66 58 58 LYS LYS B . n 
B 1 67 ILE 67 59 59 ILE ILE B . n 
B 1 68 ASP 68 60 60 ASP ASP B . n 
B 1 69 LYS 69 61 61 LYS LYS B . n 
B 1 70 THR 70 62 62 THR THR B . n 
B 1 71 ASN 71 63 63 ASN ASN B . n 
B 1 72 THR 72 64 64 THR THR B . n 
B 1 73 ILE 73 65 65 ILE ILE B . n 
B 1 74 TYR 74 66 66 TYR TYR B . n 
B 1 75 PRO 75 67 67 PRO PRO B . n 
B 1 76 PRO 76 68 68 PRO PRO B . n 
B 1 77 LEU 77 69 69 LEU LEU B . n 
B 1 78 TRP 78 70 70 TRP TRP B . n 
B 1 79 ILE 79 71 71 ILE ILE B . n 
B 1 80 ARG 80 72 72 ARG ARG B . n 
B 1 81 LYS 81 73 73 LYS LYS B . n 
B 1 82 ASN 82 74 74 ASN ASN B . n 
# 
loop_
_pdbx_nonpoly_scheme.asym_id 
_pdbx_nonpoly_scheme.entity_id 
_pdbx_nonpoly_scheme.mon_id 
_pdbx_nonpoly_scheme.ndb_seq_num 
_pdbx_nonpoly_scheme.pdb_seq_num 
_pdbx_nonpoly_scheme.auth_seq_num 
_pdbx_nonpoly_scheme.pdb_mon_id 
_pdbx_nonpoly_scheme.auth_mon_id 
_pdbx_nonpoly_scheme.pdb_strand_id 
_pdbx_nonpoly_scheme.pdb_ins_code 
C 2 HOH 1  101 18 HOH HOH A . 
C 2 HOH 2  102 31 HOH HOH A . 
C 2 HOH 3  103 25 HOH HOH A . 
C 2 HOH 4  104 15 HOH HOH A . 
C 2 HOH 5  105 1  HOH HOH A . 
C 2 HOH 6  106 4  HOH HOH A . 
C 2 HOH 7  107 8  HOH HOH A . 
C 2 HOH 8  108 27 HOH HOH A . 
C 2 HOH 9  109 6  HOH HOH A . 
C 2 HOH 10 110 28 HOH HOH A . 
C 2 HOH 11 111 35 HOH HOH A . 
C 2 HOH 12 112 29 HOH HOH A . 
C 2 HOH 13 113 20 HOH HOH A . 
C 2 HOH 14 114 12 HOH HOH A . 
C 2 HOH 15 115 41 HOH HOH A . 
C 2 HOH 16 116 36 HOH HOH A . 
D 2 HOH 1  101 32 HOH HOH B . 
D 2 HOH 2  102 17 HOH HOH B . 
D 2 HOH 3  103 34 HOH HOH B . 
D 2 HOH 4  104 5  HOH HOH B . 
D 2 HOH 5  105 21 HOH HOH B . 
D 2 HOH 6  106 33 HOH HOH B . 
D 2 HOH 7  107 3  HOH HOH B . 
D 2 HOH 8  108 11 HOH HOH B . 
D 2 HOH 9  109 10 HOH HOH B . 
D 2 HOH 10 110 23 HOH HOH B . 
D 2 HOH 11 111 30 HOH HOH B . 
D 2 HOH 12 112 7  HOH HOH B . 
D 2 HOH 13 113 22 HOH HOH B . 
D 2 HOH 14 114 14 HOH HOH B . 
D 2 HOH 15 115 26 HOH HOH B . 
D 2 HOH 16 116 24 HOH HOH B . 
D 2 HOH 17 117 2  HOH HOH B . 
D 2 HOH 18 118 19 HOH HOH B . 
D 2 HOH 19 119 13 HOH HOH B . 
D 2 HOH 20 120 9  HOH HOH B . 
D 2 HOH 21 121 37 HOH HOH B . 
D 2 HOH 22 122 39 HOH HOH B . 
D 2 HOH 23 123 40 HOH HOH B . 
D 2 HOH 24 124 38 HOH HOH B . 
D 2 HOH 25 125 16 HOH HOH B . 
# 
loop_
_software.citation_id 
_software.classification 
_software.compiler_name 
_software.compiler_version 
_software.contact_author 
_software.contact_author_email 
_software.date 
_software.description 
_software.dependencies 
_software.hardware 
_software.language 
_software.location 
_software.mods 
_software.name 
_software.os 
_software.os_version 
_software.type 
_software.version 
_software.pdbx_ordinal 
? refinement        ? ? ? ? ? ? ? ? ? ? ? PHENIX      ? ? ? 1.19 1 
? 'data scaling'    ? ? ? ? ? ? ? ? ? ? ? HKL-2000    ? ? ? .    2 
? 'data extraction' ? ? ? ? ? ? ? ? ? ? ? PDB_EXTRACT ? ? ? 3.27 3 
? 'data reduction'  ? ? ? ? ? ? ? ? ? ? ? HKL-2000    ? ? ? .    4 
? phasing           ? ? ? ? ? ? ? ? ? ? ? AutoSol     ? ? ? .    5 
# 
_cell.angle_alpha                  90.000 
_cell.angle_alpha_esd              ? 
_cell.angle_beta                   90.000 
_cell.angle_beta_esd               ? 
_cell.angle_gamma                  120.000 
_cell.angle_gamma_esd              ? 
_cell.entry_id                     7VWV 
_cell.details                      ? 
_cell.formula_units_Z              ? 
_cell.length_a                     90.544 
_cell.length_a_esd                 ? 
_cell.length_b                     90.544 
_cell.length_b_esd                 ? 
_cell.length_c                     49.390 
_cell.length_c_esd                 ? 
_cell.volume                       ? 
_cell.volume_esd                   ? 
_cell.Z_PDB                        18 
_cell.reciprocal_angle_alpha       ? 
_cell.reciprocal_angle_beta        ? 
_cell.reciprocal_angle_gamma       ? 
_cell.reciprocal_angle_alpha_esd   ? 
_cell.reciprocal_angle_beta_esd    ? 
_cell.reciprocal_angle_gamma_esd   ? 
_cell.reciprocal_length_a          ? 
_cell.reciprocal_length_b          ? 
_cell.reciprocal_length_c          ? 
_cell.reciprocal_length_a_esd      ? 
_cell.reciprocal_length_b_esd      ? 
_cell.reciprocal_length_c_esd      ? 
_cell.pdbx_unique_axis             ? 
# 
_symmetry.entry_id                         7VWV 
_symmetry.cell_setting                     ? 
_symmetry.Int_Tables_number                146 
_symmetry.space_group_name_Hall            ? 
_symmetry.space_group_name_H-M             'H 3' 
_symmetry.pdbx_full_space_group_name_H-M   ? 
# 
_exptl.absorpt_coefficient_mu     ? 
_exptl.absorpt_correction_T_max   ? 
_exptl.absorpt_correction_T_min   ? 
_exptl.absorpt_correction_type    ? 
_exptl.absorpt_process_details    ? 
_exptl.entry_id                   7VWV 
_exptl.crystals_number            1 
_exptl.details                    ? 
_exptl.method                     'X-RAY DIFFRACTION' 
_exptl.method_details             ? 
# 
_exptl_crystal.colour                      ? 
_exptl_crystal.density_diffrn              ? 
_exptl_crystal.density_Matthews            2.01 
_exptl_crystal.density_method              ? 
_exptl_crystal.density_percent_sol         38.68 
_exptl_crystal.description                 ? 
_exptl_crystal.F_000                       ? 
_exptl_crystal.id                          1 
_exptl_crystal.preparation                 ? 
_exptl_crystal.size_max                    ? 
_exptl_crystal.size_mid                    ? 
_exptl_crystal.size_min                    ? 
_exptl_crystal.size_rad                    ? 
_exptl_crystal.colour_lustre               ? 
_exptl_crystal.colour_modifier             ? 
_exptl_crystal.colour_primary              ? 
_exptl_crystal.density_meas                ? 
_exptl_crystal.density_meas_esd            ? 
_exptl_crystal.density_meas_gt             ? 
_exptl_crystal.density_meas_lt             ? 
_exptl_crystal.density_meas_temp           ? 
_exptl_crystal.density_meas_temp_esd       ? 
_exptl_crystal.density_meas_temp_gt        ? 
_exptl_crystal.density_meas_temp_lt        ? 
_exptl_crystal.pdbx_crystal_image_url      ? 
_exptl_crystal.pdbx_crystal_image_format   ? 
_exptl_crystal.pdbx_mosaicity              ? 
_exptl_crystal.pdbx_mosaicity_esd          ? 
# 
_exptl_crystal_grow.apparatus       ? 
_exptl_crystal_grow.atmosphere      ? 
_exptl_crystal_grow.crystal_id      1 
_exptl_crystal_grow.details         ? 
_exptl_crystal_grow.method          'VAPOR DIFFUSION, SITTING DROP' 
_exptl_crystal_grow.method_ref      ? 
_exptl_crystal_grow.pH              ? 
_exptl_crystal_grow.pressure        ? 
_exptl_crystal_grow.pressure_esd    ? 
_exptl_crystal_grow.seeding         ? 
_exptl_crystal_grow.seeding_ref     ? 
_exptl_crystal_grow.temp            293 
_exptl_crystal_grow.temp_details    ? 
_exptl_crystal_grow.temp_esd        ? 
_exptl_crystal_grow.time            ? 
_exptl_crystal_grow.pdbx_details    '0.2M kalium chloratum, 16% PEG 3350' 
_exptl_crystal_grow.pdbx_pH_range   ? 
# 
_diffrn.ambient_environment              ? 
_diffrn.ambient_temp                     100 
_diffrn.ambient_temp_details             ? 
_diffrn.ambient_temp_esd                 ? 
_diffrn.crystal_id                       1 
_diffrn.crystal_support                  ? 
_diffrn.crystal_treatment                ? 
_diffrn.details                          ? 
_diffrn.id                               1 
_diffrn.ambient_pressure                 ? 
_diffrn.ambient_pressure_esd             ? 
_diffrn.ambient_pressure_gt              ? 
_diffrn.ambient_pressure_lt              ? 
_diffrn.ambient_temp_gt                  ? 
_diffrn.ambient_temp_lt                  ? 
_diffrn.pdbx_serial_crystal_experiment   N 
# 
_diffrn_detector.details                      ? 
_diffrn_detector.detector                     PIXEL 
_diffrn_detector.diffrn_id                    1 
_diffrn_detector.type                         'DECTRIS PILATUS3 6M' 
_diffrn_detector.area_resol_mean              ? 
_diffrn_detector.dtime                        ? 
_diffrn_detector.pdbx_frames_total            ? 
_diffrn_detector.pdbx_collection_time_total   ? 
_diffrn_detector.pdbx_collection_date         2021-09-25 
_diffrn_detector.pdbx_frequency               ? 
# 
_diffrn_radiation.collimation                      ? 
_diffrn_radiation.diffrn_id                        1 
_diffrn_radiation.filter_edge                      ? 
_diffrn_radiation.inhomogeneity                    ? 
_diffrn_radiation.monochromator                    ? 
_diffrn_radiation.polarisn_norm                    ? 
_diffrn_radiation.polarisn_ratio                   ? 
_diffrn_radiation.probe                            ? 
_diffrn_radiation.type                             ? 
_diffrn_radiation.xray_symbol                      ? 
_diffrn_radiation.wavelength_id                    1 
_diffrn_radiation.pdbx_monochromatic_or_laue_m_l   M 
_diffrn_radiation.pdbx_wavelength_list             ? 
_diffrn_radiation.pdbx_wavelength                  ? 
_diffrn_radiation.pdbx_diffrn_protocol             'SINGLE WAVELENGTH' 
_diffrn_radiation.pdbx_analyzer                    ? 
_diffrn_radiation.pdbx_scattering_type             x-ray 
# 
_diffrn_radiation_wavelength.id           1 
_diffrn_radiation_wavelength.wavelength   0.97915 
_diffrn_radiation_wavelength.wt           1.0 
# 
_diffrn_source.current                     ? 
_diffrn_source.details                     ? 
_diffrn_source.diffrn_id                   1 
_diffrn_source.power                       ? 
_diffrn_source.size                        ? 
_diffrn_source.source                      SYNCHROTRON 
_diffrn_source.target                      ? 
_diffrn_source.type                        'SSRF BEAMLINE BL18U1' 
_diffrn_source.voltage                     ? 
_diffrn_source.take-off_angle              ? 
_diffrn_source.pdbx_wavelength_list        0.97915 
_diffrn_source.pdbx_wavelength             ? 
_diffrn_source.pdbx_synchrotron_beamline   BL18U1 
_diffrn_source.pdbx_synchrotron_site       SSRF 
# 
_reflns.B_iso_Wilson_estimate                          34.340 
_reflns.entry_id                                       7VWV 
_reflns.data_reduction_details                         ? 
_reflns.data_reduction_method                          ? 
_reflns.d_resolution_high                              2.590 
_reflns.d_resolution_low                               50.000 
_reflns.details                                        ? 
_reflns.limit_h_max                                    ? 
_reflns.limit_h_min                                    ? 
_reflns.limit_k_max                                    ? 
_reflns.limit_k_min                                    ? 
_reflns.limit_l_max                                    ? 
_reflns.limit_l_min                                    ? 
_reflns.number_all                                     ? 
_reflns.number_obs                                     4600 
_reflns.observed_criterion                             ? 
_reflns.observed_criterion_F_max                       ? 
_reflns.observed_criterion_F_min                       ? 
_reflns.observed_criterion_I_max                       ? 
_reflns.observed_criterion_I_min                       ? 
_reflns.observed_criterion_sigma_F                     ? 
_reflns.observed_criterion_sigma_I                     ? 
_reflns.percent_possible_obs                           97.600 
_reflns.R_free_details                                 ? 
_reflns.Rmerge_F_all                                   ? 
_reflns.Rmerge_F_obs                                   ? 
_reflns.Friedel_coverage                               ? 
_reflns.number_gt                                      ? 
_reflns.threshold_expression                           ? 
_reflns.pdbx_redundancy                                9.500 
_reflns.pdbx_Rmerge_I_obs                              0.068 
_reflns.pdbx_Rmerge_I_all                              ? 
_reflns.pdbx_Rsym_value                                ? 
_reflns.pdbx_netI_over_av_sigmaI                       ? 
_reflns.pdbx_netI_over_sigmaI                          11.400 
_reflns.pdbx_res_netI_over_av_sigmaI_2                 ? 
_reflns.pdbx_res_netI_over_sigmaI_2                    ? 
_reflns.pdbx_chi_squared                               0.906 
_reflns.pdbx_scaling_rejects                           ? 
_reflns.pdbx_d_res_high_opt                            ? 
_reflns.pdbx_d_res_low_opt                             ? 
_reflns.pdbx_d_res_opt_method                          ? 
_reflns.phase_calculation_details                      ? 
_reflns.pdbx_Rrim_I_all                                0.071 
_reflns.pdbx_Rpim_I_all                                0.022 
_reflns.pdbx_d_opt                                     ? 
_reflns.pdbx_number_measured_all                       43712 
_reflns.pdbx_diffrn_id                                 1 
_reflns.pdbx_ordinal                                   1 
_reflns.pdbx_CC_half                                   ? 
_reflns.pdbx_CC_star                                   ? 
_reflns.pdbx_R_split                                   ? 
_reflns.pdbx_aniso_diffraction_limit_axis_1_ortho[1]   ? 
_reflns.pdbx_aniso_diffraction_limit_axis_1_ortho[2]   ? 
_reflns.pdbx_aniso_diffraction_limit_axis_1_ortho[3]   ? 
_reflns.pdbx_aniso_diffraction_limit_axis_2_ortho[1]   ? 
_reflns.pdbx_aniso_diffraction_limit_axis_2_ortho[2]   ? 
_reflns.pdbx_aniso_diffraction_limit_axis_2_ortho[3]   ? 
_reflns.pdbx_aniso_diffraction_limit_axis_3_ortho[1]   ? 
_reflns.pdbx_aniso_diffraction_limit_axis_3_ortho[2]   ? 
_reflns.pdbx_aniso_diffraction_limit_axis_3_ortho[3]   ? 
_reflns.pdbx_aniso_diffraction_limit_1                 ? 
_reflns.pdbx_aniso_diffraction_limit_2                 ? 
_reflns.pdbx_aniso_diffraction_limit_3                 ? 
_reflns.pdbx_aniso_B_tensor_eigenvector_1_ortho[1]     ? 
_reflns.pdbx_aniso_B_tensor_eigenvector_1_ortho[2]     ? 
_reflns.pdbx_aniso_B_tensor_eigenvector_1_ortho[3]     ? 
_reflns.pdbx_aniso_B_tensor_eigenvector_2_ortho[1]     ? 
_reflns.pdbx_aniso_B_tensor_eigenvector_2_ortho[2]     ? 
_reflns.pdbx_aniso_B_tensor_eigenvector_2_ortho[3]     ? 
_reflns.pdbx_aniso_B_tensor_eigenvector_3_ortho[1]     ? 
_reflns.pdbx_aniso_B_tensor_eigenvector_3_ortho[2]     ? 
_reflns.pdbx_aniso_B_tensor_eigenvector_3_ortho[3]     ? 
_reflns.pdbx_aniso_B_tensor_eigenvalue_1               ? 
_reflns.pdbx_aniso_B_tensor_eigenvalue_2               ? 
_reflns.pdbx_aniso_B_tensor_eigenvalue_3               ? 
_reflns.pdbx_orthogonalization_convention              ? 
_reflns.pdbx_percent_possible_ellipsoidal              ? 
_reflns.pdbx_percent_possible_spherical                ? 
_reflns.pdbx_percent_possible_ellipsoidal_anomalous    ? 
_reflns.pdbx_percent_possible_spherical_anomalous      ? 
_reflns.pdbx_redundancy_anomalous                      ? 
_reflns.pdbx_CC_half_anomalous                         ? 
_reflns.pdbx_absDiff_over_sigma_anomalous              ? 
_reflns.pdbx_percent_possible_anomalous                ? 
_reflns.pdbx_observed_signal_threshold                 ? 
_reflns.pdbx_signal_type                               ? 
_reflns.pdbx_signal_details                            ? 
_reflns.pdbx_signal_software_id                        ? 
# 
loop_
_reflns_shell.d_res_high 
_reflns_shell.d_res_low 
_reflns_shell.meanI_over_sigI_all 
_reflns_shell.meanI_over_sigI_obs 
_reflns_shell.number_measured_all 
_reflns_shell.number_measured_obs 
_reflns_shell.number_possible 
_reflns_shell.number_unique_all 
_reflns_shell.number_unique_obs 
_reflns_shell.percent_possible_all 
_reflns_shell.percent_possible_obs 
_reflns_shell.Rmerge_F_all 
_reflns_shell.Rmerge_F_obs 
_reflns_shell.Rmerge_I_all 
_reflns_shell.Rmerge_I_obs 
_reflns_shell.meanI_over_sigI_gt 
_reflns_shell.meanI_over_uI_all 
_reflns_shell.meanI_over_uI_gt 
_reflns_shell.number_measured_gt 
_reflns_shell.number_unique_gt 
_reflns_shell.percent_possible_gt 
_reflns_shell.Rmerge_F_gt 
_reflns_shell.Rmerge_I_gt 
_reflns_shell.pdbx_redundancy 
_reflns_shell.pdbx_Rsym_value 
_reflns_shell.pdbx_chi_squared 
_reflns_shell.pdbx_netI_over_sigmaI_all 
_reflns_shell.pdbx_netI_over_sigmaI_obs 
_reflns_shell.pdbx_Rrim_I_all 
_reflns_shell.pdbx_Rpim_I_all 
_reflns_shell.pdbx_rejects 
_reflns_shell.pdbx_ordinal 
_reflns_shell.pdbx_diffrn_id 
_reflns_shell.pdbx_CC_half 
_reflns_shell.pdbx_CC_star 
_reflns_shell.pdbx_R_split 
_reflns_shell.pdbx_percent_possible_ellipsoidal 
_reflns_shell.pdbx_percent_possible_spherical 
_reflns_shell.pdbx_percent_possible_ellipsoidal_anomalous 
_reflns_shell.pdbx_percent_possible_spherical_anomalous 
_reflns_shell.pdbx_redundancy_anomalous 
_reflns_shell.pdbx_CC_half_anomalous 
_reflns_shell.pdbx_absDiff_over_sigma_anomalous 
_reflns_shell.pdbx_percent_possible_anomalous 
2.590 2.630  ? ? ? ? ? ? 183 78.500  ? ? ? ? 0.166 ? ? ? ? ? ? ? ? 6.900  ? 1.100 ? ? 0.177 0.061 ? 1  1 0.974 ? ? ? ? ? ? ? ? ? ? 
2.630 2.680  ? ? ? ? ? ? 200 91.300  ? ? ? ? 0.173 ? ? ? ? ? ? ? ? 8.100  ? 1.036 ? ? 0.183 0.060 ? 2  1 0.977 ? ? ? ? ? ? ? ? ? ? 
2.680 2.730  ? ? ? ? ? ? 239 92.600  ? ? ? ? 0.158 ? ? ? ? ? ? ? ? 8.600  ? 1.171 ? ? 0.167 0.053 ? 3  1 0.989 ? ? ? ? ? ? ? ? ? ? 
2.730 2.790  ? ? ? ? ? ? 216 94.700  ? ? ? ? 0.155 ? ? ? ? ? ? ? ? 8.600  ? 1.062 ? ? 0.164 0.053 ? 4  1 0.982 ? ? ? ? ? ? ? ? ? ? 
2.790 2.850  ? ? ? ? ? ? 234 97.900  ? ? ? ? 0.131 ? ? ? ? ? ? ? ? 9.200  ? 1.061 ? ? 0.138 0.044 ? 5  1 0.991 ? ? ? ? ? ? ? ? ? ? 
2.850 2.910  ? ? ? ? ? ? 223 98.700  ? ? ? ? 0.132 ? ? ? ? ? ? ? ? 9.200  ? 1.065 ? ? 0.139 0.044 ? 6  1 0.993 ? ? ? ? ? ? ? ? ? ? 
2.910 2.980  ? ? ? ? ? ? 230 100.000 ? ? ? ? 0.122 ? ? ? ? ? ? ? ? 9.400  ? 1.118 ? ? 0.129 0.041 ? 7  1 0.993 ? ? ? ? ? ? ? ? ? ? 
2.980 3.070  ? ? ? ? ? ? 241 100.000 ? ? ? ? 0.107 ? ? ? ? ? ? ? ? 8.900  ? 1.039 ? ? 0.113 0.037 ? 8  1 0.992 ? ? ? ? ? ? ? ? ? ? 
3.070 3.160  ? ? ? ? ? ? 231 99.600  ? ? ? ? 0.098 ? ? ? ? ? ? ? ? 9.800  ? 1.035 ? ? 0.104 0.033 ? 9  1 0.995 ? ? ? ? ? ? ? ? ? ? 
3.160 3.260  ? ? ? ? ? ? 250 100.000 ? ? ? ? 0.092 ? ? ? ? ? ? ? ? 10.500 ? 0.997 ? ? 0.096 0.030 ? 10 1 0.993 ? ? ? ? ? ? ? ? ? ? 
3.260 3.370  ? ? ? ? ? ? 222 100.000 ? ? ? ? 0.084 ? ? ? ? ? ? ? ? 10.200 ? 1.038 ? ? 0.088 0.027 ? 11 1 0.996 ? ? ? ? ? ? ? ? ? ? 
3.370 3.510  ? ? ? ? ? ? 235 100.000 ? ? ? ? 0.078 ? ? ? ? ? ? ? ? 10.100 ? 0.933 ? ? 0.082 0.025 ? 12 1 0.997 ? ? ? ? ? ? ? ? ? ? 
3.510 3.670  ? ? ? ? ? ? 245 100.000 ? ? ? ? 0.072 ? ? ? ? ? ? ? ? 9.900  ? 0.823 ? ? 0.076 0.024 ? 13 1 0.998 ? ? ? ? ? ? ? ? ? ? 
3.670 3.860  ? ? ? ? ? ? 233 98.700  ? ? ? ? 0.074 ? ? ? ? ? ? ? ? 9.200  ? 0.876 ? ? 0.078 0.025 ? 14 1 0.996 ? ? ? ? ? ? ? ? ? ? 
3.860 4.100  ? ? ? ? ? ? 236 100.000 ? ? ? ? 0.067 ? ? ? ? ? ? ? ? 10.400 ? 0.783 ? ? 0.070 0.022 ? 15 1 0.997 ? ? ? ? ? ? ? ? ? ? 
4.100 4.420  ? ? ? ? ? ? 237 100.000 ? ? ? ? 0.063 ? ? ? ? ? ? ? ? 10.400 ? 0.662 ? ? 0.066 0.021 ? 16 1 0.998 ? ? ? ? ? ? ? ? ? ? 
4.420 4.860  ? ? ? ? ? ? 231 100.000 ? ? ? ? 0.065 ? ? ? ? ? ? ? ? 9.900  ? 0.712 ? ? 0.068 0.021 ? 17 1 0.997 ? ? ? ? ? ? ? ? ? ? 
4.860 5.570  ? ? ? ? ? ? 246 100.000 ? ? ? ? 0.056 ? ? ? ? ? ? ? ? 10.100 ? 0.591 ? ? 0.059 0.019 ? 18 1 0.996 ? ? ? ? ? ? ? ? ? ? 
5.570 7.010  ? ? ? ? ? ? 234 100.000 ? ? ? ? 0.056 ? ? ? ? ? ? ? ? 10.200 ? 0.598 ? ? 0.059 0.018 ? 19 1 0.997 ? ? ? ? ? ? ? ? ? ? 
7.010 50.000 ? ? ? ? ? ? 234 100.000 ? ? ? ? 0.060 ? ? ? ? ? ? ? ? 9.600  ? 0.721 ? ? 0.063 0.020 ? 20 1 0.998 ? ? ? ? ? ? ? ? ? ? 
# 
_refine.aniso_B[1][1]                            0.0900 
_refine.aniso_B[1][2]                            0.0400 
_refine.aniso_B[1][3]                            0.0000 
_refine.aniso_B[2][2]                            0.0900 
_refine.aniso_B[2][3]                            0.0000 
_refine.aniso_B[3][3]                            -0.2900 
_refine.B_iso_max                                112.970 
_refine.B_iso_mean                               39.4470 
_refine.B_iso_min                                8.330 
_refine.correlation_coeff_Fo_to_Fc               0.9410 
_refine.correlation_coeff_Fo_to_Fc_free          0.8970 
_refine.details                                  
'HYDROGENS HAVE BEEN ADDED IN THE RIDING POSITIONS U VALUES      : REFINED INDIVIDUALLY' 
_refine.diff_density_max                         ? 
_refine.diff_density_max_esd                     ? 
_refine.diff_density_min                         ? 
_refine.diff_density_min_esd                     ? 
_refine.diff_density_rms                         ? 
_refine.diff_density_rms_esd                     ? 
_refine.entry_id                                 7VWV 
_refine.pdbx_refine_id                           'X-RAY DIFFRACTION' 
_refine.ls_abs_structure_details                 ? 
_refine.ls_abs_structure_Flack                   ? 
_refine.ls_abs_structure_Flack_esd               ? 
_refine.ls_abs_structure_Rogers                  ? 
_refine.ls_abs_structure_Rogers_esd              ? 
_refine.ls_d_res_high                            2.5900 
_refine.ls_d_res_low                             26.1500 
_refine.ls_extinction_coef                       ? 
_refine.ls_extinction_coef_esd                   ? 
_refine.ls_extinction_expression                 ? 
_refine.ls_extinction_method                     ? 
_refine.ls_goodness_of_fit_all                   ? 
_refine.ls_goodness_of_fit_all_esd               ? 
_refine.ls_goodness_of_fit_obs                   ? 
_refine.ls_goodness_of_fit_obs_esd               ? 
_refine.ls_hydrogen_treatment                    ? 
_refine.ls_matrix_type                           ? 
_refine.ls_number_constraints                    ? 
_refine.ls_number_parameters                     ? 
_refine.ls_number_reflns_all                     ? 
_refine.ls_number_reflns_obs                     4315 
_refine.ls_number_reflns_R_free                  234 
_refine.ls_number_reflns_R_work                  ? 
_refine.ls_number_restraints                     ? 
_refine.ls_percent_reflns_obs                    96.6600 
_refine.ls_percent_reflns_R_free                 5.1000 
_refine.ls_R_factor_all                          ? 
_refine.ls_R_factor_obs                          0.1908 
_refine.ls_R_factor_R_free                       0.2604 
_refine.ls_R_factor_R_free_error                 ? 
_refine.ls_R_factor_R_free_error_details         ? 
_refine.ls_R_factor_R_work                       0.1869 
_refine.ls_R_Fsqd_factor_obs                     ? 
_refine.ls_R_I_factor_obs                        ? 
_refine.ls_redundancy_reflns_all                 ? 
_refine.ls_redundancy_reflns_obs                 ? 
_refine.ls_restrained_S_all                      ? 
_refine.ls_restrained_S_obs                      ? 
_refine.ls_shift_over_esd_max                    ? 
_refine.ls_shift_over_esd_mean                   ? 
_refine.ls_structure_factor_coef                 ? 
_refine.ls_weighting_details                     ? 
_refine.ls_weighting_scheme                      ? 
_refine.ls_wR_factor_all                         ? 
_refine.ls_wR_factor_obs                         ? 
_refine.ls_wR_factor_R_free                      ? 
_refine.ls_wR_factor_R_work                      ? 
_refine.occupancy_max                            ? 
_refine.occupancy_min                            ? 
_refine.solvent_model_details                    MASK 
_refine.solvent_model_param_bsol                 ? 
_refine.solvent_model_param_ksol                 ? 
_refine.pdbx_R_complete                          ? 
_refine.ls_R_factor_gt                           ? 
_refine.ls_goodness_of_fit_gt                    ? 
_refine.ls_goodness_of_fit_ref                   ? 
_refine.ls_shift_over_su_max                     ? 
_refine.ls_shift_over_su_max_lt                  ? 
_refine.ls_shift_over_su_mean                    ? 
_refine.ls_shift_over_su_mean_lt                 ? 
_refine.pdbx_ls_sigma_I                          ? 
_refine.pdbx_ls_sigma_F                          0.000 
_refine.pdbx_ls_sigma_Fsqd                       ? 
_refine.pdbx_data_cutoff_high_absF               ? 
_refine.pdbx_data_cutoff_high_rms_absF           ? 
_refine.pdbx_data_cutoff_low_absF                ? 
_refine.pdbx_isotropic_thermal_model             ? 
_refine.pdbx_ls_cross_valid_method               THROUGHOUT 
_refine.pdbx_method_to_determine_struct          SAD 
_refine.pdbx_starting_model                      ? 
_refine.pdbx_stereochemistry_target_values       'MAXIMUM LIKELIHOOD' 
_refine.pdbx_R_Free_selection_details            RANDOM 
_refine.pdbx_stereochem_target_val_spec_case     ? 
_refine.pdbx_overall_ESU_R                       ? 
_refine.pdbx_overall_ESU_R_Free                  0.3740 
_refine.pdbx_solvent_vdw_probe_radii             1.2000 
_refine.pdbx_solvent_ion_probe_radii             0.8000 
_refine.pdbx_solvent_shrinkage_radii             0.8000 
_refine.pdbx_real_space_R                        ? 
_refine.pdbx_density_correlation                 ? 
_refine.pdbx_pd_number_of_powder_patterns        ? 
_refine.pdbx_pd_number_of_points                 ? 
_refine.pdbx_pd_meas_number_of_points            ? 
_refine.pdbx_pd_proc_ls_prof_R_factor            ? 
_refine.pdbx_pd_proc_ls_prof_wR_factor           ? 
_refine.pdbx_pd_Marquardt_correlation_coeff      ? 
_refine.pdbx_pd_Fsqrd_R_factor                   ? 
_refine.pdbx_pd_ls_matrix_band_width             ? 
_refine.pdbx_overall_phase_error                 ? 
_refine.pdbx_overall_SU_R_free_Cruickshank_DPI   ? 
_refine.pdbx_overall_SU_R_free_Blow_DPI          ? 
_refine.pdbx_overall_SU_R_Blow_DPI               ? 
_refine.pdbx_TLS_residual_ADP_flag               ? 
_refine.pdbx_diffrn_id                           1 
_refine.overall_SU_B                             12.6130 
_refine.overall_SU_ML                            0.2700 
_refine.overall_SU_R_Cruickshank_DPI             ? 
_refine.overall_SU_R_free                        ? 
_refine.overall_FOM_free_R_set                   ? 
_refine.overall_FOM_work_R_set                   ? 
_refine.pdbx_average_fsc_overall                 ? 
_refine.pdbx_average_fsc_work                    ? 
_refine.pdbx_average_fsc_free                    ? 
# 
_refine_hist.pdbx_refine_id                   'X-RAY DIFFRACTION' 
_refine_hist.cycle_id                         final 
_refine_hist.details                          ? 
_refine_hist.d_res_high                       2.5900 
_refine_hist.d_res_low                        26.1500 
_refine_hist.number_atoms_solvent             41 
_refine_hist.number_atoms_total               1252 
_refine_hist.number_reflns_all                ? 
_refine_hist.number_reflns_obs                ? 
_refine_hist.number_reflns_R_free             ? 
_refine_hist.number_reflns_R_work             ? 
_refine_hist.R_factor_all                     ? 
_refine_hist.R_factor_obs                     ? 
_refine_hist.R_factor_R_free                  ? 
_refine_hist.R_factor_R_work                  ? 
_refine_hist.pdbx_number_residues_total       147 
_refine_hist.pdbx_B_iso_mean_ligand           ? 
_refine_hist.pdbx_B_iso_mean_solvent          31.26 
_refine_hist.pdbx_number_atoms_protein        1211 
_refine_hist.pdbx_number_atoms_nucleic_acid   0 
_refine_hist.pdbx_number_atoms_ligand         0 
_refine_hist.pdbx_number_atoms_lipid          ? 
_refine_hist.pdbx_number_atoms_carb           ? 
_refine_hist.pdbx_pseudo_atom_details         ? 
# 
_refine_ls_shell.pdbx_refine_id                   'X-RAY DIFFRACTION' 
_refine_ls_shell.d_res_high                       2.5900 
_refine_ls_shell.d_res_low                        2.6550 
_refine_ls_shell.number_reflns_all                ? 
_refine_ls_shell.number_reflns_obs                ? 
_refine_ls_shell.number_reflns_R_free             19 
_refine_ls_shell.number_reflns_R_work             242 
_refine_ls_shell.percent_reflns_obs               76.9900 
_refine_ls_shell.percent_reflns_R_free            ? 
_refine_ls_shell.R_factor_all                     ? 
_refine_ls_shell.R_factor_obs                     ? 
_refine_ls_shell.R_factor_R_free                  0.3560 
_refine_ls_shell.R_factor_R_free_error            0.0000 
_refine_ls_shell.R_factor_R_work                  0.2440 
_refine_ls_shell.redundancy_reflns_all            ? 
_refine_ls_shell.redundancy_reflns_obs            ? 
_refine_ls_shell.wR_factor_all                    ? 
_refine_ls_shell.wR_factor_obs                    ? 
_refine_ls_shell.wR_factor_R_free                 ? 
_refine_ls_shell.wR_factor_R_work                 ? 
_refine_ls_shell.pdbx_R_complete                  ? 
_refine_ls_shell.pdbx_total_number_of_bins_used   ? 
_refine_ls_shell.pdbx_phase_error                 ? 
_refine_ls_shell.pdbx_fsc_work                    ? 
_refine_ls_shell.pdbx_fsc_free                    ? 
# 
_struct.entry_id                     7VWV 
_struct.title                        'The crystal structure of African swine fever virus I73R' 
_struct.pdbx_model_details           ? 
_struct.pdbx_formula_weight          ? 
_struct.pdbx_formula_weight_method   ? 
_struct.pdbx_model_type_details      ? 
_struct.pdbx_CASP_flag               N 
# 
_struct_keywords.entry_id        7VWV 
_struct_keywords.text            'ASFV, I73R, VIRAL PROTEIN' 
_struct_keywords.pdbx_keywords   'VIRAL PROTEIN' 
# 
loop_
_struct_asym.id 
_struct_asym.pdbx_blank_PDB_chainid_flag 
_struct_asym.pdbx_modified 
_struct_asym.entity_id 
_struct_asym.details 
A N N 1 ? 
B N N 1 ? 
C N N 2 ? 
D N N 2 ? 
# 
_struct_ref.id                         1 
_struct_ref.db_name                    UNP 
_struct_ref.db_code                    A0A2X0RU36_ASF 
_struct_ref.pdbx_db_accession          A0A2X0RU36 
_struct_ref.pdbx_db_isoform            ? 
_struct_ref.entity_id                  1 
_struct_ref.pdbx_seq_one_letter_code   METQKLISMVKEALEKYQYPLTAKNIKVVIQKEHNVVLPTGSINSILYSNSELFEKIDKTNTIYPPLWIRKN 
_struct_ref.pdbx_align_begin           1 
# 
loop_
_struct_ref_seq.align_id 
_struct_ref_seq.ref_id 
_struct_ref_seq.pdbx_PDB_id_code 
_struct_ref_seq.pdbx_strand_id 
_struct_ref_seq.seq_align_beg 
_struct_ref_seq.pdbx_seq_align_beg_ins_code 
_struct_ref_seq.seq_align_end 
_struct_ref_seq.pdbx_seq_align_end_ins_code 
_struct_ref_seq.pdbx_db_accession 
_struct_ref_seq.db_align_beg 
_struct_ref_seq.pdbx_db_align_beg_ins_code 
_struct_ref_seq.db_align_end 
_struct_ref_seq.pdbx_db_align_end_ins_code 
_struct_ref_seq.pdbx_auth_seq_align_beg 
_struct_ref_seq.pdbx_auth_seq_align_end 
1 1 7VWV A 11 ? 82 ? A0A2X0RU36 1 ? 72 ? 3 74 
2 1 7VWV B 11 ? 82 ? A0A2X0RU36 1 ? 72 ? 3 74 
# 
loop_
_struct_ref_seq_dif.align_id 
_struct_ref_seq_dif.pdbx_pdb_id_code 
_struct_ref_seq_dif.mon_id 
_struct_ref_seq_dif.pdbx_pdb_strand_id 
_struct_ref_seq_dif.seq_num 
_struct_ref_seq_dif.pdbx_pdb_ins_code 
_struct_ref_seq_dif.pdbx_seq_db_name 
_struct_ref_seq_dif.pdbx_seq_db_accession_code 
_struct_ref_seq_dif.db_mon_id 
_struct_ref_seq_dif.pdbx_seq_db_seq_num 
_struct_ref_seq_dif.details 
_struct_ref_seq_dif.pdbx_auth_seq_num 
_struct_ref_seq_dif.pdbx_ordinal 
1 7VWV MET A 1  ? UNP A0A2X0RU36 ? ? 'initiating methionine' -7 1  
1 7VWV ALA A 2  ? UNP A0A2X0RU36 ? ? 'expression tag'        -6 2  
1 7VWV HIS A 3  ? UNP A0A2X0RU36 ? ? 'expression tag'        -5 3  
1 7VWV HIS A 4  ? UNP A0A2X0RU36 ? ? 'expression tag'        -4 4  
1 7VWV HIS A 5  ? UNP A0A2X0RU36 ? ? 'expression tag'        -3 5  
1 7VWV HIS A 6  ? UNP A0A2X0RU36 ? ? 'expression tag'        -2 6  
1 7VWV HIS A 7  ? UNP A0A2X0RU36 ? ? 'expression tag'        -1 7  
1 7VWV HIS A 8  ? UNP A0A2X0RU36 ? ? 'expression tag'        0  8  
1 7VWV GLU A 9  ? UNP A0A2X0RU36 ? ? 'expression tag'        1  9  
1 7VWV PHE A 10 ? UNP A0A2X0RU36 ? ? 'expression tag'        2  10 
2 7VWV MET B 1  ? UNP A0A2X0RU36 ? ? 'initiating methionine' -7 11 
2 7VWV ALA B 2  ? UNP A0A2X0RU36 ? ? 'expression tag'        -6 12 
2 7VWV HIS B 3  ? UNP A0A2X0RU36 ? ? 'expression tag'        -5 13 
2 7VWV HIS B 4  ? UNP A0A2X0RU36 ? ? 'expression tag'        -4 14 
2 7VWV HIS B 5  ? UNP A0A2X0RU36 ? ? 'expression tag'        -3 15 
2 7VWV HIS B 6  ? UNP A0A2X0RU36 ? ? 'expression tag'        -2 16 
2 7VWV HIS B 7  ? UNP A0A2X0RU36 ? ? 'expression tag'        -1 17 
2 7VWV HIS B 8  ? UNP A0A2X0RU36 ? ? 'expression tag'        0  18 
2 7VWV GLU B 9  ? UNP A0A2X0RU36 ? ? 'expression tag'        1  19 
2 7VWV PHE B 10 ? UNP A0A2X0RU36 ? ? 'expression tag'        2  20 
# 
loop_
_pdbx_struct_assembly.id 
_pdbx_struct_assembly.details 
_pdbx_struct_assembly.method_details 
_pdbx_struct_assembly.oligomeric_details 
_pdbx_struct_assembly.oligomeric_count 
1 author_defined_assembly ? monomeric 1 
2 author_defined_assembly ? monomeric 1 
# 
loop_
_pdbx_struct_assembly_gen.assembly_id 
_pdbx_struct_assembly_gen.oper_expression 
_pdbx_struct_assembly_gen.asym_id_list 
1 1 A,C 
2 1 B,D 
# 
_pdbx_struct_assembly_auth_evidence.id                     1 
_pdbx_struct_assembly_auth_evidence.assembly_id            1 
_pdbx_struct_assembly_auth_evidence.experimental_support   'gel filtration' 
_pdbx_struct_assembly_auth_evidence.details                ? 
# 
_pdbx_struct_oper_list.id                   1 
_pdbx_struct_oper_list.type                 'identity operation' 
_pdbx_struct_oper_list.name                 1_555 
_pdbx_struct_oper_list.symmetry_operation   x,y,z 
_pdbx_struct_oper_list.matrix[1][1]         1.0000000000 
_pdbx_struct_oper_list.matrix[1][2]         0.0000000000 
_pdbx_struct_oper_list.matrix[1][3]         0.0000000000 
_pdbx_struct_oper_list.vector[1]            0.0000000000 
_pdbx_struct_oper_list.matrix[2][1]         0.0000000000 
_pdbx_struct_oper_list.matrix[2][2]         1.0000000000 
_pdbx_struct_oper_list.matrix[2][3]         0.0000000000 
_pdbx_struct_oper_list.vector[2]            0.0000000000 
_pdbx_struct_oper_list.matrix[3][1]         0.0000000000 
_pdbx_struct_oper_list.matrix[3][2]         0.0000000000 
_pdbx_struct_oper_list.matrix[3][3]         1.0000000000 
_pdbx_struct_oper_list.vector[3]            0.0000000000 
# 
loop_
_struct_conf.conf_type_id 
_struct_conf.id 
_struct_conf.pdbx_PDB_helix_id 
_struct_conf.beg_label_comp_id 
_struct_conf.beg_label_asym_id 
_struct_conf.beg_label_seq_id 
_struct_conf.pdbx_beg_PDB_ins_code 
_struct_conf.end_label_comp_id 
_struct_conf.end_label_asym_id 
_struct_conf.end_label_seq_id 
_struct_conf.pdbx_end_PDB_ins_code 
_struct_conf.beg_auth_comp_id 
_struct_conf.beg_auth_asym_id 
_struct_conf.beg_auth_seq_id 
_struct_conf.end_auth_comp_id 
_struct_conf.end_auth_asym_id 
_struct_conf.end_auth_seq_id 
_struct_conf.pdbx_PDB_helix_class 
_struct_conf.details 
_struct_conf.pdbx_PDB_helix_length 
HELX_P HELX_P1 AA1 GLU A 12 ? TYR A 27 ? GLU A 4  TYR A 19 1 ? 16 
HELX_P HELX_P2 AA2 THR A 32 ? GLU A 43 ? THR A 24 GLU A 35 1 ? 12 
HELX_P HELX_P3 AA3 HIS A 44 ? VAL A 46 ? HIS A 36 VAL A 38 5 ? 3  
HELX_P HELX_P4 AA4 THR A 50 ? ASN A 60 ? THR A 42 ASN A 52 1 ? 11 
HELX_P HELX_P5 AA5 MET B 11 ? TYR B 27 ? MET B 3  TYR B 19 1 ? 17 
HELX_P HELX_P6 AA6 THR B 32 ? ASN B 45 ? THR B 24 ASN B 37 1 ? 14 
HELX_P HELX_P7 AA7 PRO B 49 ? ASN B 60 ? PRO B 41 ASN B 52 1 ? 12 
# 
_struct_conf_type.id          HELX_P 
_struct_conf_type.criteria    ? 
_struct_conf_type.reference   ? 
# 
loop_
_struct_mon_prot_cis.pdbx_id 
_struct_mon_prot_cis.label_comp_id 
_struct_mon_prot_cis.label_seq_id 
_struct_mon_prot_cis.label_asym_id 
_struct_mon_prot_cis.label_alt_id 
_struct_mon_prot_cis.pdbx_PDB_ins_code 
_struct_mon_prot_cis.auth_comp_id 
_struct_mon_prot_cis.auth_seq_id 
_struct_mon_prot_cis.auth_asym_id 
_struct_mon_prot_cis.pdbx_label_comp_id_2 
_struct_mon_prot_cis.pdbx_label_seq_id_2 
_struct_mon_prot_cis.pdbx_label_asym_id_2 
_struct_mon_prot_cis.pdbx_PDB_ins_code_2 
_struct_mon_prot_cis.pdbx_auth_comp_id_2 
_struct_mon_prot_cis.pdbx_auth_seq_id_2 
_struct_mon_prot_cis.pdbx_auth_asym_id_2 
_struct_mon_prot_cis.pdbx_PDB_model_num 
_struct_mon_prot_cis.pdbx_omega_angle 
1 TYR 74 A . ? TYR 66 A PRO 75 A ? PRO 67 A 1 -0.22  
2 TYR 74 B . ? TYR 66 B PRO 75 B ? PRO 67 B 1 -11.84 
# 
loop_
_struct_sheet.id 
_struct_sheet.type 
_struct_sheet.number_strands 
_struct_sheet.details 
AA1 ? 2 ? 
AA2 ? 2 ? 
# 
loop_
_struct_sheet_order.sheet_id 
_struct_sheet_order.range_id_1 
_struct_sheet_order.range_id_2 
_struct_sheet_order.offset 
_struct_sheet_order.sense 
AA1 1 2 ? anti-parallel 
AA2 1 2 ? anti-parallel 
# 
loop_
_struct_sheet_range.sheet_id 
_struct_sheet_range.id 
_struct_sheet_range.beg_label_comp_id 
_struct_sheet_range.beg_label_asym_id 
_struct_sheet_range.beg_label_seq_id 
_struct_sheet_range.pdbx_beg_PDB_ins_code 
_struct_sheet_range.end_label_comp_id 
_struct_sheet_range.end_label_asym_id 
_struct_sheet_range.end_label_seq_id 
_struct_sheet_range.pdbx_end_PDB_ins_code 
_struct_sheet_range.beg_auth_comp_id 
_struct_sheet_range.beg_auth_asym_id 
_struct_sheet_range.beg_auth_seq_id 
_struct_sheet_range.end_auth_comp_id 
_struct_sheet_range.end_auth_asym_id 
_struct_sheet_range.end_auth_seq_id 
AA1 1 PHE A 64 ? LYS A 66 ? PHE A 56 LYS A 58 
AA1 2 TRP A 78 ? ARG A 80 ? TRP A 70 ARG A 72 
AA2 1 PHE B 64 ? LYS B 66 ? PHE B 56 LYS B 58 
AA2 2 TRP B 78 ? ARG B 80 ? TRP B 70 ARG B 72 
# 
loop_
_pdbx_struct_sheet_hbond.sheet_id 
_pdbx_struct_sheet_hbond.range_id_1 
_pdbx_struct_sheet_hbond.range_id_2 
_pdbx_struct_sheet_hbond.range_1_label_atom_id 
_pdbx_struct_sheet_hbond.range_1_label_comp_id 
_pdbx_struct_sheet_hbond.range_1_label_asym_id 
_pdbx_struct_sheet_hbond.range_1_label_seq_id 
_pdbx_struct_sheet_hbond.range_1_PDB_ins_code 
_pdbx_struct_sheet_hbond.range_1_auth_atom_id 
_pdbx_struct_sheet_hbond.range_1_auth_comp_id 
_pdbx_struct_sheet_hbond.range_1_auth_asym_id 
_pdbx_struct_sheet_hbond.range_1_auth_seq_id 
_pdbx_struct_sheet_hbond.range_2_label_atom_id 
_pdbx_struct_sheet_hbond.range_2_label_comp_id 
_pdbx_struct_sheet_hbond.range_2_label_asym_id 
_pdbx_struct_sheet_hbond.range_2_label_seq_id 
_pdbx_struct_sheet_hbond.range_2_PDB_ins_code 
_pdbx_struct_sheet_hbond.range_2_auth_atom_id 
_pdbx_struct_sheet_hbond.range_2_auth_comp_id 
_pdbx_struct_sheet_hbond.range_2_auth_asym_id 
_pdbx_struct_sheet_hbond.range_2_auth_seq_id 
AA1 1 2 N GLU A 65 ? N GLU A 57 O ILE A 79 ? O ILE A 71 
AA2 1 2 N GLU B 65 ? N GLU B 57 O ILE B 79 ? O ILE B 71 
# 
loop_
_pdbx_validate_close_contact.id 
_pdbx_validate_close_contact.PDB_model_num 
_pdbx_validate_close_contact.auth_atom_id_1 
_pdbx_validate_close_contact.auth_asym_id_1 
_pdbx_validate_close_contact.auth_comp_id_1 
_pdbx_validate_close_contact.auth_seq_id_1 
_pdbx_validate_close_contact.PDB_ins_code_1 
_pdbx_validate_close_contact.label_alt_id_1 
_pdbx_validate_close_contact.auth_atom_id_2 
_pdbx_validate_close_contact.auth_asym_id_2 
_pdbx_validate_close_contact.auth_comp_id_2 
_pdbx_validate_close_contact.auth_seq_id_2 
_pdbx_validate_close_contact.PDB_ins_code_2 
_pdbx_validate_close_contact.label_alt_id_2 
_pdbx_validate_close_contact.dist 
1 1 O A LEU 8 ? ? O A MET 11  ? ? 2.08 
2 1 O B PHE 2 ? ? O B HOH 101 ? ? 2.19 
# 
_pdbx_validate_symm_contact.id                1 
_pdbx_validate_symm_contact.PDB_model_num     1 
_pdbx_validate_symm_contact.auth_atom_id_1    O 
_pdbx_validate_symm_contact.auth_asym_id_1    B 
_pdbx_validate_symm_contact.auth_comp_id_1    HOH 
_pdbx_validate_symm_contact.auth_seq_id_1     124 
_pdbx_validate_symm_contact.PDB_ins_code_1    ? 
_pdbx_validate_symm_contact.label_alt_id_1    ? 
_pdbx_validate_symm_contact.site_symmetry_1   1_555 
_pdbx_validate_symm_contact.auth_atom_id_2    O 
_pdbx_validate_symm_contact.auth_asym_id_2    B 
_pdbx_validate_symm_contact.auth_comp_id_2    HOH 
_pdbx_validate_symm_contact.auth_seq_id_2     124 
_pdbx_validate_symm_contact.PDB_ins_code_2    ? 
_pdbx_validate_symm_contact.label_alt_id_2    ? 
_pdbx_validate_symm_contact.site_symmetry_2   2_555 
_pdbx_validate_symm_contact.dist              2.05 
# 
loop_
_pdbx_validate_torsion.id 
_pdbx_validate_torsion.PDB_model_num 
_pdbx_validate_torsion.auth_comp_id 
_pdbx_validate_torsion.auth_asym_id 
_pdbx_validate_torsion.auth_seq_id 
_pdbx_validate_torsion.PDB_ins_code 
_pdbx_validate_torsion.label_alt_id 
_pdbx_validate_torsion.phi 
_pdbx_validate_torsion.psi 
1 1 MET A 3  ? ? 52.43  -131.71 
2 1 VAL A 12 ? ? 89.38  -66.08  
3 1 HIS A 36 ? ? 37.72  18.50   
4 1 ASN A 37 ? ? 21.38  51.80   
5 1 THR A 42 ? ? 118.64 -40.00  
6 1 MET B 3  ? ? 105.02 -50.17  
7 1 GLN B 20 ? ? -78.96 43.53   
# 
loop_
_pdbx_unobs_or_zero_occ_residues.id 
_pdbx_unobs_or_zero_occ_residues.PDB_model_num 
_pdbx_unobs_or_zero_occ_residues.polymer_flag 
_pdbx_unobs_or_zero_occ_residues.occupancy_flag 
_pdbx_unobs_or_zero_occ_residues.auth_asym_id 
_pdbx_unobs_or_zero_occ_residues.auth_comp_id 
_pdbx_unobs_or_zero_occ_residues.auth_seq_id 
_pdbx_unobs_or_zero_occ_residues.PDB_ins_code 
_pdbx_unobs_or_zero_occ_residues.label_asym_id 
_pdbx_unobs_or_zero_occ_residues.label_comp_id 
_pdbx_unobs_or_zero_occ_residues.label_seq_id 
1  1 Y 1 A MET -7 ? A MET 1 
2  1 Y 1 A ALA -6 ? A ALA 2 
3  1 Y 1 A HIS -5 ? A HIS 3 
4  1 Y 1 A HIS -4 ? A HIS 4 
5  1 Y 1 A HIS -3 ? A HIS 5 
6  1 Y 1 A HIS -2 ? A HIS 6 
7  1 Y 1 A HIS -1 ? A HIS 7 
8  1 Y 1 A HIS 0  ? A HIS 8 
9  1 Y 1 A GLU 1  ? A GLU 9 
10 1 Y 1 B MET -7 ? B MET 1 
11 1 Y 1 B ALA -6 ? B ALA 2 
12 1 Y 1 B HIS -5 ? B HIS 3 
13 1 Y 1 B HIS -4 ? B HIS 4 
14 1 Y 1 B HIS -3 ? B HIS 5 
15 1 Y 1 B HIS -2 ? B HIS 6 
16 1 Y 1 B HIS -1 ? B HIS 7 
17 1 Y 1 B HIS 0  ? B HIS 8 
# 
loop_
_chem_comp_atom.comp_id 
_chem_comp_atom.atom_id 
_chem_comp_atom.type_symbol 
_chem_comp_atom.pdbx_aromatic_flag 
_chem_comp_atom.pdbx_stereo_config 
_chem_comp_atom.pdbx_ordinal 
ALA N    N N N 1   
ALA CA   C N S 2   
ALA C    C N N 3   
ALA O    O N N 4   
ALA CB   C N N 5   
ALA OXT  O N N 6   
ALA H    H N N 7   
ALA H2   H N N 8   
ALA HA   H N N 9   
ALA HB1  H N N 10  
ALA HB2  H N N 11  
ALA HB3  H N N 12  
ALA HXT  H N N 13  
ARG N    N N N 14  
ARG CA   C N S 15  
ARG C    C N N 16  
ARG O    O N N 17  
ARG CB   C N N 18  
ARG CG   C N N 19  
ARG CD   C N N 20  
ARG NE   N N N 21  
ARG CZ   C N N 22  
ARG NH1  N N N 23  
ARG NH2  N N N 24  
ARG OXT  O N N 25  
ARG H    H N N 26  
ARG H2   H N N 27  
ARG HA   H N N 28  
ARG HB2  H N N 29  
ARG HB3  H N N 30  
ARG HG2  H N N 31  
ARG HG3  H N N 32  
ARG HD2  H N N 33  
ARG HD3  H N N 34  
ARG HE   H N N 35  
ARG HH11 H N N 36  
ARG HH12 H N N 37  
ARG HH21 H N N 38  
ARG HH22 H N N 39  
ARG HXT  H N N 40  
ASN N    N N N 41  
ASN CA   C N S 42  
ASN C    C N N 43  
ASN O    O N N 44  
ASN CB   C N N 45  
ASN CG   C N N 46  
ASN OD1  O N N 47  
ASN ND2  N N N 48  
ASN OXT  O N N 49  
ASN H    H N N 50  
ASN H2   H N N 51  
ASN HA   H N N 52  
ASN HB2  H N N 53  
ASN HB3  H N N 54  
ASN HD21 H N N 55  
ASN HD22 H N N 56  
ASN HXT  H N N 57  
ASP N    N N N 58  
ASP CA   C N S 59  
ASP C    C N N 60  
ASP O    O N N 61  
ASP CB   C N N 62  
ASP CG   C N N 63  
ASP OD1  O N N 64  
ASP OD2  O N N 65  
ASP OXT  O N N 66  
ASP H    H N N 67  
ASP H2   H N N 68  
ASP HA   H N N 69  
ASP HB2  H N N 70  
ASP HB3  H N N 71  
ASP HD2  H N N 72  
ASP HXT  H N N 73  
GLN N    N N N 74  
GLN CA   C N S 75  
GLN C    C N N 76  
GLN O    O N N 77  
GLN CB   C N N 78  
GLN CG   C N N 79  
GLN CD   C N N 80  
GLN OE1  O N N 81  
GLN NE2  N N N 82  
GLN OXT  O N N 83  
GLN H    H N N 84  
GLN H2   H N N 85  
GLN HA   H N N 86  
GLN HB2  H N N 87  
GLN HB3  H N N 88  
GLN HG2  H N N 89  
GLN HG3  H N N 90  
GLN HE21 H N N 91  
GLN HE22 H N N 92  
GLN HXT  H N N 93  
GLU N    N N N 94  
GLU CA   C N S 95  
GLU C    C N N 96  
GLU O    O N N 97  
GLU CB   C N N 98  
GLU CG   C N N 99  
GLU CD   C N N 100 
GLU OE1  O N N 101 
GLU OE2  O N N 102 
GLU OXT  O N N 103 
GLU H    H N N 104 
GLU H2   H N N 105 
GLU HA   H N N 106 
GLU HB2  H N N 107 
GLU HB3  H N N 108 
GLU HG2  H N N 109 
GLU HG3  H N N 110 
GLU HE2  H N N 111 
GLU HXT  H N N 112 
GLY N    N N N 113 
GLY CA   C N N 114 
GLY C    C N N 115 
GLY O    O N N 116 
GLY OXT  O N N 117 
GLY H    H N N 118 
GLY H2   H N N 119 
GLY HA2  H N N 120 
GLY HA3  H N N 121 
GLY HXT  H N N 122 
HIS N    N N N 123 
HIS CA   C N S 124 
HIS C    C N N 125 
HIS O    O N N 126 
HIS CB   C N N 127 
HIS CG   C Y N 128 
HIS ND1  N Y N 129 
HIS CD2  C Y N 130 
HIS CE1  C Y N 131 
HIS NE2  N Y N 132 
HIS OXT  O N N 133 
HIS H    H N N 134 
HIS H2   H N N 135 
HIS HA   H N N 136 
HIS HB2  H N N 137 
HIS HB3  H N N 138 
HIS HD1  H N N 139 
HIS HD2  H N N 140 
HIS HE1  H N N 141 
HIS HE2  H N N 142 
HIS HXT  H N N 143 
HOH O    O N N 144 
HOH H1   H N N 145 
HOH H2   H N N 146 
ILE N    N N N 147 
ILE CA   C N S 148 
ILE C    C N N 149 
ILE O    O N N 150 
ILE CB   C N S 151 
ILE CG1  C N N 152 
ILE CG2  C N N 153 
ILE CD1  C N N 154 
ILE OXT  O N N 155 
ILE H    H N N 156 
ILE H2   H N N 157 
ILE HA   H N N 158 
ILE HB   H N N 159 
ILE HG12 H N N 160 
ILE HG13 H N N 161 
ILE HG21 H N N 162 
ILE HG22 H N N 163 
ILE HG23 H N N 164 
ILE HD11 H N N 165 
ILE HD12 H N N 166 
ILE HD13 H N N 167 
ILE HXT  H N N 168 
LEU N    N N N 169 
LEU CA   C N S 170 
LEU C    C N N 171 
LEU O    O N N 172 
LEU CB   C N N 173 
LEU CG   C N N 174 
LEU CD1  C N N 175 
LEU CD2  C N N 176 
LEU OXT  O N N 177 
LEU H    H N N 178 
LEU H2   H N N 179 
LEU HA   H N N 180 
LEU HB2  H N N 181 
LEU HB3  H N N 182 
LEU HG   H N N 183 
LEU HD11 H N N 184 
LEU HD12 H N N 185 
LEU HD13 H N N 186 
LEU HD21 H N N 187 
LEU HD22 H N N 188 
LEU HD23 H N N 189 
LEU HXT  H N N 190 
LYS N    N N N 191 
LYS CA   C N S 192 
LYS C    C N N 193 
LYS O    O N N 194 
LYS CB   C N N 195 
LYS CG   C N N 196 
LYS CD   C N N 197 
LYS CE   C N N 198 
LYS NZ   N N N 199 
LYS OXT  O N N 200 
LYS H    H N N 201 
LYS H2   H N N 202 
LYS HA   H N N 203 
LYS HB2  H N N 204 
LYS HB3  H N N 205 
LYS HG2  H N N 206 
LYS HG3  H N N 207 
LYS HD2  H N N 208 
LYS HD3  H N N 209 
LYS HE2  H N N 210 
LYS HE3  H N N 211 
LYS HZ1  H N N 212 
LYS HZ2  H N N 213 
LYS HZ3  H N N 214 
LYS HXT  H N N 215 
MET N    N N N 216 
MET CA   C N S 217 
MET C    C N N 218 
MET O    O N N 219 
MET CB   C N N 220 
MET CG   C N N 221 
MET SD   S N N 222 
MET CE   C N N 223 
MET OXT  O N N 224 
MET H    H N N 225 
MET H2   H N N 226 
MET HA   H N N 227 
MET HB2  H N N 228 
MET HB3  H N N 229 
MET HG2  H N N 230 
MET HG3  H N N 231 
MET HE1  H N N 232 
MET HE2  H N N 233 
MET HE3  H N N 234 
MET HXT  H N N 235 
PHE N    N N N 236 
PHE CA   C N S 237 
PHE C    C N N 238 
PHE O    O N N 239 
PHE CB   C N N 240 
PHE CG   C Y N 241 
PHE CD1  C Y N 242 
PHE CD2  C Y N 243 
PHE CE1  C Y N 244 
PHE CE2  C Y N 245 
PHE CZ   C Y N 246 
PHE OXT  O N N 247 
PHE H    H N N 248 
PHE H2   H N N 249 
PHE HA   H N N 250 
PHE HB2  H N N 251 
PHE HB3  H N N 252 
PHE HD1  H N N 253 
PHE HD2  H N N 254 
PHE HE1  H N N 255 
PHE HE2  H N N 256 
PHE HZ   H N N 257 
PHE HXT  H N N 258 
PRO N    N N N 259 
PRO CA   C N S 260 
PRO C    C N N 261 
PRO O    O N N 262 
PRO CB   C N N 263 
PRO CG   C N N 264 
PRO CD   C N N 265 
PRO OXT  O N N 266 
PRO H    H N N 267 
PRO HA   H N N 268 
PRO HB2  H N N 269 
PRO HB3  H N N 270 
PRO HG2  H N N 271 
PRO HG3  H N N 272 
PRO HD2  H N N 273 
PRO HD3  H N N 274 
PRO HXT  H N N 275 
SER N    N N N 276 
SER CA   C N S 277 
SER C    C N N 278 
SER O    O N N 279 
SER CB   C N N 280 
SER OG   O N N 281 
SER OXT  O N N 282 
SER H    H N N 283 
SER H2   H N N 284 
SER HA   H N N 285 
SER HB2  H N N 286 
SER HB3  H N N 287 
SER HG   H N N 288 
SER HXT  H N N 289 
THR N    N N N 290 
THR CA   C N S 291 
THR C    C N N 292 
THR O    O N N 293 
THR CB   C N R 294 
THR OG1  O N N 295 
THR CG2  C N N 296 
THR OXT  O N N 297 
THR H    H N N 298 
THR H2   H N N 299 
THR HA   H N N 300 
THR HB   H N N 301 
THR HG1  H N N 302 
THR HG21 H N N 303 
THR HG22 H N N 304 
THR HG23 H N N 305 
THR HXT  H N N 306 
TRP N    N N N 307 
TRP CA   C N S 308 
TRP C    C N N 309 
TRP O    O N N 310 
TRP CB   C N N 311 
TRP CG   C Y N 312 
TRP CD1  C Y N 313 
TRP CD2  C Y N 314 
TRP NE1  N Y N 315 
TRP CE2  C Y N 316 
TRP CE3  C Y N 317 
TRP CZ2  C Y N 318 
TRP CZ3  C Y N 319 
TRP CH2  C Y N 320 
TRP OXT  O N N 321 
TRP H    H N N 322 
TRP H2   H N N 323 
TRP HA   H N N 324 
TRP HB2  H N N 325 
TRP HB3  H N N 326 
TRP HD1  H N N 327 
TRP HE1  H N N 328 
TRP HE3  H N N 329 
TRP HZ2  H N N 330 
TRP HZ3  H N N 331 
TRP HH2  H N N 332 
TRP HXT  H N N 333 
TYR N    N N N 334 
TYR CA   C N S 335 
TYR C    C N N 336 
TYR O    O N N 337 
TYR CB   C N N 338 
TYR CG   C Y N 339 
TYR CD1  C Y N 340 
TYR CD2  C Y N 341 
TYR CE1  C Y N 342 
TYR CE2  C Y N 343 
TYR CZ   C Y N 344 
TYR OH   O N N 345 
TYR OXT  O N N 346 
TYR H    H N N 347 
TYR H2   H N N 348 
TYR HA   H N N 349 
TYR HB2  H N N 350 
TYR HB3  H N N 351 
TYR HD1  H N N 352 
TYR HD2  H N N 353 
TYR HE1  H N N 354 
TYR HE2  H N N 355 
TYR HH   H N N 356 
TYR HXT  H N N 357 
VAL N    N N N 358 
VAL CA   C N S 359 
VAL C    C N N 360 
VAL O    O N N 361 
VAL CB   C N N 362 
VAL CG1  C N N 363 
VAL CG2  C N N 364 
VAL OXT  O N N 365 
VAL H    H N N 366 
VAL H2   H N N 367 
VAL HA   H N N 368 
VAL HB   H N N 369 
VAL HG11 H N N 370 
VAL HG12 H N N 371 
VAL HG13 H N N 372 
VAL HG21 H N N 373 
VAL HG22 H N N 374 
VAL HG23 H N N 375 
VAL HXT  H N N 376 
# 
loop_
_chem_comp_bond.comp_id 
_chem_comp_bond.atom_id_1 
_chem_comp_bond.atom_id_2 
_chem_comp_bond.value_order 
_chem_comp_bond.pdbx_aromatic_flag 
_chem_comp_bond.pdbx_stereo_config 
_chem_comp_bond.pdbx_ordinal 
ALA N   CA   sing N N 1   
ALA N   H    sing N N 2   
ALA N   H2   sing N N 3   
ALA CA  C    sing N N 4   
ALA CA  CB   sing N N 5   
ALA CA  HA   sing N N 6   
ALA C   O    doub N N 7   
ALA C   OXT  sing N N 8   
ALA CB  HB1  sing N N 9   
ALA CB  HB2  sing N N 10  
ALA CB  HB3  sing N N 11  
ALA OXT HXT  sing N N 12  
ARG N   CA   sing N N 13  
ARG N   H    sing N N 14  
ARG N   H2   sing N N 15  
ARG CA  C    sing N N 16  
ARG CA  CB   sing N N 17  
ARG CA  HA   sing N N 18  
ARG C   O    doub N N 19  
ARG C   OXT  sing N N 20  
ARG CB  CG   sing N N 21  
ARG CB  HB2  sing N N 22  
ARG CB  HB3  sing N N 23  
ARG CG  CD   sing N N 24  
ARG CG  HG2  sing N N 25  
ARG CG  HG3  sing N N 26  
ARG CD  NE   sing N N 27  
ARG CD  HD2  sing N N 28  
ARG CD  HD3  sing N N 29  
ARG NE  CZ   sing N N 30  
ARG NE  HE   sing N N 31  
ARG CZ  NH1  sing N N 32  
ARG CZ  NH2  doub N N 33  
ARG NH1 HH11 sing N N 34  
ARG NH1 HH12 sing N N 35  
ARG NH2 HH21 sing N N 36  
ARG NH2 HH22 sing N N 37  
ARG OXT HXT  sing N N 38  
ASN N   CA   sing N N 39  
ASN N   H    sing N N 40  
ASN N   H2   sing N N 41  
ASN CA  C    sing N N 42  
ASN CA  CB   sing N N 43  
ASN CA  HA   sing N N 44  
ASN C   O    doub N N 45  
ASN C   OXT  sing N N 46  
ASN CB  CG   sing N N 47  
ASN CB  HB2  sing N N 48  
ASN CB  HB3  sing N N 49  
ASN CG  OD1  doub N N 50  
ASN CG  ND2  sing N N 51  
ASN ND2 HD21 sing N N 52  
ASN ND2 HD22 sing N N 53  
ASN OXT HXT  sing N N 54  
ASP N   CA   sing N N 55  
ASP N   H    sing N N 56  
ASP N   H2   sing N N 57  
ASP CA  C    sing N N 58  
ASP CA  CB   sing N N 59  
ASP CA  HA   sing N N 60  
ASP C   O    doub N N 61  
ASP C   OXT  sing N N 62  
ASP CB  CG   sing N N 63  
ASP CB  HB2  sing N N 64  
ASP CB  HB3  sing N N 65  
ASP CG  OD1  doub N N 66  
ASP CG  OD2  sing N N 67  
ASP OD2 HD2  sing N N 68  
ASP OXT HXT  sing N N 69  
GLN N   CA   sing N N 70  
GLN N   H    sing N N 71  
GLN N   H2   sing N N 72  
GLN CA  C    sing N N 73  
GLN CA  CB   sing N N 74  
GLN CA  HA   sing N N 75  
GLN C   O    doub N N 76  
GLN C   OXT  sing N N 77  
GLN CB  CG   sing N N 78  
GLN CB  HB2  sing N N 79  
GLN CB  HB3  sing N N 80  
GLN CG  CD   sing N N 81  
GLN CG  HG2  sing N N 82  
GLN CG  HG3  sing N N 83  
GLN CD  OE1  doub N N 84  
GLN CD  NE2  sing N N 85  
GLN NE2 HE21 sing N N 86  
GLN NE2 HE22 sing N N 87  
GLN OXT HXT  sing N N 88  
GLU N   CA   sing N N 89  
GLU N   H    sing N N 90  
GLU N   H2   sing N N 91  
GLU CA  C    sing N N 92  
GLU CA  CB   sing N N 93  
GLU CA  HA   sing N N 94  
GLU C   O    doub N N 95  
GLU C   OXT  sing N N 96  
GLU CB  CG   sing N N 97  
GLU CB  HB2  sing N N 98  
GLU CB  HB3  sing N N 99  
GLU CG  CD   sing N N 100 
GLU CG  HG2  sing N N 101 
GLU CG  HG3  sing N N 102 
GLU CD  OE1  doub N N 103 
GLU CD  OE2  sing N N 104 
GLU OE2 HE2  sing N N 105 
GLU OXT HXT  sing N N 106 
GLY N   CA   sing N N 107 
GLY N   H    sing N N 108 
GLY N   H2   sing N N 109 
GLY CA  C    sing N N 110 
GLY CA  HA2  sing N N 111 
GLY CA  HA3  sing N N 112 
GLY C   O    doub N N 113 
GLY C   OXT  sing N N 114 
GLY OXT HXT  sing N N 115 
HIS N   CA   sing N N 116 
HIS N   H    sing N N 117 
HIS N   H2   sing N N 118 
HIS CA  C    sing N N 119 
HIS CA  CB   sing N N 120 
HIS CA  HA   sing N N 121 
HIS C   O    doub N N 122 
HIS C   OXT  sing N N 123 
HIS CB  CG   sing N N 124 
HIS CB  HB2  sing N N 125 
HIS CB  HB3  sing N N 126 
HIS CG  ND1  sing Y N 127 
HIS CG  CD2  doub Y N 128 
HIS ND1 CE1  doub Y N 129 
HIS ND1 HD1  sing N N 130 
HIS CD2 NE2  sing Y N 131 
HIS CD2 HD2  sing N N 132 
HIS CE1 NE2  sing Y N 133 
HIS CE1 HE1  sing N N 134 
HIS NE2 HE2  sing N N 135 
HIS OXT HXT  sing N N 136 
HOH O   H1   sing N N 137 
HOH O   H2   sing N N 138 
ILE N   CA   sing N N 139 
ILE N   H    sing N N 140 
ILE N   H2   sing N N 141 
ILE CA  C    sing N N 142 
ILE CA  CB   sing N N 143 
ILE CA  HA   sing N N 144 
ILE C   O    doub N N 145 
ILE C   OXT  sing N N 146 
ILE CB  CG1  sing N N 147 
ILE CB  CG2  sing N N 148 
ILE CB  HB   sing N N 149 
ILE CG1 CD1  sing N N 150 
ILE CG1 HG12 sing N N 151 
ILE CG1 HG13 sing N N 152 
ILE CG2 HG21 sing N N 153 
ILE CG2 HG22 sing N N 154 
ILE CG2 HG23 sing N N 155 
ILE CD1 HD11 sing N N 156 
ILE CD1 HD12 sing N N 157 
ILE CD1 HD13 sing N N 158 
ILE OXT HXT  sing N N 159 
LEU N   CA   sing N N 160 
LEU N   H    sing N N 161 
LEU N   H2   sing N N 162 
LEU CA  C    sing N N 163 
LEU CA  CB   sing N N 164 
LEU CA  HA   sing N N 165 
LEU C   O    doub N N 166 
LEU C   OXT  sing N N 167 
LEU CB  CG   sing N N 168 
LEU CB  HB2  sing N N 169 
LEU CB  HB3  sing N N 170 
LEU CG  CD1  sing N N 171 
LEU CG  CD2  sing N N 172 
LEU CG  HG   sing N N 173 
LEU CD1 HD11 sing N N 174 
LEU CD1 HD12 sing N N 175 
LEU CD1 HD13 sing N N 176 
LEU CD2 HD21 sing N N 177 
LEU CD2 HD22 sing N N 178 
LEU CD2 HD23 sing N N 179 
LEU OXT HXT  sing N N 180 
LYS N   CA   sing N N 181 
LYS N   H    sing N N 182 
LYS N   H2   sing N N 183 
LYS CA  C    sing N N 184 
LYS CA  CB   sing N N 185 
LYS CA  HA   sing N N 186 
LYS C   O    doub N N 187 
LYS C   OXT  sing N N 188 
LYS CB  CG   sing N N 189 
LYS CB  HB2  sing N N 190 
LYS CB  HB3  sing N N 191 
LYS CG  CD   sing N N 192 
LYS CG  HG2  sing N N 193 
LYS CG  HG3  sing N N 194 
LYS CD  CE   sing N N 195 
LYS CD  HD2  sing N N 196 
LYS CD  HD3  sing N N 197 
LYS CE  NZ   sing N N 198 
LYS CE  HE2  sing N N 199 
LYS CE  HE3  sing N N 200 
LYS NZ  HZ1  sing N N 201 
LYS NZ  HZ2  sing N N 202 
LYS NZ  HZ3  sing N N 203 
LYS OXT HXT  sing N N 204 
MET N   CA   sing N N 205 
MET N   H    sing N N 206 
MET N   H2   sing N N 207 
MET CA  C    sing N N 208 
MET CA  CB   sing N N 209 
MET CA  HA   sing N N 210 
MET C   O    doub N N 211 
MET C   OXT  sing N N 212 
MET CB  CG   sing N N 213 
MET CB  HB2  sing N N 214 
MET CB  HB3  sing N N 215 
MET CG  SD   sing N N 216 
MET CG  HG2  sing N N 217 
MET CG  HG3  sing N N 218 
MET SD  CE   sing N N 219 
MET CE  HE1  sing N N 220 
MET CE  HE2  sing N N 221 
MET CE  HE3  sing N N 222 
MET OXT HXT  sing N N 223 
PHE N   CA   sing N N 224 
PHE N   H    sing N N 225 
PHE N   H2   sing N N 226 
PHE CA  C    sing N N 227 
PHE CA  CB   sing N N 228 
PHE CA  HA   sing N N 229 
PHE C   O    doub N N 230 
PHE C   OXT  sing N N 231 
PHE CB  CG   sing N N 232 
PHE CB  HB2  sing N N 233 
PHE CB  HB3  sing N N 234 
PHE CG  CD1  doub Y N 235 
PHE CG  CD2  sing Y N 236 
PHE CD1 CE1  sing Y N 237 
PHE CD1 HD1  sing N N 238 
PHE CD2 CE2  doub Y N 239 
PHE CD2 HD2  sing N N 240 
PHE CE1 CZ   doub Y N 241 
PHE CE1 HE1  sing N N 242 
PHE CE2 CZ   sing Y N 243 
PHE CE2 HE2  sing N N 244 
PHE CZ  HZ   sing N N 245 
PHE OXT HXT  sing N N 246 
PRO N   CA   sing N N 247 
PRO N   CD   sing N N 248 
PRO N   H    sing N N 249 
PRO CA  C    sing N N 250 
PRO CA  CB   sing N N 251 
PRO CA  HA   sing N N 252 
PRO C   O    doub N N 253 
PRO C   OXT  sing N N 254 
PRO CB  CG   sing N N 255 
PRO CB  HB2  sing N N 256 
PRO CB  HB3  sing N N 257 
PRO CG  CD   sing N N 258 
PRO CG  HG2  sing N N 259 
PRO CG  HG3  sing N N 260 
PRO CD  HD2  sing N N 261 
PRO CD  HD3  sing N N 262 
PRO OXT HXT  sing N N 263 
SER N   CA   sing N N 264 
SER N   H    sing N N 265 
SER N   H2   sing N N 266 
SER CA  C    sing N N 267 
SER CA  CB   sing N N 268 
SER CA  HA   sing N N 269 
SER C   O    doub N N 270 
SER C   OXT  sing N N 271 
SER CB  OG   sing N N 272 
SER CB  HB2  sing N N 273 
SER CB  HB3  sing N N 274 
SER OG  HG   sing N N 275 
SER OXT HXT  sing N N 276 
THR N   CA   sing N N 277 
THR N   H    sing N N 278 
THR N   H2   sing N N 279 
THR CA  C    sing N N 280 
THR CA  CB   sing N N 281 
THR CA  HA   sing N N 282 
THR C   O    doub N N 283 
THR C   OXT  sing N N 284 
THR CB  OG1  sing N N 285 
THR CB  CG2  sing N N 286 
THR CB  HB   sing N N 287 
THR OG1 HG1  sing N N 288 
THR CG2 HG21 sing N N 289 
THR CG2 HG22 sing N N 290 
THR CG2 HG23 sing N N 291 
THR OXT HXT  sing N N 292 
TRP N   CA   sing N N 293 
TRP N   H    sing N N 294 
TRP N   H2   sing N N 295 
TRP CA  C    sing N N 296 
TRP CA  CB   sing N N 297 
TRP CA  HA   sing N N 298 
TRP C   O    doub N N 299 
TRP C   OXT  sing N N 300 
TRP CB  CG   sing N N 301 
TRP CB  HB2  sing N N 302 
TRP CB  HB3  sing N N 303 
TRP CG  CD1  doub Y N 304 
TRP CG  CD2  sing Y N 305 
TRP CD1 NE1  sing Y N 306 
TRP CD1 HD1  sing N N 307 
TRP CD2 CE2  doub Y N 308 
TRP CD2 CE3  sing Y N 309 
TRP NE1 CE2  sing Y N 310 
TRP NE1 HE1  sing N N 311 
TRP CE2 CZ2  sing Y N 312 
TRP CE3 CZ3  doub Y N 313 
TRP CE3 HE3  sing N N 314 
TRP CZ2 CH2  doub Y N 315 
TRP CZ2 HZ2  sing N N 316 
TRP CZ3 CH2  sing Y N 317 
TRP CZ3 HZ3  sing N N 318 
TRP CH2 HH2  sing N N 319 
TRP OXT HXT  sing N N 320 
TYR N   CA   sing N N 321 
TYR N   H    sing N N 322 
TYR N   H2   sing N N 323 
TYR CA  C    sing N N 324 
TYR CA  CB   sing N N 325 
TYR CA  HA   sing N N 326 
TYR C   O    doub N N 327 
TYR C   OXT  sing N N 328 
TYR CB  CG   sing N N 329 
TYR CB  HB2  sing N N 330 
TYR CB  HB3  sing N N 331 
TYR CG  CD1  doub Y N 332 
TYR CG  CD2  sing Y N 333 
TYR CD1 CE1  sing Y N 334 
TYR CD1 HD1  sing N N 335 
TYR CD2 CE2  doub Y N 336 
TYR CD2 HD2  sing N N 337 
TYR CE1 CZ   doub Y N 338 
TYR CE1 HE1  sing N N 339 
TYR CE2 CZ   sing Y N 340 
TYR CE2 HE2  sing N N 341 
TYR CZ  OH   sing N N 342 
TYR OH  HH   sing N N 343 
TYR OXT HXT  sing N N 344 
VAL N   CA   sing N N 345 
VAL N   H    sing N N 346 
VAL N   H2   sing N N 347 
VAL CA  C    sing N N 348 
VAL CA  CB   sing N N 349 
VAL CA  HA   sing N N 350 
VAL C   O    doub N N 351 
VAL C   OXT  sing N N 352 
VAL CB  CG1  sing N N 353 
VAL CB  CG2  sing N N 354 
VAL CB  HB   sing N N 355 
VAL CG1 HG11 sing N N 356 
VAL CG1 HG12 sing N N 357 
VAL CG1 HG13 sing N N 358 
VAL CG2 HG21 sing N N 359 
VAL CG2 HG22 sing N N 360 
VAL CG2 HG23 sing N N 361 
VAL OXT HXT  sing N N 362 
# 
_pdbx_audit_support.funding_organization   'National Natural Science Foundation of China (NSFC)' 
_pdbx_audit_support.country                China 
_pdbx_audit_support.grant_number           32102652 
_pdbx_audit_support.ordinal                1 
# 
_atom_sites.entry_id                    7VWV 
_atom_sites.Cartn_transf_matrix[1][1]   ? 
_atom_sites.Cartn_transf_matrix[1][2]   ? 
_atom_sites.Cartn_transf_matrix[1][3]   ? 
_atom_sites.Cartn_transf_matrix[2][1]   ? 
_atom_sites.Cartn_transf_matrix[2][2]   ? 
_atom_sites.Cartn_transf_matrix[2][3]   ? 
_atom_sites.Cartn_transf_matrix[3][1]   ? 
_atom_sites.Cartn_transf_matrix[3][2]   ? 
_atom_sites.Cartn_transf_matrix[3][3]   ? 
_atom_sites.Cartn_transf_vector[1]      ? 
_atom_sites.Cartn_transf_vector[2]      ? 
_atom_sites.Cartn_transf_vector[3]      ? 
_atom_sites.fract_transf_matrix[1][1]   0.00586414 
_atom_sites.fract_transf_matrix[1][2]   0.01032809 
_atom_sites.fract_transf_matrix[1][3]   -0.00464391 
_atom_sites.fract_transf_matrix[2][1]   0.01262453 
_atom_sites.fract_transf_matrix[2][2]   0.00127834 
_atom_sites.fract_transf_matrix[2][3]   0.00127515 
_atom_sites.fract_transf_matrix[3][1]   0.00274663 
_atom_sites.fract_transf_matrix[3][2]   -0.00950287 
_atom_sites.fract_transf_matrix[3][3]   -0.01766614 
_atom_sites.fract_transf_vector[1]      0.005488 
_atom_sites.fract_transf_vector[2]      -0.001366 
_atom_sites.fract_transf_vector[3]      0.459951 
_atom_sites.solution_primary            ? 
_atom_sites.solution_secondary          ? 
_atom_sites.solution_hydrogens          ? 
_atom_sites.special_details             ? 
# 
loop_
_atom_type.symbol 
C  
N  
O  
S  
SE 
# 
loop_
_atom_site.group_PDB 
_atom_site.id 
_atom_site.type_symbol 
_atom_site.label_atom_id 
_atom_site.label_alt_id 
_atom_site.label_comp_id 
_atom_site.label_asym_id 
_atom_site.label_entity_id 
_atom_site.label_seq_id 
_atom_site.pdbx_PDB_ins_code 
_atom_site.Cartn_x 
_atom_site.Cartn_y 
_atom_site.Cartn_z 
_atom_site.occupancy 
_atom_site.B_iso_or_equiv 
_atom_site.pdbx_formal_charge 
_atom_site.auth_seq_id 
_atom_site.auth_comp_id 
_atom_site.auth_asym_id 
_atom_site.auth_atom_id 
_atom_site.pdbx_PDB_model_num 
ATOM   1    N N   . PHE A 1 10 ? 5.736   30.543  4.289   1.00 95.88  ? 2   PHE A N   1 
ATOM   2    C CA  . PHE A 1 10 ? 6.557   29.544  5.029   1.00 86.61  ? 2   PHE A CA  1 
ATOM   3    C C   . PHE A 1 10 ? 5.650   28.631  5.856   1.00 83.25  ? 2   PHE A C   1 
ATOM   4    O O   . PHE A 1 10 ? 5.723   27.419  5.639   1.00 80.22  ? 2   PHE A O   1 
ATOM   5    C CB  . PHE A 1 10 ? 7.610   30.242  5.896   1.00 85.40  ? 2   PHE A CB  1 
ATOM   6    C CG  . PHE A 1 10 ? 8.987   30.314  5.280   1.00 78.15  ? 2   PHE A CG  1 
ATOM   7    C CD1 . PHE A 1 10 ? 10.114  30.323  6.088   1.00 73.52  ? 2   PHE A CD1 1 
ATOM   8    C CD2 . PHE A 1 10 ? 9.167   30.344  3.902   1.00 75.40  ? 2   PHE A CD2 1 
ATOM   9    C CE1 . PHE A 1 10 ? 11.386  30.376  5.533   1.00 77.30  ? 2   PHE A CE1 1 
ATOM   10   C CE2 . PHE A 1 10 ? 10.440  30.407  3.349   1.00 76.07  ? 2   PHE A CE2 1 
ATOM   11   C CZ  . PHE A 1 10 ? 11.549  30.416  4.164   1.00 73.03  ? 2   PHE A CZ  1 
ATOM   12   N N   . MET A 1 11 ? 4.845   29.190  6.767   1.00 89.17  ? 3   MET A N   1 
ATOM   13   C CA  . MET A 1 11 ? 3.936   28.416  7.657   1.00 93.12  ? 3   MET A CA  1 
ATOM   14   C C   . MET A 1 11 ? 4.761   27.325  8.366   1.00 96.29  ? 3   MET A C   1 
ATOM   15   O O   . MET A 1 11 ? 5.857   27.668  8.852   1.00 101.68 ? 3   MET A O   1 
ATOM   16   C CB  . MET A 1 11 ? 2.787   27.799  6.851   1.00 94.79  ? 3   MET A CB  1 
ATOM   17   C CG  . MET A 1 11 ? 1.986   28.812  6.065   1.00 97.22  ? 3   MET A CG  1 
ATOM   18   S SD  . MET A 1 11 ? 1.797   28.312  4.336   1.00 107.51 ? 3   MET A SD  1 
ATOM   19   C CE  . MET A 1 11 ? 0.707   26.899  4.511   1.00 101.05 ? 3   MET A CE  1 
ATOM   20   N N   . GLU A 1 12 ? 4.298   26.063  8.383   1.00 95.79  ? 4   GLU A N   1 
ATOM   21   C CA  . GLU A 1 12 ? 4.871   24.945  9.194   1.00 88.52  ? 4   GLU A CA  1 
ATOM   22   C C   . GLU A 1 12 ? 5.856   24.092  8.370   1.00 76.97  ? 4   GLU A C   1 
ATOM   23   O O   . GLU A 1 12 ? 6.356   23.089  8.915   1.00 64.70  ? 4   GLU A O   1 
ATOM   24   C CB  . GLU A 1 12 ? 3.743   24.071  9.754   1.00 93.59  ? 4   GLU A CB  1 
ATOM   25   C CG  . GLU A 1 12 ? 3.514   24.246  11.250  1.00 99.09  ? 4   GLU A CG  1 
ATOM   26   C CD  . GLU A 1 12 ? 2.756   23.123  11.946  1.00 99.76  ? 4   GLU A CD  1 
ATOM   27   O OE1 . GLU A 1 12 ? 2.486   22.083  11.300  1.00 95.95  ? 4   GLU A OE1 1 
ATOM   28   O OE2 . GLU A 1 12 ? 2.440   23.283  13.143  1.00 96.17  ? 4   GLU A OE2 1 
ATOM   29   N N   . THR A 1 13 ? 6.144   24.486  7.124   1.00 65.95  ? 5   THR A N   1 
ATOM   30   C CA  . THR A 1 13 ? 6.944   23.717  6.132   1.00 57.81  ? 5   THR A CA  1 
ATOM   31   C C   . THR A 1 13 ? 8.391   23.569  6.624   1.00 59.33  ? 5   THR A C   1 
ATOM   32   O O   . THR A 1 13 ? 8.972   22.463  6.437   1.00 54.70  ? 5   THR A O   1 
ATOM   33   C CB  . THR A 1 13 ? 6.865   24.379  4.748   1.00 54.11  ? 5   THR A CB  1 
ATOM   34   O OG1 . THR A 1 13 ? 5.568   24.102  4.227   1.00 45.50  ? 5   THR A OG1 1 
ATOM   35   C CG2 . THR A 1 13 ? 7.914   23.898  3.766   1.00 52.66  ? 5   THR A CG2 1 
ATOM   36   N N   . GLN A 1 14 ? 8.958   24.625  7.217   1.00 58.68  ? 6   GLN A N   1 
ATOM   37   C CA  . GLN A 1 14 ? 10.391  24.658  7.630   1.00 57.90  ? 6   GLN A CA  1 
ATOM   38   C C   . GLN A 1 14 ? 10.597  23.666  8.788   1.00 54.72  ? 6   GLN A C   1 
ATOM   39   O O   . GLN A 1 14 ? 11.681  23.045  8.844   1.00 45.56  ? 6   GLN A O   1 
ATOM   40   C CB  . GLN A 1 14 ? 10.838  26.082  7.974   1.00 57.61  ? 6   GLN A CB  1 
ATOM   41   C CG  . GLN A 1 14 ? 10.573  27.104  6.869   1.00 60.08  ? 6   GLN A CG  1 
ATOM   42   C CD  . GLN A 1 14 ? 11.366  26.875  5.601   1.00 59.11  ? 6   GLN A CD  1 
ATOM   43   O OE1 . GLN A 1 14 ? 10.817  26.654  4.521   1.00 58.91  ? 6   GLN A OE1 1 
ATOM   44   N NE2 . GLN A 1 14 ? 12.678  26.960  5.716   1.00 58.52  ? 6   GLN A NE2 1 
ATOM   45   N N   . LYS A 1 15 ? 9.592   23.508  9.660   1.00 52.77  ? 7   LYS A N   1 
ATOM   46   C CA  . LYS A 1 15 ? 9.511   22.387  10.636  1.00 58.82  ? 7   LYS A CA  1 
ATOM   47   C C   . LYS A 1 15 ? 9.758   21.075  9.885   1.00 57.19  ? 7   LYS A C   1 
ATOM   48   O O   . LYS A 1 15 ? 10.648  20.309  10.290  1.00 58.56  ? 7   LYS A O   1 
ATOM   49   C CB  . LYS A 1 15 ? 8.136   22.316  11.313  1.00 63.93  ? 7   LYS A CB  1 
ATOM   50   C CG  . LYS A 1 15 ? 8.107   22.601  12.810  1.00 72.33  ? 7   LYS A CG  1 
ATOM   51   C CD  . LYS A 1 15 ? 8.135   21.354  13.704  1.00 80.87  ? 7   LYS A CD  1 
ATOM   52   C CE  . LYS A 1 15 ? 6.832   21.066  14.437  1.00 81.97  ? 7   LYS A CE  1 
ATOM   53   N NZ  . LYS A 1 15 ? 5.788   20.460  13.569  1.00 79.87  ? 7   LYS A NZ  1 
ATOM   54   N N   . LEU A 1 16 ? 8.972   20.834  8.838   1.00 56.44  ? 8   LEU A N   1 
ATOM   55   C CA  . LEU A 1 16 ? 8.965   19.567  8.069   1.00 59.35  ? 8   LEU A CA  1 
ATOM   56   C C   . LEU A 1 16 ? 10.328  19.330  7.406   1.00 53.79  ? 8   LEU A C   1 
ATOM   57   O O   . LEU A 1 16 ? 10.870  18.242  7.614   1.00 53.05  ? 8   LEU A O   1 
ATOM   58   C CB  . LEU A 1 16 ? 7.814   19.594  7.058   1.00 65.28  ? 8   LEU A CB  1 
ATOM   59   C CG  . LEU A 1 16 ? 6.619   18.728  7.452   1.00 71.04  ? 8   LEU A CG  1 
ATOM   60   C CD1 . LEU A 1 16 ? 5.353   19.139  6.707   1.00 74.59  ? 8   LEU A CD1 1 
ATOM   61   C CD2 . LEU A 1 16 ? 6.938   17.258  7.212   1.00 68.88  ? 8   LEU A CD2 1 
ATOM   62   N N   . ILE A 1 17 ? 10.863  20.309  6.672   1.00 46.18  ? 9   ILE A N   1 
ATOM   63   C CA  . ILE A 1 17 ? 12.198  20.240  6.012   1.00 44.52  ? 9   ILE A CA  1 
ATOM   64   C C   . ILE A 1 17 ? 13.284  19.999  7.066   1.00 45.53  ? 9   ILE A C   1 
ATOM   65   O O   . ILE A 1 17 ? 14.291  19.344  6.736   1.00 46.93  ? 9   ILE A O   1 
ATOM   66   C CB  . ILE A 1 17 ? 12.475  21.524  5.214   1.00 47.09  ? 9   ILE A CB  1 
ATOM   67   C CG1 . ILE A 1 17 ? 11.340  21.835  4.233   1.00 55.64  ? 9   ILE A CG1 1 
ATOM   68   C CG2 . ILE A 1 17 ? 13.818  21.435  4.505   1.00 46.27  ? 9   ILE A CG2 1 
ATOM   69   C CD1 . ILE A 1 17 ? 11.482  23.160  3.508   1.00 58.08  ? 9   ILE A CD1 1 
ATOM   70   N N   . SER A 1 18 ? 13.099  20.548  8.270   1.00 48.57  ? 10  SER A N   1 
ATOM   71   C CA  . SER A 1 18 ? 14.004  20.409  9.441   1.00 47.68  ? 10  SER A CA  1 
ATOM   72   C C   . SER A 1 18 ? 13.967  18.959  9.948   1.00 44.18  ? 10  SER A C   1 
ATOM   73   O O   . SER A 1 18 ? 15.028  18.306  9.956   1.00 46.06  ? 10  SER A O   1 
ATOM   74   C CB  . SER A 1 18 ? 13.666  21.412  10.526  1.00 46.49  ? 10  SER A CB  1 
ATOM   75   O OG  . SER A 1 18 ? 14.192  20.996  11.777  1.00 48.93  ? 10  SER A OG  1 
ATOM   76   N N   . MET A 1 19 ? 12.803  18.482  10.391  1.00 43.13  ? 11  MET A N   1 
ATOM   77   C CA  . MET A 1 19 ? 12.453  17.034  10.350  1.00 43.74  ? 11  MET A CA  1 
ATOM   78   C C   . MET A 1 19 ? 12.730  16.599  8.901   1.00 45.29  ? 11  MET A C   1 
ATOM   79   O O   . MET A 1 19 ? 12.762  17.490  8.046   1.00 55.01  ? 11  MET A O   1 
ATOM   80   C CB  . MET A 1 19 ? 10.978  16.809  10.718  1.00 41.80  ? 11  MET A CB  1 
ATOM   81   C CG  . MET A 1 19 ? 10.577  17.359  12.091  1.00 40.19  ? 11  MET A CG  1 
ATOM   82   S SD  . MET A 1 19 ? 8.793   17.254  12.466  1.00 35.51  ? 11  MET A SD  1 
ATOM   83   C CE  . MET A 1 19 ? 8.150   18.347  11.207  1.00 35.44  ? 11  MET A CE  1 
ATOM   84   N N   . VAL A 1 20 ? 13.017  15.338  8.611   1.00 41.42  ? 12  VAL A N   1 
ATOM   85   C CA  . VAL A 1 20 ? 13.404  14.897  7.229   1.00 43.35  ? 12  VAL A CA  1 
ATOM   86   C C   . VAL A 1 20 ? 14.927  15.012  7.078   1.00 44.09  ? 12  VAL A C   1 
ATOM   87   O O   . VAL A 1 20 ? 15.594  13.953  6.932   1.00 46.50  ? 12  VAL A O   1 
ATOM   88   C CB  . VAL A 1 20 ? 12.648  15.643  6.104   1.00 40.69  ? 12  VAL A CB  1 
ATOM   89   C CG1 . VAL A 1 20 ? 13.034  15.152  4.714   1.00 39.85  ? 12  VAL A CG1 1 
ATOM   90   C CG2 . VAL A 1 20 ? 11.143  15.520  6.265   1.00 41.22  ? 12  VAL A CG2 1 
ATOM   91   N N   . LYS A 1 21 ? 15.479  16.225  7.111   1.00 48.82  ? 13  LYS A N   1 
ATOM   92   C CA  . LYS A 1 21 ? 16.943  16.430  7.315   1.00 49.04  ? 13  LYS A CA  1 
ATOM   93   C C   . LYS A 1 21 ? 17.392  15.593  8.522   1.00 45.84  ? 13  LYS A C   1 
ATOM   94   O O   . LYS A 1 21 ? 18.320  14.769  8.399   1.00 40.54  ? 13  LYS A O   1 
ATOM   95   C CB  . LYS A 1 21 ? 17.256  17.897  7.621   1.00 51.87  ? 13  LYS A CB  1 
ATOM   96   C CG  . LYS A 1 21 ? 17.471  18.820  6.431   1.00 55.45  ? 13  LYS A CG  1 
ATOM   97   C CD  . LYS A 1 21 ? 18.080  20.132  6.885   1.00 58.49  ? 13  LYS A CD  1 
ATOM   98   C CE  . LYS A 1 21 ? 17.957  21.268  5.895   1.00 60.01  ? 13  LYS A CE  1 
ATOM   99   N NZ  . LYS A 1 21 ? 18.551  22.510  6.439   1.00 55.97  ? 13  LYS A NZ  1 
ATOM   100  N N   . GLU A 1 22 ? 16.719  15.800  9.650   1.00 42.21  ? 14  GLU A N   1 
ATOM   101  C CA  . GLU A 1 22 ? 17.062  15.196  10.958  1.00 45.09  ? 14  GLU A CA  1 
ATOM   102  C C   . GLU A 1 22 ? 17.029  13.666  10.817  1.00 41.96  ? 14  GLU A C   1 
ATOM   103  O O   . GLU A 1 22 ? 17.909  12.989  11.391  1.00 38.90  ? 14  GLU A O   1 
ATOM   104  C CB  . GLU A 1 22 ? 16.087  15.765  11.987  1.00 51.43  ? 14  GLU A CB  1 
ATOM   105  C CG  . GLU A 1 22 ? 16.426  15.442  13.423  1.00 57.71  ? 14  GLU A CG  1 
ATOM   106  C CD  . GLU A 1 22 ? 15.430  16.041  14.398  1.00 67.07  ? 14  GLU A CD  1 
ATOM   107  O OE1 . GLU A 1 22 ? 14.401  16.605  13.935  1.00 69.35  ? 14  GLU A OE1 1 
ATOM   108  O OE2 . GLU A 1 22 ? 15.678  15.936  15.617  1.00 73.70  ? 14  GLU A OE2 1 
ATOM   109  N N   . ALA A 1 23 ? 16.055  13.149  10.061  1.00 39.18  ? 15  ALA A N   1 
ATOM   110  C CA  . ALA A 1 23 ? 15.862  11.708  9.788   1.00 33.39  ? 15  ALA A CA  1 
ATOM   111  C C   . ALA A 1 23 ? 17.016  11.206  8.921   1.00 32.28  ? 15  ALA A C   1 
ATOM   112  O O   . ALA A 1 23 ? 17.596  10.186  9.280   1.00 32.60  ? 15  ALA A O   1 
ATOM   113  C CB  . ALA A 1 23 ? 14.518  11.466  9.147   1.00 31.28  ? 15  ALA A CB  1 
ATOM   114  N N   . LEU A 1 24 ? 17.353  11.908  7.836   1.00 34.63  ? 16  LEU A N   1 
ATOM   115  C CA  . LEU A 1 24 ? 18.448  11.501  6.902   1.00 37.73  ? 16  LEU A CA  1 
ATOM   116  C C   . LEU A 1 24 ? 19.818  11.639  7.583   1.00 39.31  ? 16  LEU A C   1 
ATOM   117  O O   . LEU A 1 24 ? 20.677  10.758  7.333   1.00 36.72  ? 16  LEU A O   1 
ATOM   118  C CB  . LEU A 1 24 ? 18.355  12.330  5.621   1.00 37.16  ? 16  LEU A CB  1 
ATOM   119  C CG  . LEU A 1 24 ? 17.181  11.951  4.720   1.00 37.46  ? 16  LEU A CG  1 
ATOM   120  C CD1 . LEU A 1 24 ? 16.710  13.129  3.883   1.00 38.93  ? 16  LEU A CD1 1 
ATOM   121  C CD2 . LEU A 1 24 ? 17.543  10.780  3.819   1.00 37.79  ? 16  LEU A CD2 1 
ATOM   122  N N   . GLU A 1 25 ? 19.992  12.666  8.434   1.00 45.00  ? 17  GLU A N   1 
ATOM   123  C CA  . GLU A 1 25 ? 21.199  12.905  9.279   1.00 45.27  ? 17  GLU A CA  1 
ATOM   124  C C   . GLU A 1 25 ? 21.442  11.683  10.179  1.00 42.58  ? 17  GLU A C   1 
ATOM   125  O O   . GLU A 1 25 ? 22.597  11.235  10.253  1.00 45.12  ? 17  GLU A O   1 
ATOM   126  C CB  . GLU A 1 25 ? 21.047  14.167  10.143  1.00 54.83  ? 17  GLU A CB  1 
ATOM   127  C CG  . GLU A 1 25 ? 21.088  15.508  9.387   1.00 60.22  ? 17  GLU A CG  1 
ATOM   128  C CD  . GLU A 1 25 ? 20.446  16.709  10.098  1.00 63.04  ? 17  GLU A CD  1 
ATOM   129  O OE1 . GLU A 1 25 ? 20.336  16.687  11.357  1.00 59.27  ? 17  GLU A OE1 1 
ATOM   130  O OE2 . GLU A 1 25 ? 20.048  17.681  9.401   1.00 59.17  ? 17  GLU A OE2 1 
ATOM   131  N N   . LYS A 1 26 ? 20.392  11.141  10.803  1.00 40.71  ? 18  LYS A N   1 
ATOM   132  C CA  . LYS A 1 26 ? 20.479  10.131  11.896  1.00 41.20  ? 18  LYS A CA  1 
ATOM   133  C C   . LYS A 1 26 ? 20.724  8.722   11.329  1.00 43.98  ? 18  LYS A C   1 
ATOM   134  O O   . LYS A 1 26 ? 21.367  7.898   12.025  1.00 44.57  ? 18  LYS A O   1 
ATOM   135  C CB  . LYS A 1 26 ? 19.206  10.182  12.747  1.00 41.03  ? 18  LYS A CB  1 
ATOM   136  C CG  . LYS A 1 26 ? 19.188  9.262   13.961  1.00 43.73  ? 18  LYS A CG  1 
ATOM   137  C CD  . LYS A 1 26 ? 17.871  9.286   14.717  1.00 48.47  ? 18  LYS A CD  1 
ATOM   138  C CE  . LYS A 1 26 ? 17.643  8.072   15.600  1.00 49.61  ? 18  LYS A CE  1 
ATOM   139  N NZ  . LYS A 1 26 ? 18.224  8.254   16.952  1.00 50.48  ? 18  LYS A NZ  1 
ATOM   140  N N   . TYR A 1 27 ? 20.219  8.431   10.129  1.00 43.55  ? 19  TYR A N   1 
ATOM   141  C CA  . TYR A 1 27 ? 20.283  7.083   9.509   1.00 45.60  ? 19  TYR A CA  1 
ATOM   142  C C   . TYR A 1 27 ? 21.158  7.162   8.258   1.00 48.03  ? 19  TYR A C   1 
ATOM   143  O O   . TYR A 1 27 ? 20.618  7.496   7.187   1.00 56.68  ? 19  TYR A O   1 
ATOM   144  C CB  . TYR A 1 27 ? 18.865  6.568   9.243   1.00 43.63  ? 19  TYR A CB  1 
ATOM   145  C CG  . TYR A 1 27 ? 18.077  6.371   10.510  1.00 41.48  ? 19  TYR A CG  1 
ATOM   146  C CD1 . TYR A 1 27 ? 18.214  5.209   11.247  1.00 39.35  ? 19  TYR A CD1 1 
ATOM   147  C CD2 . TYR A 1 27 ? 17.262  7.373   11.021  1.00 42.12  ? 19  TYR A CD2 1 
ATOM   148  C CE1 . TYR A 1 27 ? 17.534  5.025   12.440  1.00 37.43  ? 19  TYR A CE1 1 
ATOM   149  C CE2 . TYR A 1 27 ? 16.581  7.207   12.218  1.00 40.11  ? 19  TYR A CE2 1 
ATOM   150  C CZ  . TYR A 1 27 ? 16.721  6.028   12.927  1.00 38.99  ? 19  TYR A CZ  1 
ATOM   151  O OH  . TYR A 1 27 ? 16.061  5.806   14.099  1.00 47.15  ? 19  TYR A OH  1 
ATOM   152  N N   . GLN A 1 28 ? 22.448  6.831   8.381   1.00 46.68  ? 20  GLN A N   1 
ATOM   153  C CA  . GLN A 1 28 ? 23.454  7.118   7.324   1.00 49.34  ? 20  GLN A CA  1 
ATOM   154  C C   . GLN A 1 28 ? 23.515  5.969   6.305   1.00 42.06  ? 20  GLN A C   1 
ATOM   155  O O   . GLN A 1 28 ? 24.582  5.344   6.131   1.00 42.04  ? 20  GLN A O   1 
ATOM   156  C CB  . GLN A 1 28 ? 24.755  7.595   7.967   1.00 57.53  ? 20  GLN A CB  1 
ATOM   157  C CG  . GLN A 1 28 ? 24.838  9.117   7.892   1.00 70.23  ? 20  GLN A CG  1 
ATOM   158  C CD  . GLN A 1 28 ? 25.875  9.754   8.783   1.00 80.01  ? 20  GLN A CD  1 
ATOM   159  O OE1 . GLN A 1 28 ? 26.864  10.307  8.306   1.00 95.98  ? 20  GLN A OE1 1 
ATOM   160  N NE2 . GLN A 1 28 ? 25.639  9.713   10.084  1.00 81.34  ? 20  GLN A NE2 1 
ATOM   161  N N   . TYR A 1 29 ? 22.364  5.758   5.659   1.00 34.13  ? 21  TYR A N   1 
ATOM   162  C CA  . TYR A 1 29 ? 22.122  5.101   4.349   1.00 31.97  ? 21  TYR A CA  1 
ATOM   163  C C   . TYR A 1 29 ? 20.935  5.844   3.743   1.00 28.55  ? 21  TYR A C   1 
ATOM   164  O O   . TYR A 1 29 ? 20.261  6.573   4.474   1.00 28.63  ? 21  TYR A O   1 
ATOM   165  C CB  . TYR A 1 29 ? 21.805  3.607   4.521   1.00 32.34  ? 21  TYR A CB  1 
ATOM   166  C CG  . TYR A 1 29 ? 21.158  3.283   5.847   1.00 31.25  ? 21  TYR A CG  1 
ATOM   167  C CD1 . TYR A 1 29 ? 19.783  3.306   6.014   1.00 30.67  ? 21  TYR A CD1 1 
ATOM   168  C CD2 . TYR A 1 29 ? 21.939  3.035   6.967   1.00 29.52  ? 21  TYR A CD2 1 
ATOM   169  C CE1 . TYR A 1 29 ? 19.207  3.045   7.252   1.00 31.36  ? 21  TYR A CE1 1 
ATOM   170  C CE2 . TYR A 1 29 ? 21.383  2.777   8.205   1.00 28.32  ? 21  TYR A CE2 1 
ATOM   171  C CZ  . TYR A 1 29 ? 20.013  2.779   8.347   1.00 29.52  ? 21  TYR A CZ  1 
ATOM   172  O OH  . TYR A 1 29 ? 19.493  2.513   9.572   1.00 32.79  ? 21  TYR A OH  1 
ATOM   173  N N   . PRO A 1 30 ? 20.633  5.687   2.433   1.00 25.32  ? 22  PRO A N   1 
ATOM   174  C CA  . PRO A 1 30 ? 19.386  6.208   1.851   1.00 26.05  ? 22  PRO A CA  1 
ATOM   175  C C   . PRO A 1 30 ? 18.062  5.717   2.483   1.00 24.34  ? 22  PRO A C   1 
ATOM   176  O O   . PRO A 1 30 ? 18.002  4.571   2.904   1.00 24.37  ? 22  PRO A O   1 
ATOM   177  C CB  . PRO A 1 30 ? 19.438  5.714   0.395   1.00 26.62  ? 22  PRO A CB  1 
ATOM   178  C CG  . PRO A 1 30 ? 20.916  5.487   0.114   1.00 27.18  ? 22  PRO A CG  1 
ATOM   179  C CD  . PRO A 1 30 ? 21.495  5.034   1.440   1.00 26.76  ? 22  PRO A CD  1 
ATOM   180  N N   . LEU A 1 31 ? 17.024  6.571   2.496   1.00 22.49  ? 23  LEU A N   1 
ATOM   181  C CA  . LEU A 1 31 ? 15.675  6.294   3.065   1.00 22.66  ? 23  LEU A CA  1 
ATOM   182  C C   . LEU A 1 31 ? 14.565  6.502   2.019   1.00 21.91  ? 23  LEU A C   1 
ATOM   183  O O   . LEU A 1 31 ? 14.719  7.379   1.165   1.00 24.16  ? 23  LEU A O   1 
ATOM   184  C CB  . LEU A 1 31 ? 15.458  7.218   4.266   1.00 21.88  ? 23  LEU A CB  1 
ATOM   185  C CG  . LEU A 1 31 ? 16.446  7.032   5.416   1.00 20.90  ? 23  LEU A CG  1 
ATOM   186  C CD1 . LEU A 1 31 ? 16.061  7.902   6.599   1.00 20.16  ? 23  LEU A CD1 1 
ATOM   187  C CD2 . LEU A 1 31 ? 16.537  5.574   5.845   1.00 21.56  ? 23  LEU A CD2 1 
ATOM   188  N N   . THR A 1 32 ? 13.479  5.721   2.080   1.00 21.61  ? 24  THR A N   1 
ATOM   189  C CA  . THR A 1 32 ? 12.224  5.989   1.312   1.00 22.25  ? 24  THR A CA  1 
ATOM   190  C C   . THR A 1 32 ? 11.457  7.097   2.028   1.00 21.88  ? 24  THR A C   1 
ATOM   191  O O   . THR A 1 32 ? 11.820  7.392   3.163   1.00 21.09  ? 24  THR A O   1 
ATOM   192  C CB  . THR A 1 32 ? 11.299  4.774   1.178   1.00 21.62  ? 24  THR A CB  1 
ATOM   193  O OG1 . THR A 1 32 ? 10.793  4.524   2.486   1.00 22.27  ? 24  THR A OG1 1 
ATOM   194  C CG2 . THR A 1 32 ? 11.967  3.545   0.609   1.00 21.40  ? 24  THR A CG2 1 
ATOM   195  N N   . ALA A 1 33 ? 10.468  7.719   1.380   1.00 24.40  ? 25  ALA A N   1 
ATOM   196  C CA  . ALA A 1 33 ? 9.691   8.816   2.014   1.00 24.85  ? 25  ALA A CA  1 
ATOM   197  C C   . ALA A 1 33 ? 8.858   8.215   3.151   1.00 25.67  ? 25  ALA A C   1 
ATOM   198  O O   . ALA A 1 33 ? 8.673   8.884   4.177   1.00 25.36  ? 25  ALA A O   1 
ATOM   199  C CB  . ALA A 1 33 ? 8.863   9.547   1.002   1.00 24.48  ? 25  ALA A CB  1 
ATOM   200  N N   . LYS A 1 34 ? 8.474   6.943   3.027   1.00 26.67  ? 26  LYS A N   1 
ATOM   201  C CA  . LYS A 1 34 ? 7.732   6.222   4.094   1.00 27.00  ? 26  LYS A CA  1 
ATOM   202  C C   . LYS A 1 34 ? 8.667   5.983   5.289   1.00 26.23  ? 26  LYS A C   1 
ATOM   203  O O   . LYS A 1 34 ? 8.248   6.255   6.423   1.00 27.43  ? 26  LYS A O   1 
ATOM   204  C CB  . LYS A 1 34 ? 7.137   4.925   3.536   1.00 28.29  ? 26  LYS A CB  1 
ATOM   205  C CG  . LYS A 1 34 ? 5.861   4.504   4.243   1.00 28.38  ? 26  LYS A CG  1 
ATOM   206  C CD  . LYS A 1 34 ? 5.201   3.240   3.753   1.00 28.30  ? 26  LYS A CD  1 
ATOM   207  C CE  . LYS A 1 34 ? 4.382   2.651   4.882   1.00 30.84  ? 26  LYS A CE  1 
ATOM   208  N NZ  . LYS A 1 34 ? 3.489   1.546   4.467   1.00 32.98  ? 26  LYS A NZ  1 
ATOM   209  N N   . ASN A 1 35 ? 9.879   5.481   5.040   1.00 24.16  ? 27  ASN A N   1 
ATOM   210  C CA  . ASN A 1 35 ? 10.969  5.382   6.045   1.00 24.30  ? 27  ASN A CA  1 
ATOM   211  C C   . ASN A 1 35 ? 11.028  6.687   6.853   1.00 25.17  ? 27  ASN A C   1 
ATOM   212  O O   . ASN A 1 35 ? 10.976  6.620   8.100   1.00 25.46  ? 27  ASN A O   1 
ATOM   213  C CB  . ASN A 1 35 ? 12.331  5.130   5.391   1.00 23.69  ? 27  ASN A CB  1 
ATOM   214  C CG  . ASN A 1 35 ? 12.514  3.720   4.875   1.00 24.35  ? 27  ASN A CG  1 
ATOM   215  O OD1 . ASN A 1 35 ? 13.308  3.491   3.970   1.00 26.31  ? 27  ASN A OD1 1 
ATOM   216  N ND2 . ASN A 1 35 ? 11.794  2.763   5.432   1.00 24.34  ? 27  ASN A ND2 1 
ATOM   217  N N   . ILE A 1 36 ? 11.132  7.816   6.146   1.00 25.26  ? 28  ILE A N   1 
ATOM   218  C CA  . ILE A 1 36 ? 11.311  9.183   6.719   1.00 28.11  ? 28  ILE A CA  1 
ATOM   219  C C   . ILE A 1 36 ? 10.073  9.551   7.534   1.00 30.44  ? 28  ILE A C   1 
ATOM   220  O O   . ILE A 1 36 ? 10.257  10.013  8.675   1.00 29.01  ? 28  ILE A O   1 
ATOM   221  C CB  . ILE A 1 36 ? 11.618  10.225  5.619   1.00 28.25  ? 28  ILE A CB  1 
ATOM   222  C CG1 . ILE A 1 36 ? 13.062  10.093  5.113   1.00 27.51  ? 28  ILE A CG1 1 
ATOM   223  C CG2 . ILE A 1 36 ? 11.351  11.640  6.119   1.00 28.81  ? 28  ILE A CG2 1 
ATOM   224  C CD1 . ILE A 1 36 ? 13.236  10.522  3.687   1.00 27.59  ? 28  ILE A CD1 1 
ATOM   225  N N   . LYS A 1 37 ? 8.876   9.349   6.968   1.00 34.71  ? 29  LYS A N   1 
ATOM   226  C CA  . LYS A 1 37 ? 7.594   9.513   7.695   1.00 36.92  ? 29  LYS A CA  1 
ATOM   227  C C   . LYS A 1 37 ? 7.708   8.774   9.027   1.00 36.87  ? 29  LYS A C   1 
ATOM   228  O O   . LYS A 1 37 ? 7.672   9.433   10.064  1.00 36.86  ? 29  LYS A O   1 
ATOM   229  C CB  . LYS A 1 37 ? 6.407   8.964   6.897   1.00 42.02  ? 29  LYS A CB  1 
ATOM   230  C CG  . LYS A 1 37 ? 5.054   9.197   7.564   1.00 46.84  ? 29  LYS A CG  1 
ATOM   231  C CD  . LYS A 1 37 ? 3.937   8.268   7.160   1.00 47.85  ? 29  LYS A CD  1 
ATOM   232  C CE  . LYS A 1 37 ? 4.309   6.805   7.188   1.00 53.30  ? 29  LYS A CE  1 
ATOM   233  N NZ  . LYS A 1 37 ? 3.253   5.978   6.550   1.00 60.19  ? 29  LYS A NZ  1 
ATOM   234  N N   . VAL A 1 38 ? 7.898   7.459   8.977   1.00 37.57  ? 30  VAL A N   1 
ATOM   235  C CA  . VAL A 1 38 ? 7.806   6.569   10.171  1.00 39.23  ? 30  VAL A CA  1 
ATOM   236  C C   . VAL A 1 38 ? 8.837   7.044   11.200  1.00 39.84  ? 30  VAL A C   1 
ATOM   237  O O   . VAL A 1 38 ? 8.529   7.004   12.396  1.00 38.80  ? 30  VAL A O   1 
ATOM   238  C CB  . VAL A 1 38 ? 7.991   5.085   9.798   1.00 41.43  ? 30  VAL A CB  1 
ATOM   239  C CG1 . VAL A 1 38 ? 8.048   4.187   11.024  1.00 43.81  ? 30  VAL A CG1 1 
ATOM   240  C CG2 . VAL A 1 38 ? 6.893   4.604   8.867   1.00 41.10  ? 30  VAL A CG2 1 
ATOM   241  N N   . VAL A 1 39 ? 10.007  7.497   10.743  1.00 40.57  ? 31  VAL A N   1 
ATOM   242  C CA  . VAL A 1 39 ? 11.082  8.009   11.635  1.00 40.39  ? 31  VAL A CA  1 
ATOM   243  C C   . VAL A 1 39 ? 10.556  9.282   12.303  1.00 44.42  ? 31  VAL A C   1 
ATOM   244  O O   . VAL A 1 39 ? 10.711  9.401   13.543  1.00 49.24  ? 31  VAL A O   1 
ATOM   245  C CB  . VAL A 1 39 ? 12.401  8.235   10.873  1.00 39.04  ? 31  VAL A CB  1 
ATOM   246  C CG1 . VAL A 1 39 ? 13.352  9.158   11.613  1.00 36.15  ? 31  VAL A CG1 1 
ATOM   247  C CG2 . VAL A 1 39 ? 13.091  6.923   10.574  1.00 39.13  ? 31  VAL A CG2 1 
ATOM   248  N N   . ILE A 1 40 ? 9.936   10.174  11.523  1.00 42.62  ? 32  ILE A N   1 
ATOM   249  C CA  . ILE A 1 40 ? 9.392   11.466  12.029  1.00 44.70  ? 32  ILE A CA  1 
ATOM   250  C C   . ILE A 1 40 ? 8.266   11.184  13.029  1.00 48.61  ? 32  ILE A C   1 
ATOM   251  O O   . ILE A 1 40 ? 8.046   12.043  13.897  1.00 50.18  ? 32  ILE A O   1 
ATOM   252  C CB  . ILE A 1 40 ? 8.886   12.367  10.887  1.00 44.33  ? 32  ILE A CB  1 
ATOM   253  C CG1 . ILE A 1 40 ? 10.025  12.985  10.082  1.00 43.65  ? 32  ILE A CG1 1 
ATOM   254  C CG2 . ILE A 1 40 ? 7.960   13.453  11.414  1.00 46.08  ? 32  ILE A CG2 1 
ATOM   255  C CD1 . ILE A 1 40 ? 9.544   13.682  8.834   1.00 43.70  ? 32  ILE A CD1 1 
ATOM   256  N N   . GLN A 1 41 ? 7.552   10.064  12.879  1.00 52.56  ? 33  GLN A N   1 
ATOM   257  C CA  . GLN A 1 41 ? 6.364   9.724   13.709  1.00 57.71  ? 33  GLN A CA  1 
ATOM   258  C C   . GLN A 1 41 ? 6.825   9.186   15.070  1.00 61.35  ? 33  GLN A C   1 
ATOM   259  O O   . GLN A 1 41 ? 6.276   9.674   16.069  1.00 62.88  ? 33  GLN A O   1 
ATOM   260  C CB  . GLN A 1 41 ? 5.423   8.763   12.972  1.00 58.56  ? 33  GLN A CB  1 
ATOM   261  C CG  . GLN A 1 41 ? 4.842   9.342   11.680  1.00 57.96  ? 33  GLN A CG  1 
ATOM   262  C CD  . GLN A 1 41 ? 3.700   8.539   11.093  1.00 56.81  ? 33  GLN A CD  1 
ATOM   263  O OE1 . GLN A 1 41 ? 2.719   9.093   10.605  1.00 53.79  ? 33  GLN A OE1 1 
ATOM   264  N NE2 . GLN A 1 41 ? 3.821   7.218   11.117  1.00 54.94  ? 33  GLN A NE2 1 
ATOM   265  N N   . LYS A 1 42 ? 7.784   8.248   15.129  1.00 67.88  ? 34  LYS A N   1 
ATOM   266  C CA  . LYS A 1 42 ? 8.316   7.744   16.430  1.00 81.46  ? 34  LYS A CA  1 
ATOM   267  C C   . LYS A 1 42 ? 8.853   8.959   17.193  1.00 86.63  ? 34  LYS A C   1 
ATOM   268  O O   . LYS A 1 42 ? 8.351   9.232   18.302  1.00 96.26  ? 34  LYS A O   1 
ATOM   269  C CB  . LYS A 1 42 ? 9.447   6.710   16.327  1.00 88.59  ? 34  LYS A CB  1 
ATOM   270  C CG  . LYS A 1 42 ? 9.287   5.573   15.327  1.00 96.54  ? 34  LYS A CG  1 
ATOM   271  C CD  . LYS A 1 42 ? 8.098   4.667   15.553  1.00 102.61 ? 34  LYS A CD  1 
ATOM   272  C CE  . LYS A 1 42 ? 8.030   3.553   14.526  1.00 108.01 ? 34  LYS A CE  1 
ATOM   273  N NZ  . LYS A 1 42 ? 9.019   2.481   14.796  1.00 112.97 ? 34  LYS A NZ  1 
ATOM   274  N N   . GLU A 1 43 ? 9.811   9.668   16.583  1.00 86.51  ? 35  GLU A N   1 
ATOM   275  C CA  . GLU A 1 43 ? 10.343  10.981  17.047  1.00 87.32  ? 35  GLU A CA  1 
ATOM   276  C C   . GLU A 1 43 ? 9.262   12.045  16.799  1.00 87.19  ? 35  GLU A C   1 
ATOM   277  O O   . GLU A 1 43 ? 8.294   11.731  16.085  1.00 95.26  ? 35  GLU A O   1 
ATOM   278  C CB  . GLU A 1 43 ? 11.657  11.292  16.320  1.00 89.34  ? 35  GLU A CB  1 
ATOM   279  C CG  . GLU A 1 43 ? 12.885  10.666  16.972  1.00 94.28  ? 35  GLU A CG  1 
ATOM   280  C CD  . GLU A 1 43 ? 13.656  9.642   16.141  1.00 98.84  ? 35  GLU A CD  1 
ATOM   281  O OE1 . GLU A 1 43 ? 14.906  9.594   16.257  1.00 93.89  ? 35  GLU A OE1 1 
ATOM   282  O OE2 . GLU A 1 43 ? 13.012  8.869   15.393  1.00 98.88  ? 35  GLU A OE2 1 
ATOM   283  N N   . HIS A 1 44 ? 9.388   13.235  17.399  1.00 74.51  ? 36  HIS A N   1 
ATOM   284  C CA  . HIS A 1 44 ? 8.427   14.375  17.304  1.00 67.69  ? 36  HIS A CA  1 
ATOM   285  C C   . HIS A 1 44 ? 6.957   13.911  17.285  1.00 62.74  ? 36  HIS A C   1 
ATOM   286  O O   . HIS A 1 44 ? 6.110   14.719  16.892  1.00 62.74  ? 36  HIS A O   1 
ATOM   287  C CB  . HIS A 1 44 ? 8.711   15.255  16.077  1.00 65.44  ? 36  HIS A CB  1 
ATOM   288  C CG  . HIS A 1 44 ? 10.136  15.286  15.653  1.00 68.89  ? 36  HIS A CG  1 
ATOM   289  N ND1 . HIS A 1 44 ? 10.616  14.462  14.659  1.00 73.49  ? 36  HIS A ND1 1 
ATOM   290  C CD2 . HIS A 1 44 ? 11.181  16.032  16.066  1.00 74.50  ? 36  HIS A CD2 1 
ATOM   291  C CE1 . HIS A 1 44 ? 11.900  14.691  14.476  1.00 74.97  ? 36  HIS A CE1 1 
ATOM   292  N NE2 . HIS A 1 44 ? 12.271  15.651  15.326  1.00 76.56  ? 36  HIS A NE2 1 
ATOM   293  N N   . ASN A 1 45 ? 6.667   12.680  17.719  1.00 62.72  ? 37  ASN A N   1 
ATOM   294  C CA  . ASN A 1 45 ? 5.318   12.058  17.878  1.00 65.12  ? 37  ASN A CA  1 
ATOM   295  C C   . ASN A 1 45 ? 4.214   12.725  17.033  1.00 67.22  ? 37  ASN A C   1 
ATOM   296  O O   . ASN A 1 45 ? 3.141   12.999  17.598  1.00 72.57  ? 37  ASN A O   1 
ATOM   297  C CB  . ASN A 1 45 ? 4.932   12.038  19.360  1.00 65.40  ? 37  ASN A CB  1 
ATOM   298  C CG  . ASN A 1 45 ? 4.336   10.716  19.780  1.00 65.14  ? 37  ASN A CG  1 
ATOM   299  O OD1 . ASN A 1 45 ? 3.132   10.628  19.977  1.00 63.77  ? 37  ASN A OD1 1 
ATOM   300  N ND2 . ASN A 1 45 ? 5.165   9.685   19.879  1.00 64.61  ? 37  ASN A ND2 1 
ATOM   301  N N   . VAL A 1 46 ? 4.418   12.900  15.721  1.00 71.26  ? 38  VAL A N   1 
ATOM   302  C CA  . VAL A 1 46 ? 3.390   13.437  14.767  1.00 74.32  ? 38  VAL A CA  1 
ATOM   303  C C   . VAL A 1 46 ? 2.918   12.296  13.850  1.00 73.09  ? 38  VAL A C   1 
ATOM   304  O O   . VAL A 1 46 ? 3.619   11.273  13.777  1.00 75.30  ? 38  VAL A O   1 
ATOM   305  C CB  . VAL A 1 46 ? 3.904   14.644  13.949  1.00 75.73  ? 38  VAL A CB  1 
ATOM   306  C CG1 . VAL A 1 46 ? 4.049   15.905  14.792  1.00 76.73  ? 38  VAL A CG1 1 
ATOM   307  C CG2 . VAL A 1 46 ? 5.206   14.354  13.221  1.00 75.86  ? 38  VAL A CG2 1 
ATOM   308  N N   . VAL A 1 47 ? 1.758   12.453  13.200  1.00 69.61  ? 39  VAL A N   1 
ATOM   309  C CA  . VAL A 1 47 ? 1.197   11.471  12.219  1.00 64.50  ? 39  VAL A CA  1 
ATOM   310  C C   . VAL A 1 47 ? 1.030   12.158  10.855  1.00 58.93  ? 39  VAL A C   1 
ATOM   311  O O   . VAL A 1 47 ? 0.153   13.019  10.729  1.00 56.10  ? 39  VAL A O   1 
ATOM   312  C CB  . VAL A 1 47 ? -0.112  10.825  12.712  1.00 65.60  ? 39  VAL A CB  1 
ATOM   313  C CG1 . VAL A 1 47 ? 0.177   9.663   13.652  1.00 66.33  ? 39  VAL A CG1 1 
ATOM   314  C CG2 . VAL A 1 47 ? -1.061  11.827  13.357  1.00 66.08  ? 39  VAL A CG2 1 
ATOM   315  N N   . LEU A 1 48 ? 1.867   11.764  9.888   1.00 60.18  ? 40  LEU A N   1 
ATOM   316  C CA  . LEU A 1 48 ? 2.031   12.374  8.540   1.00 62.04  ? 40  LEU A CA  1 
ATOM   317  C C   . LEU A 1 48 ? 1.627   11.374  7.459   1.00 61.77  ? 40  LEU A C   1 
ATOM   318  O O   . LEU A 1 48 ? 1.734   10.165  7.652   1.00 64.13  ? 40  LEU A O   1 
ATOM   319  C CB  . LEU A 1 48 ? 3.500   12.749  8.345   1.00 64.38  ? 40  LEU A CB  1 
ATOM   320  C CG  . LEU A 1 48 ? 3.961   14.031  9.027   1.00 66.15  ? 40  LEU A CG  1 
ATOM   321  C CD1 . LEU A 1 48 ? 5.484   14.105  9.030   1.00 65.78  ? 40  LEU A CD1 1 
ATOM   322  C CD2 . LEU A 1 48 ? 3.359   15.252  8.339   1.00 68.43  ? 40  LEU A CD2 1 
ATOM   323  N N   . PRO A 1 49 ? 1.160   11.847  6.285   1.00 58.63  ? 41  PRO A N   1 
ATOM   324  C CA  . PRO A 1 49 ? 0.669   10.950  5.241   1.00 57.27  ? 41  PRO A CA  1 
ATOM   325  C C   . PRO A 1 49 ? 1.701   10.249  4.334   1.00 51.36  ? 41  PRO A C   1 
ATOM   326  O O   . PRO A 1 49 ? 1.418   9.094   4.010   1.00 49.95  ? 41  PRO A O   1 
ATOM   327  C CB  . PRO A 1 49 ? -0.257  11.848  4.400   1.00 61.82  ? 41  PRO A CB  1 
ATOM   328  C CG  . PRO A 1 49 ? 0.192   13.272  4.659   1.00 63.28  ? 41  PRO A CG  1 
ATOM   329  C CD  . PRO A 1 49 ? 0.942   13.265  5.973   1.00 63.48  ? 41  PRO A CD  1 
ATOM   330  N N   . THR A 1 50 ? 2.789   10.919  3.917   1.00 40.89  ? 42  THR A N   1 
ATOM   331  C CA  . THR A 1 50 ? 3.852   10.384  2.998   1.00 37.78  ? 42  THR A CA  1 
ATOM   332  C C   . THR A 1 50 ? 3.918   11.227  1.714   1.00 35.33  ? 42  THR A C   1 
ATOM   333  O O   . THR A 1 50 ? 5.043   11.475  1.212   1.00 33.17  ? 42  THR A O   1 
ATOM   334  C CB  . THR A 1 50 ? 3.653   8.913   2.601   1.00 34.98  ? 42  THR A CB  1 
ATOM   335  O OG1 . THR A 1 50 ? 3.891   8.056   3.715   1.00 35.31  ? 42  THR A OG1 1 
ATOM   336  C CG2 . THR A 1 50 ? 4.578   8.460   1.498   1.00 33.66  ? 42  THR A CG2 1 
ATOM   337  N N   . GLY A 1 51 ? 2.757   11.629  1.194   1.00 31.09  ? 43  GLY A N   1 
ATOM   338  C CA  . GLY A 1 51 ? 2.638   12.640  0.129   1.00 32.09  ? 43  GLY A CA  1 
ATOM   339  C C   . GLY A 1 51 ? 3.225   13.971  0.570   1.00 32.32  ? 43  GLY A C   1 
ATOM   340  O O   . GLY A 1 51 ? 3.911   14.619  -0.242  1.00 30.87  ? 43  GLY A O   1 
ATOM   341  N N   . SER A 1 52 ? 3.019   14.358  1.830   1.00 36.32  ? 44  SER A N   1 
ATOM   342  C CA  . SER A 1 52 ? 3.551   15.637  2.371   1.00 40.95  ? 44  SER A CA  1 
ATOM   343  C C   . SER A 1 52 ? 5.078   15.585  2.358   1.00 37.84  ? 44  SER A C   1 
ATOM   344  O O   . SER A 1 52 ? 5.694   16.602  1.988   1.00 42.89  ? 44  SER A O   1 
ATOM   345  C CB  . SER A 1 52 ? 3.001   15.978  3.736   1.00 45.67  ? 44  SER A CB  1 
ATOM   346  O OG  . SER A 1 52 ? 3.450   15.066  4.717   1.00 53.63  ? 44  SER A OG  1 
ATOM   347  N N   . ILE A 1 53 ? 5.652   14.427  2.679   1.00 33.36  ? 45  ILE A N   1 
ATOM   348  C CA  . ILE A 1 53 ? 7.119   14.163  2.588   1.00 32.60  ? 45  ILE A CA  1 
ATOM   349  C C   . ILE A 1 53 ? 7.553   14.179  1.118   1.00 32.67  ? 45  ILE A C   1 
ATOM   350  O O   . ILE A 1 53 ? 8.618   14.757  0.820   1.00 33.25  ? 45  ILE A O   1 
ATOM   351  C CB  . ILE A 1 53 ? 7.471   12.840  3.302   1.00 32.74  ? 45  ILE A CB  1 
ATOM   352  C CG1 . ILE A 1 53 ? 7.193   12.972  4.798   1.00 33.95  ? 45  ILE A CG1 1 
ATOM   353  C CG2 . ILE A 1 53 ? 8.909   12.414  3.051   1.00 30.21  ? 45  ILE A CG2 1 
ATOM   354  C CD1 . ILE A 1 53 ? 7.582   11.764  5.564   1.00 34.91  ? 45  ILE A CD1 1 
ATOM   355  N N   . ASN A 1 54 ? 6.789   13.557  0.218   1.00 31.92  ? 46  ASN A N   1 
ATOM   356  C CA  . ASN A 1 54 ? 7.175   13.522  -1.212  1.00 30.00  ? 46  ASN A CA  1 
ATOM   357  C C   . ASN A 1 54 ? 7.235   14.951  -1.718  1.00 30.48  ? 46  ASN A C   1 
ATOM   358  O O   . ASN A 1 54 ? 8.204   15.275  -2.444  1.00 31.45  ? 46  ASN A O   1 
ATOM   359  C CB  . ASN A 1 54 ? 6.209   12.718  -2.062  1.00 31.23  ? 46  ASN A CB  1 
ATOM   360  C CG  . ASN A 1 54 ? 6.532   11.251  -2.028  1.00 31.28  ? 46  ASN A CG  1 
ATOM   361  O OD1 . ASN A 1 54 ? 7.700   10.895  -2.014  1.00 32.38  ? 46  ASN A OD1 1 
ATOM   362  N ND2 . ASN A 1 54 ? 5.514   10.411  -1.957  1.00 31.76  ? 46  ASN A ND2 1 
ATOM   363  N N   . SER A 1 55 ? 6.239   15.762  -1.343  1.00 30.96  ? 47  SER A N   1 
ATOM   364  C CA  . SER A 1 55 ? 6.163   17.196  -1.733  1.00 33.05  ? 47  SER A CA  1 
ATOM   365  C C   . SER A 1 55 ? 7.438   17.897  -1.240  1.00 32.20  ? 47  SER A C   1 
ATOM   366  O O   . SER A 1 55 ? 8.063   18.595  -2.047  1.00 33.36  ? 47  SER A O   1 
ATOM   367  C CB  . SER A 1 55 ? 4.905   17.893  -1.229  1.00 35.44  ? 47  SER A CB  1 
ATOM   368  O OG  . SER A 1 55 ? 3.820   16.992  -1.013  1.00 36.52  ? 47  SER A OG  1 
ATOM   369  N N   . ILE A 1 56 ? 7.830   17.680  0.025   1.00 33.61  ? 48  ILE A N   1 
ATOM   370  C CA  . ILE A 1 56 ? 9.111   18.197  0.612   1.00 33.96  ? 48  ILE A CA  1 
ATOM   371  C C   . ILE A 1 56 ? 10.270  17.709  -0.253  1.00 32.89  ? 48  ILE A C   1 
ATOM   372  O O   . ILE A 1 56 ? 11.060  18.549  -0.731  1.00 31.60  ? 48  ILE A O   1 
ATOM   373  C CB  . ILE A 1 56 ? 9.317   17.757  2.082   1.00 34.89  ? 48  ILE A CB  1 
ATOM   374  C CG1 . ILE A 1 56 ? 8.217   18.270  3.022   1.00 34.85  ? 48  ILE A CG1 1 
ATOM   375  C CG2 . ILE A 1 56 ? 10.699  18.168  2.569   1.00 35.08  ? 48  ILE A CG2 1 
ATOM   376  C CD1 . ILE A 1 56 ? 7.826   19.703  2.788   1.00 36.41  ? 48  ILE A CD1 1 
ATOM   377  N N   . LEU A 1 57 ? 10.344  16.393  -0.452  1.00 33.23  ? 49  LEU A N   1 
ATOM   378  C CA  . LEU A 1 57 ? 11.508  15.735  -1.094  1.00 32.98  ? 49  LEU A CA  1 
ATOM   379  C C   . LEU A 1 57 ? 11.704  16.325  -2.492  1.00 33.00  ? 49  LEU A C   1 
ATOM   380  O O   . LEU A 1 57 ? 12.823  16.787  -2.811  1.00 34.40  ? 49  LEU A O   1 
ATOM   381  C CB  . LEU A 1 57 ? 11.280  14.221  -1.109  1.00 33.17  ? 49  LEU A CB  1 
ATOM   382  C CG  . LEU A 1 57 ? 11.526  13.510  0.227   1.00 33.09  ? 49  LEU A CG  1 
ATOM   383  C CD1 . LEU A 1 57 ? 11.139  12.042  0.153   1.00 30.81  ? 49  LEU A CD1 1 
ATOM   384  C CD2 . LEU A 1 57 ? 12.979  13.641  0.663   1.00 33.18  ? 49  LEU A CD2 1 
ATOM   385  N N   . TYR A 1 58 ? 10.647  16.375  -3.291  1.00 32.13  ? 50  TYR A N   1 
ATOM   386  C CA  . TYR A 1 58 ? 10.761  16.817  -4.702  1.00 32.49  ? 50  TYR A CA  1 
ATOM   387  C C   . TYR A 1 58 ? 10.845  18.346  -4.826  1.00 33.27  ? 50  TYR A C   1 
ATOM   388  O O   . TYR A 1 58 ? 11.446  18.819  -5.816  1.00 34.02  ? 50  TYR A O   1 
ATOM   389  C CB  . TYR A 1 58 ? 9.568   16.317  -5.503  1.00 31.02  ? 50  TYR A CB  1 
ATOM   390  C CG  . TYR A 1 58 ? 9.636   14.870  -5.902  1.00 27.25  ? 50  TYR A CG  1 
ATOM   391  C CD1 . TYR A 1 58 ? 10.277  14.497  -7.070  1.00 25.12  ? 50  TYR A CD1 1 
ATOM   392  C CD2 . TYR A 1 58 ? 8.972   13.903  -5.173  1.00 24.02  ? 50  TYR A CD2 1 
ATOM   393  C CE1 . TYR A 1 58 ? 10.308  13.176  -7.483  1.00 24.38  ? 50  TYR A CE1 1 
ATOM   394  C CE2 . TYR A 1 58 ? 8.982   12.585  -5.580  1.00 24.61  ? 50  TYR A CE2 1 
ATOM   395  C CZ  . TYR A 1 58 ? 9.649   12.216  -6.738  1.00 24.86  ? 50  TYR A CZ  1 
ATOM   396  O OH  . TYR A 1 58 ? 9.665   10.901  -7.119  1.00 24.40  ? 50  TYR A OH  1 
ATOM   397  N N   . SER A 1 59 ? 10.241  19.112  -3.915  1.00 33.81  ? 51  SER A N   1 
ATOM   398  C CA  . SER A 1 59 ? 10.193  20.594  -4.045  1.00 39.10  ? 51  SER A CA  1 
ATOM   399  C C   . SER A 1 59 ? 11.466  21.265  -3.499  1.00 40.52  ? 51  SER A C   1 
ATOM   400  O O   . SER A 1 59 ? 11.565  22.478  -3.674  1.00 46.28  ? 51  SER A O   1 
ATOM   401  C CB  . SER A 1 59 ? 8.985   21.157  -3.389  1.00 39.91  ? 51  SER A CB  1 
ATOM   402  O OG  . SER A 1 59 ? 9.127   21.030  -1.996  1.00 46.47  ? 51  SER A OG  1 
ATOM   403  N N   . ASN A 1 60 ? 12.403  20.515  -2.901  1.00 40.28  ? 52  ASN A N   1 
ATOM   404  C CA  . ASN A 1 60 ? 13.679  21.019  -2.318  1.00 36.84  ? 52  ASN A CA  1 
ATOM   405  C C   . ASN A 1 60 ? 14.851  20.244  -2.924  1.00 35.83  ? 52  ASN A C   1 
ATOM   406  O O   . ASN A 1 60 ? 15.530  19.479  -2.200  1.00 35.76  ? 52  ASN A O   1 
ATOM   407  C CB  . ASN A 1 60 ? 13.681  20.926  -0.791  1.00 35.90  ? 52  ASN A CB  1 
ATOM   408  C CG  . ASN A 1 60 ? 12.737  21.928  -0.163  1.00 38.27  ? 52  ASN A CG  1 
ATOM   409  O OD1 . ASN A 1 60 ? 11.626  21.587  0.255   1.00 36.49  ? 52  ASN A OD1 1 
ATOM   410  N ND2 . ASN A 1 60 ? 13.167  23.179  -0.109  1.00 38.46  ? 52  ASN A ND2 1 
ATOM   411  N N   . SER A 1 61 ? 15.086  20.472  -4.205  1.00 36.41  ? 53  SER A N   1 
ATOM   412  C CA  . SER A 1 61 ? 16.215  19.928  -5.000  1.00 40.86  ? 53  SER A CA  1 
ATOM   413  C C   . SER A 1 61 ? 17.577  20.279  -4.377  1.00 44.94  ? 53  SER A C   1 
ATOM   414  O O   . SER A 1 61 ? 18.558  19.515  -4.574  1.00 47.31  ? 53  SER A O   1 
ATOM   415  C CB  . SER A 1 61 ? 16.123  20.459  -6.397  1.00 40.22  ? 53  SER A CB  1 
ATOM   416  O OG  . SER A 1 61 ? 17.213  19.983  -7.157  1.00 41.01  ? 53  SER A OG  1 
ATOM   417  N N   . GLU A 1 62 ? 17.672  21.427  -3.709  1.00 49.02  ? 54  GLU A N   1 
ATOM   418  C CA  . GLU A 1 62 ? 18.954  21.912  -3.144  1.00 55.73  ? 54  GLU A CA  1 
ATOM   419  C C   . GLU A 1 62 ? 19.337  21.024  -1.954  1.00 54.23  ? 54  GLU A C   1 
ATOM   420  O O   . GLU A 1 62 ? 20.539  20.725  -1.816  1.00 54.09  ? 54  GLU A O   1 
ATOM   421  C CB  . GLU A 1 62 ? 18.844  23.402  -2.813  1.00 64.64  ? 54  GLU A CB  1 
ATOM   422  C CG  . GLU A 1 62 ? 18.680  24.280  -4.050  1.00 68.56  ? 54  GLU A CG  1 
ATOM   423  C CD  . GLU A 1 62 ? 19.747  24.102  -5.128  1.00 71.26  ? 54  GLU A CD  1 
ATOM   424  O OE1 . GLU A 1 62 ? 20.702  24.909  -5.143  1.00 74.88  ? 54  GLU A OE1 1 
ATOM   425  O OE2 . GLU A 1 62 ? 19.617  23.170  -5.967  1.00 63.04  ? 54  GLU A OE2 1 
ATOM   426  N N   . LEU A 1 63 ? 18.356  20.559  -1.173  1.00 47.43  ? 55  LEU A N   1 
ATOM   427  C CA  . LEU A 1 63 ? 18.604  19.751  0.051   1.00 43.76  ? 55  LEU A CA  1 
ATOM   428  C C   . LEU A 1 63 ? 18.657  18.242  -0.244  1.00 41.21  ? 55  LEU A C   1 
ATOM   429  O O   . LEU A 1 63 ? 19.518  17.552  0.374   1.00 38.62  ? 55  LEU A O   1 
ATOM   430  C CB  . LEU A 1 63 ? 17.516  20.106  1.065   1.00 44.68  ? 55  LEU A CB  1 
ATOM   431  C CG  . LEU A 1 63 ? 17.593  21.550  1.561   1.00 45.33  ? 55  LEU A CG  1 
ATOM   432  C CD1 . LEU A 1 63 ? 16.378  21.922  2.390   1.00 42.07  ? 55  LEU A CD1 1 
ATOM   433  C CD2 . LEU A 1 63 ? 18.880  21.778  2.347   1.00 44.74  ? 55  LEU A CD2 1 
ATOM   434  N N   . PHE A 1 64 ? 17.795  17.735  -1.138  1.00 39.91  ? 56  PHE A N   1 
ATOM   435  C CA  . PHE A 1 64 ? 17.452  16.291  -1.256  1.00 34.07  ? 56  PHE A CA  1 
ATOM   436  C C   . PHE A 1 64 ? 17.491  15.814  -2.707  1.00 34.52  ? 56  PHE A C   1 
ATOM   437  O O   . PHE A 1 64 ? 16.901  16.486  -3.570  1.00 32.78  ? 56  PHE A O   1 
ATOM   438  C CB  . PHE A 1 64 ? 16.040  16.050  -0.748  1.00 32.27  ? 56  PHE A CB  1 
ATOM   439  C CG  . PHE A 1 64 ? 15.738  16.613  0.615   1.00 32.29  ? 56  PHE A CG  1 
ATOM   440  C CD1 . PHE A 1 64 ? 16.361  16.110  1.747   1.00 31.17  ? 56  PHE A CD1 1 
ATOM   441  C CD2 . PHE A 1 64 ? 14.760  17.578  0.777   1.00 33.16  ? 56  PHE A CD2 1 
ATOM   442  C CE1 . PHE A 1 64 ? 16.032  16.575  3.009   1.00 29.02  ? 56  PHE A CE1 1 
ATOM   443  C CE2 . PHE A 1 64 ? 14.449  18.059  2.041   1.00 32.70  ? 56  PHE A CE2 1 
ATOM   444  C CZ  . PHE A 1 64 ? 15.094  17.563  3.151   1.00 30.69  ? 56  PHE A CZ  1 
ATOM   445  N N   . GLU A 1 65 ? 18.117  14.658  -2.953  1.00 36.05  ? 57  GLU A N   1 
ATOM   446  C CA  . GLU A 1 65 ? 18.090  13.968  -4.271  1.00 36.13  ? 57  GLU A CA  1 
ATOM   447  C C   . GLU A 1 65 ? 17.908  12.448  -4.091  1.00 35.30  ? 57  GLU A C   1 
ATOM   448  O O   . GLU A 1 65 ? 18.301  11.899  -3.044  1.00 30.12  ? 57  GLU A O   1 
ATOM   449  C CB  . GLU A 1 65 ? 19.345  14.310  -5.067  1.00 39.11  ? 57  GLU A CB  1 
ATOM   450  C CG  . GLU A 1 65 ? 20.636  13.820  -4.427  1.00 45.51  ? 57  GLU A CG  1 
ATOM   451  C CD  . GLU A 1 65 ? 21.860  13.849  -5.332  1.00 49.28  ? 57  GLU A CD  1 
ATOM   452  O OE1 . GLU A 1 65 ? 21.695  14.093  -6.548  1.00 54.58  ? 57  GLU A OE1 1 
ATOM   453  O OE2 . GLU A 1 65 ? 22.981  13.628  -4.825  1.00 51.54  ? 57  GLU A OE2 1 
ATOM   454  N N   . LYS A 1 66 ? 17.279  11.809  -5.085  1.00 36.86  ? 58  LYS A N   1 
ATOM   455  C CA  . LYS A 1 66 ? 17.204  10.336  -5.243  1.00 35.41  ? 58  LYS A CA  1 
ATOM   456  C C   . LYS A 1 66 ? 18.606  9.820   -5.510  1.00 35.06  ? 58  LYS A C   1 
ATOM   457  O O   . LYS A 1 66 ? 19.288  10.434  -6.334  1.00 34.05  ? 58  LYS A O   1 
ATOM   458  C CB  . LYS A 1 66 ? 16.355  9.931   -6.447  1.00 35.72  ? 58  LYS A CB  1 
ATOM   459  C CG  . LYS A 1 66 ? 14.865  10.150  -6.273  1.00 36.66  ? 58  LYS A CG  1 
ATOM   460  C CD  . LYS A 1 66 ? 14.108  9.864   -7.542  1.00 38.25  ? 58  LYS A CD  1 
ATOM   461  C CE  . LYS A 1 66 ? 12.829  10.660  -7.640  1.00 39.99  ? 58  LYS A CE  1 
ATOM   462  N NZ  . LYS A 1 66 ? 12.205  10.482  -8.969  1.00 41.15  ? 58  LYS A NZ  1 
ATOM   463  N N   . ILE A 1 67 ? 18.994  8.726   -4.864  1.00 35.28  ? 59  ILE A N   1 
ATOM   464  C CA  . ILE A 1 67 ? 20.375  8.179   -4.987  1.00 36.76  ? 59  ILE A CA  1 
ATOM   465  C C   . ILE A 1 67 ? 20.506  7.405   -6.302  1.00 34.16  ? 59  ILE A C   1 
ATOM   466  O O   . ILE A 1 67 ? 21.590  7.460   -6.864  1.00 36.87  ? 59  ILE A O   1 
ATOM   467  C CB  . ILE A 1 67 ? 20.783  7.321   -3.769  1.00 38.16  ? 59  ILE A CB  1 
ATOM   468  C CG1 . ILE A 1 67 ? 22.298  7.101   -3.794  1.00 39.68  ? 59  ILE A CG1 1 
ATOM   469  C CG2 . ILE A 1 67 ? 20.001  6.010   -3.705  1.00 35.26  ? 59  ILE A CG2 1 
ATOM   470  C CD1 . ILE A 1 67 ? 22.877  6.572   -2.509  1.00 43.22  ? 59  ILE A CD1 1 
ATOM   471  N N   . ASP A 1 68 ? 19.468  6.676   -6.728  1.00 33.44  ? 60  ASP A N   1 
ATOM   472  C CA  . ASP A 1 68 ? 19.444  5.919   -8.010  1.00 33.16  ? 60  ASP A CA  1 
ATOM   473  C C   . ASP A 1 68 ? 18.978  6.862   -9.114  1.00 33.55  ? 60  ASP A C   1 
ATOM   474  O O   . ASP A 1 68 ? 17.946  7.496   -8.917  1.00 33.54  ? 60  ASP A O   1 
ATOM   475  C CB  . ASP A 1 68 ? 18.501  4.715   -7.968  1.00 32.01  ? 60  ASP A CB  1 
ATOM   476  C CG  . ASP A 1 68 ? 18.243  4.135   -9.347  1.00 31.67  ? 60  ASP A CG  1 
ATOM   477  O OD1 . ASP A 1 68 ? 19.242  3.992   -10.116 1.00 29.10  ? 60  ASP A OD1 1 
ATOM   478  O OD2 . ASP A 1 68 ? 17.046  3.868   -9.661  1.00 29.22  ? 60  ASP A OD2 1 
ATOM   479  N N   . LYS A 1 69 ? 19.721  6.944   -10.217 1.00 37.89  ? 61  LYS A N   1 
ATOM   480  C CA  . LYS A 1 69 ? 19.465  7.910   -11.322 1.00 38.60  ? 61  LYS A CA  1 
ATOM   481  C C   . LYS A 1 69 ? 19.041  7.146   -12.576 1.00 41.60  ? 61  LYS A C   1 
ATOM   482  O O   . LYS A 1 69 ? 18.808  7.802   -13.614 1.00 40.81  ? 61  LYS A O   1 
ATOM   483  C CB  . LYS A 1 69 ? 20.725  8.732   -11.597 1.00 41.20  ? 61  LYS A CB  1 
ATOM   484  C CG  . LYS A 1 69 ? 21.371  9.383   -10.373 1.00 42.07  ? 61  LYS A CG  1 
ATOM   485  C CD  . LYS A 1 69 ? 20.837  10.757  -10.095 1.00 42.21  ? 61  LYS A CD  1 
ATOM   486  C CE  . LYS A 1 69 ? 21.216  11.293  -8.737  1.00 43.42  ? 61  LYS A CE  1 
ATOM   487  N NZ  . LYS A 1 69 ? 20.422  12.507  -8.436  1.00 46.06  ? 61  LYS A NZ  1 
ATOM   488  N N   . THR A 1 70 ? 18.948  5.815   -12.477 1.00 40.94  ? 62  THR A N   1 
ATOM   489  C CA  . THR A 1 70 ? 18.583  4.906   -13.590 1.00 41.27  ? 62  THR A CA  1 
ATOM   490  C C   . THR A 1 70 ? 17.073  4.646   -13.603 1.00 43.42  ? 62  THR A C   1 
ATOM   491  O O   . THR A 1 70 ? 16.647  3.847   -14.465 1.00 46.18  ? 62  THR A O   1 
ATOM   492  C CB  . THR A 1 70 ? 19.327  3.567   -13.492 1.00 41.76  ? 62  THR A CB  1 
ATOM   493  O OG1 . THR A 1 70 ? 18.786  2.810   -12.408 1.00 38.32  ? 62  THR A OG1 1 
ATOM   494  C CG2 . THR A 1 70 ? 20.820  3.730   -13.307 1.00 41.71  ? 62  THR A CG2 1 
ATOM   495  N N   . ASN A 1 71 ? 16.297  5.221   -12.673 1.00 41.19  ? 63  ASN A N   1 
ATOM   496  C CA  . ASN A 1 71 ? 14.844  4.905   -12.562 1.00 39.56  ? 63  ASN A CA  1 
ATOM   497  C C   . ASN A 1 71 ? 14.666  3.382   -12.453 1.00 35.19  ? 63  ASN A C   1 
ATOM   498  O O   . ASN A 1 71 ? 13.904  2.797   -13.217 1.00 33.09  ? 63  ASN A O   1 
ATOM   499  C CB  . ASN A 1 71 ? 14.034  5.417   -13.765 1.00 41.26  ? 63  ASN A CB  1 
ATOM   500  C CG  . ASN A 1 71 ? 14.406  6.818   -14.206 1.00 45.15  ? 63  ASN A CG  1 
ATOM   501  O OD1 . ASN A 1 71 ? 14.285  7.782   -13.450 1.00 52.09  ? 63  ASN A OD1 1 
ATOM   502  N ND2 . ASN A 1 71 ? 14.861  6.945   -15.438 1.00 44.93  ? 63  ASN A ND2 1 
ATOM   503  N N   . THR A 1 72 ? 15.348  2.733   -11.525 1.00 34.52  ? 64  THR A N   1 
ATOM   504  C CA  . THR A 1 72 ? 15.107  1.298   -11.236 1.00 31.83  ? 64  THR A CA  1 
ATOM   505  C C   . THR A 1 72 ? 14.560  1.117   -9.813  1.00 29.80  ? 64  THR A C   1 
ATOM   506  O O   . THR A 1 72 ? 13.808  0.158   -9.614  1.00 35.27  ? 64  THR A O   1 
ATOM   507  C CB  . THR A 1 72 ? 16.381  0.503   -11.528 1.00 33.30  ? 64  THR A CB  1 
ATOM   508  O OG1 . THR A 1 72 ? 16.907  1.034   -12.744 1.00 31.13  ? 64  THR A OG1 1 
ATOM   509  C CG2 . THR A 1 72 ? 16.112  -0.977  -11.665 1.00 36.72  ? 64  THR A CG2 1 
ATOM   510  N N   . ILE A 1 73 ? 14.885  1.993   -8.863  1.00 25.40  ? 65  ILE A N   1 
ATOM   511  C CA  . ILE A 1 73 ? 14.524  1.783   -7.434  1.00 25.08  ? 65  ILE A CA  1 
ATOM   512  C C   . ILE A 1 73 ? 13.204  2.498   -7.156  1.00 25.74  ? 65  ILE A C   1 
ATOM   513  O O   . ILE A 1 73 ? 13.203  3.719   -7.199  1.00 26.03  ? 65  ILE A O   1 
ATOM   514  C CB  . ILE A 1 73 ? 15.627  2.287   -6.484  1.00 25.03  ? 65  ILE A CB  1 
ATOM   515  C CG1 . ILE A 1 73 ? 16.983  1.614   -6.754  1.00 25.35  ? 65  ILE A CG1 1 
ATOM   516  C CG2 . ILE A 1 73 ? 15.186  2.173   -5.026  1.00 23.15  ? 65  ILE A CG2 1 
ATOM   517  C CD1 . ILE A 1 73 ? 17.009  0.114   -6.572  1.00 25.43  ? 65  ILE A CD1 1 
ATOM   518  N N   . TYR A 1 74 ? 12.168  1.739   -6.793  1.00 26.39  ? 66  TYR A N   1 
ATOM   519  C CA  . TYR A 1 74 ? 10.814  2.235   -6.442  1.00 25.18  ? 66  TYR A CA  1 
ATOM   520  C C   . TYR A 1 74 ? 10.273  1.422   -5.274  1.00 23.86  ? 66  TYR A C   1 
ATOM   521  O O   . TYR A 1 74 ? 10.227  0.196   -5.354  1.00 24.28  ? 66  TYR A O   1 
ATOM   522  C CB  . TYR A 1 74 ? 9.861   2.134   -7.636  1.00 25.87  ? 66  TYR A CB  1 
ATOM   523  C CG  . TYR A 1 74 ? 10.285  2.971   -8.811  1.00 26.75  ? 66  TYR A CG  1 
ATOM   524  C CD1 . TYR A 1 74 ? 10.311  4.349   -8.710  1.00 25.63  ? 66  TYR A CD1 1 
ATOM   525  C CD2 . TYR A 1 74 ? 10.703  2.391   -10.003 1.00 28.07  ? 66  TYR A CD2 1 
ATOM   526  C CE1 . TYR A 1 74 ? 10.709  5.137   -9.775  1.00 28.08  ? 66  TYR A CE1 1 
ATOM   527  C CE2 . TYR A 1 74 ? 11.098  3.170   -11.084 1.00 28.42  ? 66  TYR A CE2 1 
ATOM   528  C CZ  . TYR A 1 74 ? 11.102  4.551   -10.971 1.00 29.11  ? 66  TYR A CZ  1 
ATOM   529  O OH  . TYR A 1 74 ? 11.523  5.353   -12.005 1.00 31.80  ? 66  TYR A OH  1 
ATOM   530  N N   . PRO A 1 75 ? 9.772   2.074   -4.200  1.00 22.65  ? 67  PRO A N   1 
ATOM   531  C CA  . PRO A 1 75 ? 9.731   3.527   -4.112  1.00 22.49  ? 67  PRO A CA  1 
ATOM   532  C C   . PRO A 1 75 ? 11.131  4.112   -4.012  1.00 22.20  ? 67  PRO A C   1 
ATOM   533  O O   . PRO A 1 75 ? 11.982  3.537   -3.351  1.00 23.78  ? 67  PRO A O   1 
ATOM   534  C CB  . PRO A 1 75 ? 8.945   3.799   -2.821  1.00 22.55  ? 67  PRO A CB  1 
ATOM   535  C CG  . PRO A 1 75 ? 9.132   2.571   -2.005  1.00 22.30  ? 67  PRO A CG  1 
ATOM   536  C CD  . PRO A 1 75 ? 9.159   1.451   -3.021  1.00 22.84  ? 67  PRO A CD  1 
ATOM   537  N N   . PRO A 1 76 ? 11.397  5.286   -4.619  1.00 21.63  ? 68  PRO A N   1 
ATOM   538  C CA  . PRO A 1 76 ? 12.733  5.853   -4.625  1.00 22.06  ? 68  PRO A CA  1 
ATOM   539  C C   . PRO A 1 76 ? 13.384  5.917   -3.240  1.00 21.63  ? 68  PRO A C   1 
ATOM   540  O O   . PRO A 1 76 ? 12.700  6.062   -2.270  1.00 19.14  ? 68  PRO A O   1 
ATOM   541  C CB  . PRO A 1 76 ? 12.499  7.259   -5.185  1.00 22.76  ? 68  PRO A CB  1 
ATOM   542  C CG  . PRO A 1 76 ? 11.348  7.058   -6.132  1.00 22.77  ? 68  PRO A CG  1 
ATOM   543  C CD  . PRO A 1 76 ? 10.437  6.126   -5.351  1.00 23.29  ? 68  PRO A CD  1 
ATOM   544  N N   . LEU A 1 77 ? 14.715  5.806   -3.222  1.00 23.01  ? 69  LEU A N   1 
ATOM   545  C CA  . LEU A 1 77 ? 15.565  6.049   -2.026  1.00 22.46  ? 69  LEU A CA  1 
ATOM   546  C C   . LEU A 1 77 ? 16.199  7.451   -2.131  1.00 22.16  ? 69  LEU A C   1 
ATOM   547  O O   . LEU A 1 77 ? 16.736  7.818   -3.192  1.00 19.82  ? 69  LEU A O   1 
ATOM   548  C CB  . LEU A 1 77 ? 16.606  4.929   -1.931  1.00 21.55  ? 69  LEU A CB  1 
ATOM   549  C CG  . LEU A 1 77 ? 16.066  3.549   -1.565  1.00 20.54  ? 69  LEU A CG  1 
ATOM   550  C CD1 . LEU A 1 77 ? 17.147  2.497   -1.708  1.00 19.61  ? 69  LEU A CD1 1 
ATOM   551  C CD2 . LEU A 1 77 ? 15.509  3.532   -0.147  1.00 20.72  ? 69  LEU A CD2 1 
ATOM   552  N N   . TRP A 1 78 ? 16.147  8.190   -1.033  1.00 22.99  ? 70  TRP A N   1 
ATOM   553  C CA  . TRP A 1 78 ? 16.533  9.615   -0.954  1.00 26.69  ? 70  TRP A CA  1 
ATOM   554  C C   . TRP A 1 78 ? 17.741  9.824   -0.035  1.00 29.41  ? 70  TRP A C   1 
ATOM   555  O O   . TRP A 1 78 ? 17.879  9.087   0.993   1.00 28.03  ? 70  TRP A O   1 
ATOM   556  C CB  . TRP A 1 78 ? 15.337  10.412  -0.443  1.00 29.44  ? 70  TRP A CB  1 
ATOM   557  C CG  . TRP A 1 78 ? 14.194  10.452  -1.407  1.00 30.97  ? 70  TRP A CG  1 
ATOM   558  C CD1 . TRP A 1 78 ? 13.144  9.586   -1.494  1.00 28.50  ? 70  TRP A CD1 1 
ATOM   559  C CD2 . TRP A 1 78 ? 13.998  11.439  -2.425  1.00 29.01  ? 70  TRP A CD2 1 
ATOM   560  N NE1 . TRP A 1 78 ? 12.310  9.970   -2.501  1.00 27.26  ? 70  TRP A NE1 1 
ATOM   561  C CE2 . TRP A 1 78 ? 12.801  11.108  -3.083  1.00 29.11  ? 70  TRP A CE2 1 
ATOM   562  C CE3 . TRP A 1 78 ? 14.715  12.569  -2.832  1.00 31.49  ? 70  TRP A CE3 1 
ATOM   563  C CZ2 . TRP A 1 78 ? 12.308  11.867  -4.143  1.00 31.28  ? 70  TRP A CZ2 1 
ATOM   564  C CZ3 . TRP A 1 78 ? 14.221  13.330  -3.869  1.00 32.00  ? 70  TRP A CZ3 1 
ATOM   565  C CH2 . TRP A 1 78 ? 13.028  12.982  -4.511  1.00 32.69  ? 70  TRP A CH2 1 
ATOM   566  N N   . ILE A 1 79 ? 18.535  10.855  -0.342  1.00 31.05  ? 71  ILE A N   1 
ATOM   567  C CA  . ILE A 1 79 ? 19.724  11.254  0.466   1.00 33.01  ? 71  ILE A CA  1 
ATOM   568  C C   . ILE A 1 79 ? 19.790  12.779  0.556   1.00 34.55  ? 71  ILE A C   1 
ATOM   569  O O   . ILE A 1 79 ? 19.249  13.451  -0.341  1.00 30.28  ? 71  ILE A O   1 
ATOM   570  C CB  . ILE A 1 79 ? 21.004  10.648  -0.131  1.00 32.22  ? 71  ILE A CB  1 
ATOM   571  C CG1 . ILE A 1 79 ? 21.152  10.980  -1.620  1.00 34.94  ? 71  ILE A CG1 1 
ATOM   572  C CG2 . ILE A 1 79 ? 21.023  9.150   0.116   1.00 32.76  ? 71  ILE A CG2 1 
ATOM   573  C CD1 . ILE A 1 79 ? 22.599  10.996  -2.123  1.00 35.35  ? 71  ILE A CD1 1 
ATOM   574  N N   . ARG A 1 80 ? 20.417  13.281  1.627   1.00 40.20  ? 72  ARG A N   1 
ATOM   575  C CA  . ARG A 1 80 ? 20.855  14.693  1.746   1.00 42.63  ? 72  ARG A CA  1 
ATOM   576  C C   . ARG A 1 80 ? 21.752  14.988  0.552   1.00 44.41  ? 72  ARG A C   1 
ATOM   577  O O   . ARG A 1 80 ? 22.676  14.175  0.317   1.00 46.03  ? 72  ARG A O   1 
ATOM   578  C CB  . ARG A 1 80 ? 21.635  14.933  3.044   1.00 46.59  ? 72  ARG A CB  1 
ATOM   579  C CG  . ARG A 1 80 ? 20.780  15.244  4.266   1.00 50.43  ? 72  ARG A CG  1 
ATOM   580  C CD  . ARG A 1 80 ? 19.876  16.447  4.058   1.00 56.98  ? 72  ARG A CD  1 
ATOM   581  N NE  . ARG A 1 80 ? 20.558  17.649  3.569   1.00 59.05  ? 72  ARG A NE  1 
ATOM   582  C CZ  . ARG A 1 80 ? 21.064  18.614  4.340   1.00 63.45  ? 72  ARG A CZ  1 
ATOM   583  N NH1 . ARG A 1 80 ? 20.988  18.528  5.663   1.00 65.93  ? 72  ARG A NH1 1 
ATOM   584  N NH2 . ARG A 1 80 ? 21.652  19.665  3.783   1.00 57.42  ? 72  ARG A NH2 1 
ATOM   585  N N   . LYS A 1 81 ? 21.485  16.077  -0.175  1.00 48.62  ? 73  LYS A N   1 
ATOM   586  C CA  . LYS A 1 81 ? 22.373  16.566  -1.265  1.00 52.72  ? 73  LYS A CA  1 
ATOM   587  C C   . LYS A 1 81 ? 23.809  16.697  -0.717  1.00 54.24  ? 73  LYS A C   1 
ATOM   588  O O   . LYS A 1 81 ? 23.995  17.297  0.380   1.00 45.71  ? 73  LYS A O   1 
ATOM   589  C CB  . LYS A 1 81 ? 21.855  17.881  -1.857  1.00 55.26  ? 73  LYS A CB  1 
ATOM   590  C CG  . LYS A 1 81 ? 21.022  17.738  -3.123  1.00 60.41  ? 73  LYS A CG  1 
ATOM   591  C CD  . LYS A 1 81 ? 21.801  17.156  -4.291  1.00 68.16  ? 73  LYS A CD  1 
ATOM   592  C CE  . LYS A 1 81 ? 22.816  18.105  -4.897  1.00 69.25  ? 73  LYS A CE  1 
ATOM   593  N NZ  . LYS A 1 81 ? 22.162  19.057  -5.825  1.00 72.06  ? 73  LYS A NZ  1 
ATOM   594  N N   . ASN A 1 82 ? 24.770  16.104  -1.437  1.00 54.42  ? 74  ASN A N   1 
ATOM   595  C CA  . ASN A 1 82 ? 26.230  16.119  -1.145  1.00 57.70  ? 74  ASN A CA  1 
ATOM   596  C C   . ASN A 1 82 ? 26.665  17.537  -0.744  1.00 59.78  ? 74  ASN A C   1 
ATOM   597  O O   . ASN A 1 82 ? 26.151  18.560  -1.229  1.00 57.26  ? 74  ASN A O   1 
ATOM   598  C CB  . ASN A 1 82 ? 27.017  15.592  -2.349  1.00 60.83  ? 74  ASN A CB  1 
ATOM   599  C CG  . ASN A 1 82 ? 26.685  16.342  -3.624  1.00 64.38  ? 74  ASN A CG  1 
ATOM   600  O OD1 . ASN A 1 82 ? 27.015  17.521  -3.745  1.00 65.79  ? 74  ASN A OD1 1 
ATOM   601  N ND2 . ASN A 1 82 ? 26.015  15.688  -4.565  1.00 64.49  ? 74  ASN A ND2 1 
ATOM   602  N N   . GLU B 1 9  ? -19.481 -7.855  -20.830 1.00 60.33  ? 1   GLU B N   1 
ATOM   603  C CA  . GLU B 1 9  ? -19.378 -6.998  -19.610 1.00 65.00  ? 1   GLU B CA  1 
ATOM   604  C C   . GLU B 1 9  ? -19.905 -7.793  -18.414 1.00 62.99  ? 1   GLU B C   1 
ATOM   605  O O   . GLU B 1 9  ? -19.103 -8.168  -17.537 1.00 64.83  ? 1   GLU B O   1 
ATOM   606  C CB  . GLU B 1 9  ? -20.152 -5.694  -19.794 1.00 69.90  ? 1   GLU B CB  1 
ATOM   607  C CG  . GLU B 1 9  ? -20.096 -4.780  -18.582 1.00 73.64  ? 1   GLU B CG  1 
ATOM   608  C CD  . GLU B 1 9  ? -20.023 -3.308  -18.954 1.00 77.56  ? 1   GLU B CD  1 
ATOM   609  O OE1 . GLU B 1 9  ? -19.433 -3.005  -20.023 1.00 74.33  ? 1   GLU B OE1 1 
ATOM   610  O OE2 . GLU B 1 9  ? -20.555 -2.472  -18.184 1.00 71.12  ? 1   GLU B OE2 1 
ATOM   611  N N   . PHE B 1 10 ? -21.206 -8.068  -18.385 1.00 53.55  ? 2   PHE B N   1 
ATOM   612  C CA  . PHE B 1 10 ? -21.708 -9.286  -17.717 1.00 49.69  ? 2   PHE B CA  1 
ATOM   613  C C   . PHE B 1 10 ? -21.040 -10.446 -18.463 1.00 54.95  ? 2   PHE B C   1 
ATOM   614  O O   . PHE B 1 10 ? -21.013 -10.394 -19.718 1.00 67.22  ? 2   PHE B O   1 
ATOM   615  C CB  . PHE B 1 10 ? -23.238 -9.355  -17.713 1.00 43.48  ? 2   PHE B CB  1 
ATOM   616  C CG  . PHE B 1 10 ? -23.759 -10.561 -16.977 1.00 36.90  ? 2   PHE B CG  1 
ATOM   617  C CD1 . PHE B 1 10 ? -23.739 -11.813 -17.569 1.00 32.76  ? 2   PHE B CD1 1 
ATOM   618  C CD2 . PHE B 1 10 ? -24.198 -10.454 -15.667 1.00 34.40  ? 2   PHE B CD2 1 
ATOM   619  C CE1 . PHE B 1 10 ? -24.162 -12.934 -16.877 1.00 31.26  ? 2   PHE B CE1 1 
ATOM   620  C CE2 . PHE B 1 10 ? -24.634 -11.575 -14.977 1.00 32.87  ? 2   PHE B CE2 1 
ATOM   621  C CZ  . PHE B 1 10 ? -24.608 -12.812 -15.581 1.00 31.20  ? 2   PHE B CZ  1 
ATOM   622  N N   . MET B 1 11 ? -20.493 -11.421 -17.731 1.00 50.59  ? 3   MET B N   1 
ATOM   623  C CA  . MET B 1 11 ? -19.650 -12.534 -18.261 1.00 53.10  ? 3   MET B CA  1 
ATOM   624  C C   . MET B 1 11 ? -18.179 -12.263 -17.907 1.00 47.42  ? 3   MET B C   1 
ATOM   625  O O   . MET B 1 11 ? -17.567 -13.156 -17.323 1.00 42.45  ? 3   MET B O   1 
ATOM   626  C CB  . MET B 1 11 ? -19.810 -12.785 -19.770 1.00 52.26  ? 3   MET B CB  1 
ATOM   627  C CG  . MET B 1 11 ? -20.978 -13.721 -20.108 1.00 55.24  ? 3   MET B CG  1 
ATOM   628  S SD  . MET B 1 11 ? -20.847 -15.351 -19.294 1.00 66.58  ? 3   MET B SD  1 
ATOM   629  C CE  . MET B 1 11 ? -22.566 -15.855 -19.200 1.00 67.20  ? 3   MET B CE  1 
ATOM   630  N N   . GLU B 1 12 ? -17.652 -11.071 -18.187 1.00 46.53  ? 4   GLU B N   1 
ATOM   631  C CA  . GLU B 1 12 ? -16.361 -10.598 -17.605 1.00 49.05  ? 4   GLU B CA  1 
ATOM   632  C C   . GLU B 1 12 ? -16.447 -10.591 -16.066 1.00 44.40  ? 4   GLU B C   1 
ATOM   633  O O   . GLU B 1 12 ? -15.518 -11.137 -15.433 1.00 39.53  ? 4   GLU B O   1 
ATOM   634  C CB  . GLU B 1 12 ? -15.992 -9.204  -18.111 1.00 56.82  ? 4   GLU B CB  1 
ATOM   635  C CG  . GLU B 1 12 ? -15.690 -9.149  -19.601 1.00 64.53  ? 4   GLU B CG  1 
ATOM   636  C CD  . GLU B 1 12 ? -14.404 -8.401  -19.927 1.00 71.41  ? 4   GLU B CD  1 
ATOM   637  O OE1 . GLU B 1 12 ? -14.471 -7.190  -20.252 1.00 67.55  ? 4   GLU B OE1 1 
ATOM   638  O OE2 . GLU B 1 12 ? -13.333 -9.032  -19.846 1.00 81.50  ? 4   GLU B OE2 1 
ATOM   639  N N   . THR B 1 13 ? -17.526 -10.032 -15.492 1.00 38.05  ? 5   THR B N   1 
ATOM   640  C CA  . THR B 1 13 ? -17.804 -10.019 -14.032 1.00 37.00  ? 5   THR B CA  1 
ATOM   641  C C   . THR B 1 13 ? -18.049 -11.442 -13.524 1.00 38.50  ? 5   THR B C   1 
ATOM   642  O O   . THR B 1 13 ? -17.621 -11.740 -12.384 1.00 41.10  ? 5   THR B O   1 
ATOM   643  C CB  . THR B 1 13 ? -18.998 -9.130  -13.678 1.00 38.22  ? 5   THR B CB  1 
ATOM   644  O OG1 . THR B 1 13 ? -18.642 -7.813  -14.094 1.00 41.07  ? 5   THR B OG1 1 
ATOM   645  C CG2 . THR B 1 13 ? -19.343 -9.131  -12.201 1.00 37.43  ? 5   THR B CG2 1 
ATOM   646  N N   . GLN B 1 14 ? -18.737 -12.279 -14.304 1.00 36.68  ? 6   GLN B N   1 
ATOM   647  C CA  . GLN B 1 14 ? -18.973 -13.702 -13.934 1.00 33.39  ? 6   GLN B CA  1 
ATOM   648  C C   . GLN B 1 14 ? -17.635 -14.435 -13.866 1.00 33.31  ? 6   GLN B C   1 
ATOM   649  O O   . GLN B 1 14 ? -17.496 -15.324 -13.011 1.00 34.62  ? 6   GLN B O   1 
ATOM   650  C CB  . GLN B 1 14 ? -19.897 -14.400 -14.933 1.00 31.28  ? 6   GLN B CB  1 
ATOM   651  C CG  . GLN B 1 14 ? -21.341 -13.957 -14.807 1.00 31.64  ? 6   GLN B CG  1 
ATOM   652  C CD  . GLN B 1 14 ? -21.982 -14.368 -13.498 1.00 28.22  ? 6   GLN B CD  1 
ATOM   653  O OE1 . GLN B 1 14 ? -22.261 -15.546 -13.276 1.00 26.37  ? 6   GLN B OE1 1 
ATOM   654  N NE2 . GLN B 1 14 ? -22.267 -13.387 -12.651 1.00 24.48  ? 6   GLN B NE2 1 
ATOM   655  N N   . LYS B 1 15 ? -16.705 -14.079 -14.754 1.00 35.51  ? 7   LYS B N   1 
ATOM   656  C CA  . LYS B 1 15 ? -15.381 -14.732 -14.854 1.00 38.69  ? 7   LYS B CA  1 
ATOM   657  C C   . LYS B 1 15 ? -14.644 -14.401 -13.552 1.00 37.35  ? 7   LYS B C   1 
ATOM   658  O O   . LYS B 1 15 ? -14.178 -15.330 -12.861 1.00 37.07  ? 7   LYS B O   1 
ATOM   659  C CB  . LYS B 1 15 ? -14.673 -14.277 -16.134 1.00 44.81  ? 7   LYS B CB  1 
ATOM   660  C CG  . LYS B 1 15 ? -13.919 -15.362 -16.893 1.00 54.73  ? 7   LYS B CG  1 
ATOM   661  C CD  . LYS B 1 15 ? -12.395 -15.215 -16.877 1.00 63.40  ? 7   LYS B CD  1 
ATOM   662  C CE  . LYS B 1 15 ? -11.692 -16.052 -17.934 1.00 67.57  ? 7   LYS B CE  1 
ATOM   663  N NZ  . LYS B 1 15 ? -10.255 -15.698 -18.068 1.00 67.83  ? 7   LYS B NZ  1 
ATOM   664  N N   . LEU B 1 16 ? -14.634 -13.126 -13.183 1.00 32.21  ? 8   LEU B N   1 
ATOM   665  C CA  . LEU B 1 16 ? -14.078 -12.681 -11.892 1.00 34.18  ? 8   LEU B CA  1 
ATOM   666  C C   . LEU B 1 16 ? -14.747 -13.476 -10.771 1.00 31.04  ? 8   LEU B C   1 
ATOM   667  O O   . LEU B 1 16 ? -14.007 -14.107 -10.005 1.00 31.19  ? 8   LEU B O   1 
ATOM   668  C CB  . LEU B 1 16 ? -14.280 -11.170 -11.720 1.00 39.45  ? 8   LEU B CB  1 
ATOM   669  C CG  . LEU B 1 16 ? -13.111 -10.289 -12.161 1.00 44.08  ? 8   LEU B CG  1 
ATOM   670  C CD1 . LEU B 1 16 ? -13.291 -8.853  -11.689 1.00 50.22  ? 8   LEU B CD1 1 
ATOM   671  C CD2 . LEU B 1 16 ? -11.796 -10.834 -11.637 1.00 45.28  ? 8   LEU B CD2 1 
ATOM   672  N N   . ILE B 1 17 ? -16.082 -13.478 -10.693 1.00 29.11  ? 9   ILE B N   1 
ATOM   673  C CA  . ILE B 1 17 ? -16.811 -14.089 -9.544  1.00 28.41  ? 9   ILE B CA  1 
ATOM   674  C C   . ILE B 1 17 ? -16.397 -15.548 -9.464  1.00 26.15  ? 9   ILE B C   1 
ATOM   675  O O   . ILE B 1 17 ? -16.171 -16.051 -8.349  1.00 27.36  ? 9   ILE B O   1 
ATOM   676  C CB  . ILE B 1 17 ? -18.337 -13.907 -9.609  1.00 30.18  ? 9   ILE B CB  1 
ATOM   677  C CG1 . ILE B 1 17 ? -18.724 -12.429 -9.525  1.00 32.49  ? 9   ILE B CG1 1 
ATOM   678  C CG2 . ILE B 1 17 ? -19.020 -14.704 -8.509  1.00 30.16  ? 9   ILE B CG2 1 
ATOM   679  C CD1 . ILE B 1 17 ? -20.195 -12.161 -9.675  1.00 32.49  ? 9   ILE B CD1 1 
ATOM   680  N N   . SER B 1 18 ? -16.223 -16.179 -10.611 1.00 26.12  ? 10  SER B N   1 
ATOM   681  C CA  . SER B 1 18 ? -15.795 -17.596 -10.688 1.00 26.70  ? 10  SER B CA  1 
ATOM   682  C C   . SER B 1 18 ? -14.381 -17.753 -10.105 1.00 26.57  ? 10  SER B C   1 
ATOM   683  O O   . SER B 1 18 ? -14.167 -18.652 -9.291  1.00 29.00  ? 10  SER B O   1 
ATOM   684  C CB  . SER B 1 18 ? -15.881 -18.068 -12.099 1.00 27.42  ? 10  SER B CB  1 
ATOM   685  O OG  . SER B 1 18 ? -15.819 -19.478 -12.125 1.00 29.91  ? 10  SER B OG  1 
ATOM   686  N N   . MET B 1 19 ? -13.448 -16.889 -10.503 1.00 26.00  ? 11  MET B N   1 
ATOM   687  C CA  . MET B 1 19 ? -12.034 -16.934 -10.064 1.00 26.61  ? 11  MET B CA  1 
ATOM   688  C C   . MET B 1 19 ? -11.954 -16.728 -8.543  1.00 26.28  ? 11  MET B C   1 
ATOM   689  O O   . MET B 1 19 ? -11.253 -17.506 -7.894  1.00 25.92  ? 11  MET B O   1 
ATOM   690  C CB  . MET B 1 19 ? -11.203 -15.894 -10.823 1.00 26.03  ? 11  MET B CB  1 
ATOM   691  C CG  . MET B 1 19 ? -10.772 -16.389 -12.199 1.00 25.49  ? 11  MET B CG  1 
ATOM   692  S SD  . MET B 1 19 ? -10.123 -15.080 -13.277 1.00 25.94  ? 11  MET B SD  1 
ATOM   693  C CE  . MET B 1 19 ? -9.390  -16.138 -14.514 1.00 29.28  ? 11  MET B CE  1 
ATOM   694  N N   . VAL B 1 20 ? -12.713 -15.782 -7.989  1.00 26.31  ? 12  VAL B N   1 
ATOM   695  C CA  . VAL B 1 20 ? -12.752 -15.485 -6.526  1.00 27.11  ? 12  VAL B CA  1 
ATOM   696  C C   . VAL B 1 20 ? -13.297 -16.690 -5.741  1.00 29.21  ? 12  VAL B C   1 
ATOM   697  O O   . VAL B 1 20 ? -12.790 -16.948 -4.651  1.00 28.36  ? 12  VAL B O   1 
ATOM   698  C CB  . VAL B 1 20 ? -13.584 -14.219 -6.269  1.00 28.21  ? 12  VAL B CB  1 
ATOM   699  C CG1 . VAL B 1 20 ? -13.874 -14.002 -4.797  1.00 28.74  ? 12  VAL B CG1 1 
ATOM   700  C CG2 . VAL B 1 20 ? -12.922 -12.992 -6.872  1.00 29.66  ? 12  VAL B CG2 1 
ATOM   701  N N   . LYS B 1 21 ? -14.320 -17.391 -6.237  1.00 33.28  ? 13  LYS B N   1 
ATOM   702  C CA  . LYS B 1 21 ? -14.857 -18.617 -5.576  1.00 34.84  ? 13  LYS B CA  1 
ATOM   703  C C   . LYS B 1 21 ? -13.806 -19.726 -5.620  1.00 34.96  ? 13  LYS B C   1 
ATOM   704  O O   . LYS B 1 21 ? -13.601 -20.416 -4.609  1.00 34.34  ? 13  LYS B O   1 
ATOM   705  C CB  . LYS B 1 21 ? -16.082 -19.158 -6.308  1.00 39.39  ? 13  LYS B CB  1 
ATOM   706  C CG  . LYS B 1 21 ? -17.400 -18.447 -6.064  1.00 43.78  ? 13  LYS B CG  1 
ATOM   707  C CD  . LYS B 1 21 ? -18.539 -19.154 -6.787  1.00 48.23  ? 13  LYS B CD  1 
ATOM   708  C CE  . LYS B 1 21 ? -19.643 -18.227 -7.245  1.00 52.98  ? 13  LYS B CE  1 
ATOM   709  N NZ  . LYS B 1 21 ? -20.904 -18.969 -7.489  1.00 56.00  ? 13  LYS B NZ  1 
ATOM   710  N N   . GLU B 1 22 ? -13.208 -19.918 -6.792  1.00 34.85  ? 14  GLU B N   1 
ATOM   711  C CA  . GLU B 1 22 ? -12.178 -20.954 -7.029  1.00 35.55  ? 14  GLU B CA  1 
ATOM   712  C C   . GLU B 1 22 ? -11.088 -20.743 -5.975  1.00 32.89  ? 14  GLU B C   1 
ATOM   713  O O   . GLU B 1 22 ? -10.613 -21.752 -5.416  1.00 34.82  ? 14  GLU B O   1 
ATOM   714  C CB  . GLU B 1 22 ? -11.686 -20.853 -8.477  1.00 38.94  ? 14  GLU B CB  1 
ATOM   715  C CG  . GLU B 1 22 ? -11.055 -22.118 -9.030  1.00 42.37  ? 14  GLU B CG  1 
ATOM   716  C CD  . GLU B 1 22 ? -10.297 -21.900 -10.334 1.00 49.84  ? 14  GLU B CD  1 
ATOM   717  O OE1 . GLU B 1 22 ? -10.379 -20.784 -10.875 1.00 54.12  ? 14  GLU B OE1 1 
ATOM   718  O OE2 . GLU B 1 22 ? -9.616  -22.840 -10.809 1.00 58.92  ? 14  GLU B OE2 1 
ATOM   719  N N   . ALA B 1 23 ? -10.737 -19.480 -5.686  1.00 30.23  ? 15  ALA B N   1 
ATOM   720  C CA  . ALA B 1 23 ? -9.661  -19.115 -4.730  1.00 28.26  ? 15  ALA B CA  1 
ATOM   721  C C   . ALA B 1 23 ? -10.121 -19.466 -3.319  1.00 26.55  ? 15  ALA B C   1 
ATOM   722  O O   . ALA B 1 23 ? -9.402  -20.162 -2.608  1.00 24.68  ? 15  ALA B O   1 
ATOM   723  C CB  . ALA B 1 23 ? -9.309  -17.655 -4.829  1.00 28.87  ? 15  ALA B CB  1 
ATOM   724  N N   . LEU B 1 24 ? -11.311 -19.011 -2.953  1.00 27.75  ? 16  LEU B N   1 
ATOM   725  C CA  . LEU B 1 24 ? -11.916 -19.287 -1.629  1.00 29.93  ? 16  LEU B CA  1 
ATOM   726  C C   . LEU B 1 24 ? -12.061 -20.808 -1.420  1.00 30.92  ? 16  LEU B C   1 
ATOM   727  O O   . LEU B 1 24 ? -11.709 -21.283 -0.312  1.00 30.65  ? 16  LEU B O   1 
ATOM   728  C CB  . LEU B 1 24 ? -13.244 -18.528 -1.547  1.00 29.22  ? 16  LEU B CB  1 
ATOM   729  C CG  . LEU B 1 24 ? -13.265 -17.221 -0.733  1.00 29.00  ? 16  LEU B CG  1 
ATOM   730  C CD1 . LEU B 1 24 ? -11.927 -16.848 -0.125  1.00 28.11  ? 16  LEU B CD1 1 
ATOM   731  C CD2 . LEU B 1 24 ? -13.803 -16.071 -1.563  1.00 29.20  ? 16  LEU B CD2 1 
ATOM   732  N N   . GLU B 1 25 ? -12.460 -21.557 -2.452  1.00 33.06  ? 17  GLU B N   1 
ATOM   733  C CA  . GLU B 1 25 ? -12.682 -23.031 -2.365  1.00 36.15  ? 17  GLU B CA  1 
ATOM   734  C C   . GLU B 1 25 ? -11.363 -23.761 -2.096  1.00 32.99  ? 17  GLU B C   1 
ATOM   735  O O   . GLU B 1 25 ? -11.405 -24.748 -1.358  1.00 31.12  ? 17  GLU B O   1 
ATOM   736  C CB  . GLU B 1 25 ? -13.314 -23.589 -3.644  1.00 42.43  ? 17  GLU B CB  1 
ATOM   737  C CG  . GLU B 1 25 ? -14.820 -23.804 -3.543  1.00 46.86  ? 17  GLU B CG  1 
ATOM   738  C CD  . GLU B 1 25 ? -15.462 -24.388 -4.799  1.00 52.22  ? 17  GLU B CD  1 
ATOM   739  O OE1 . GLU B 1 25 ? -15.198 -23.837 -5.901  1.00 50.50  ? 17  GLU B OE1 1 
ATOM   740  O OE2 . GLU B 1 25 ? -16.219 -25.402 -4.680  1.00 49.54  ? 17  GLU B OE2 1 
ATOM   741  N N   . LYS B 1 26 ? -10.249 -23.288 -2.663  1.00 32.98  ? 18  LYS B N   1 
ATOM   742  C CA  . LYS B 1 26 ? -8.924  -23.972 -2.633  1.00 34.01  ? 18  LYS B CA  1 
ATOM   743  C C   . LYS B 1 26 ? -8.288  -23.915 -1.240  1.00 32.76  ? 18  LYS B C   1 
ATOM   744  O O   . LYS B 1 26 ? -7.343  -24.693 -1.000  1.00 32.13  ? 18  LYS B O   1 
ATOM   745  C CB  . LYS B 1 26 ? -7.934  -23.326 -3.607  1.00 38.71  ? 18  LYS B CB  1 
ATOM   746  C CG  . LYS B 1 26 ? -7.832  -23.958 -4.989  1.00 43.29  ? 18  LYS B CG  1 
ATOM   747  C CD  . LYS B 1 26 ? -6.440  -23.846 -5.599  1.00 46.18  ? 18  LYS B CD  1 
ATOM   748  C CE  . LYS B 1 26 ? -5.382  -24.637 -4.837  1.00 47.84  ? 18  LYS B CE  1 
ATOM   749  N NZ  . LYS B 1 26 ? -4.094  -24.743 -5.567  1.00 43.83  ? 18  LYS B NZ  1 
ATOM   750  N N   . TYR B 1 27 ? -8.727  -23.003 -0.377  1.00 31.41  ? 19  TYR B N   1 
ATOM   751  C CA  . TYR B 1 27 ? -8.065  -22.712 0.919   1.00 34.81  ? 19  TYR B CA  1 
ATOM   752  C C   . TYR B 1 27 ? -9.102  -22.784 2.033   1.00 38.03  ? 19  TYR B C   1 
ATOM   753  O O   . TYR B 1 27 ? -10.050 -21.991 2.032   1.00 49.29  ? 19  TYR B O   1 
ATOM   754  C CB  . TYR B 1 27 ? -7.325  -21.368 0.841   1.00 33.96  ? 19  TYR B CB  1 
ATOM   755  C CG  . TYR B 1 27 ? -6.152  -21.412 -0.112  1.00 32.21  ? 19  TYR B CG  1 
ATOM   756  C CD1 . TYR B 1 27 ? -4.923  -21.919 0.296   1.00 31.03  ? 19  TYR B CD1 1 
ATOM   757  C CD2 . TYR B 1 27 ? -6.287  -21.022 -1.437  1.00 29.29  ? 19  TYR B CD2 1 
ATOM   758  C CE1 . TYR B 1 27 ? -3.854  -22.026 -0.579  1.00 29.27  ? 19  TYR B CE1 1 
ATOM   759  C CE2 . TYR B 1 27 ? -5.227  -21.117 -2.323  1.00 30.15  ? 19  TYR B CE2 1 
ATOM   760  C CZ  . TYR B 1 27 ? -4.008  -21.623 -1.891  1.00 30.99  ? 19  TYR B CZ  1 
ATOM   761  O OH  . TYR B 1 27 ? -2.942  -21.718 -2.740  1.00 33.86  ? 19  TYR B OH  1 
ATOM   762  N N   . GLN B 1 28 ? -8.897  -23.696 2.974   1.00 41.09  ? 20  GLN B N   1 
ATOM   763  C CA  . GLN B 1 28 ? -9.886  -24.035 4.033   1.00 47.04  ? 20  GLN B CA  1 
ATOM   764  C C   . GLN B 1 28 ? -9.863  -22.979 5.155   1.00 41.71  ? 20  GLN B C   1 
ATOM   765  O O   . GLN B 1 28 ? -9.886  -23.402 6.343   1.00 46.73  ? 20  GLN B O   1 
ATOM   766  C CB  . GLN B 1 28 ? -9.584  -25.435 4.602   1.00 51.82  ? 20  GLN B CB  1 
ATOM   767  C CG  . GLN B 1 28 ? -9.690  -26.578 3.594   1.00 54.00  ? 20  GLN B CG  1 
ATOM   768  C CD  . GLN B 1 28 ? -11.035 -27.265 3.634   1.00 60.97  ? 20  GLN B CD  1 
ATOM   769  O OE1 . GLN B 1 28 ? -11.215 -28.295 4.290   1.00 55.33  ? 20  GLN B OE1 1 
ATOM   770  N NE2 . GLN B 1 28 ? -12.006 -26.684 2.941   1.00 65.02  ? 20  GLN B NE2 1 
ATOM   771  N N   . TYR B 1 29 ? -9.809  -21.678 4.829   1.00 33.58  ? 21  TYR B N   1 
ATOM   772  C CA  . TYR B 1 29 ? -9.771  -20.564 5.828   1.00 31.25  ? 21  TYR B CA  1 
ATOM   773  C C   . TYR B 1 29 ? -9.989  -19.214 5.139   1.00 29.27  ? 21  TYR B C   1 
ATOM   774  O O   . TYR B 1 29 ? -9.852  -19.086 3.912   1.00 26.02  ? 21  TYR B O   1 
ATOM   775  C CB  . TYR B 1 29 ? -8.481  -20.584 6.667   1.00 29.35  ? 21  TYR B CB  1 
ATOM   776  C CG  . TYR B 1 29 ? -7.225  -20.801 5.863   1.00 29.90  ? 21  TYR B CG  1 
ATOM   777  C CD1 . TYR B 1 29 ? -6.709  -19.789 5.077   1.00 29.49  ? 21  TYR B CD1 1 
ATOM   778  C CD2 . TYR B 1 29 ? -6.582  -22.027 5.837   1.00 30.66  ? 21  TYR B CD2 1 
ATOM   779  C CE1 . TYR B 1 29 ? -5.587  -19.972 4.294   1.00 28.44  ? 21  TYR B CE1 1 
ATOM   780  C CE2 . TYR B 1 29 ? -5.441  -22.220 5.076   1.00 31.49  ? 21  TYR B CE2 1 
ATOM   781  C CZ  . TYR B 1 29 ? -4.956  -21.195 4.283   1.00 31.15  ? 21  TYR B CZ  1 
ATOM   782  O OH  . TYR B 1 29 ? -3.856  -21.362 3.489   1.00 35.80  ? 21  TYR B OH  1 
ATOM   783  N N   . PRO B 1 30 ? -10.375 -18.169 5.915   1.00 26.65  ? 22  PRO B N   1 
ATOM   784  C CA  . PRO B 1 30 ? -10.597 -16.828 5.367   1.00 24.97  ? 22  PRO B CA  1 
ATOM   785  C C   . PRO B 1 30 ? -9.367  -16.262 4.637   1.00 24.74  ? 22  PRO B C   1 
ATOM   786  O O   . PRO B 1 30 ? -8.256  -16.550 5.067   1.00 21.23  ? 22  PRO B O   1 
ATOM   787  C CB  . PRO B 1 30 ? -10.890 -15.969 6.605   1.00 24.43  ? 22  PRO B CB  1 
ATOM   788  C CG  . PRO B 1 30 ? -11.393 -16.947 7.628   1.00 24.73  ? 22  PRO B CG  1 
ATOM   789  C CD  . PRO B 1 30 ? -10.625 -18.222 7.360   1.00 24.53  ? 22  PRO B CD  1 
ATOM   790  N N   . LEU B 1 31 ? -9.616  -15.480 3.571   1.00 24.68  ? 23  LEU B N   1 
ATOM   791  C CA  . LEU B 1 31 ? -8.614  -14.844 2.673   1.00 24.34  ? 23  LEU B CA  1 
ATOM   792  C C   . LEU B 1 31 ? -8.888  -13.337 2.577   1.00 25.25  ? 23  LEU B C   1 
ATOM   793  O O   . LEU B 1 31 ? -10.068 -12.925 2.556   1.00 26.47  ? 23  LEU B O   1 
ATOM   794  C CB  . LEU B 1 31 ? -8.690  -15.470 1.276   1.00 23.71  ? 23  LEU B CB  1 
ATOM   795  C CG  . LEU B 1 31 ? -8.358  -16.956 1.172   1.00 24.21  ? 23  LEU B CG  1 
ATOM   796  C CD1 . LEU B 1 31 ? -8.263  -17.393 -0.278  1.00 22.80  ? 23  LEU B CD1 1 
ATOM   797  C CD2 . LEU B 1 31 ? -7.056  -17.296 1.903   1.00 25.57  ? 23  LEU B CD2 1 
ATOM   798  N N   . THR B 1 32 ? -7.830  -12.543 2.449   1.00 24.83  ? 24  THR B N   1 
ATOM   799  C CA  . THR B 1 32 ? -7.924  -11.101 2.115   1.00 26.31  ? 24  THR B CA  1 
ATOM   800  C C   . THR B 1 32 ? -8.169  -10.967 0.603   1.00 25.22  ? 24  THR B C   1 
ATOM   801  O O   . THR B 1 32 ? -8.055  -11.994 -0.130  1.00 21.85  ? 24  THR B O   1 
ATOM   802  C CB  . THR B 1 32 ? -6.660  -10.357 2.564   1.00 27.08  ? 24  THR B CB  1 
ATOM   803  O OG1 . THR B 1 32 ? -5.606  -10.702 1.659   1.00 28.02  ? 24  THR B OG1 1 
ATOM   804  C CG2 . THR B 1 32 ? -6.242  -10.693 3.980   1.00 27.18  ? 24  THR B CG2 1 
ATOM   805  N N   . ALA B 1 33 ? -8.439  -9.739  0.148   1.00 25.33  ? 25  ALA B N   1 
ATOM   806  C CA  . ALA B 1 33 ? -8.540  -9.373  -1.287  1.00 25.48  ? 25  ALA B CA  1 
ATOM   807  C C   . ALA B 1 33 ? -7.192  -9.564  -1.987  1.00 23.78  ? 25  ALA B C   1 
ATOM   808  O O   . ALA B 1 33 ? -7.179  -10.129 -3.083  1.00 25.92  ? 25  ALA B O   1 
ATOM   809  C CB  . ALA B 1 33 ? -9.046  -7.966  -1.428  1.00 26.70  ? 25  ALA B CB  1 
ATOM   810  N N   . LYS B 1 34 ? -6.099  -9.143  -1.362  1.00 24.69  ? 26  LYS B N   1 
ATOM   811  C CA  . LYS B 1 34 ? -4.708  -9.356  -1.854  1.00 26.57  ? 26  LYS B CA  1 
ATOM   812  C C   . LYS B 1 34 ? -4.389  -10.859 -1.941  1.00 25.78  ? 26  LYS B C   1 
ATOM   813  O O   . LYS B 1 34 ? -3.812  -11.278 -2.957  1.00 29.90  ? 26  LYS B O   1 
ATOM   814  C CB  . LYS B 1 34 ? -3.702  -8.668  -0.928  1.00 29.78  ? 26  LYS B CB  1 
ATOM   815  C CG  . LYS B 1 34 ? -3.059  -7.401  -1.456  1.00 31.89  ? 26  LYS B CG  1 
ATOM   816  C CD  . LYS B 1 34 ? -1.852  -7.677  -2.334  1.00 39.88  ? 26  LYS B CD  1 
ATOM   817  C CE  . LYS B 1 34 ? -0.965  -6.461  -2.566  1.00 42.84  ? 26  LYS B CE  1 
ATOM   818  N NZ  . LYS B 1 34 ? -0.084  -6.185  -1.406  1.00 42.09  ? 26  LYS B NZ  1 
ATOM   819  N N   . ASN B 1 35 ? -4.689  -11.650 -0.908  1.00 23.22  ? 27  ASN B N   1 
ATOM   820  C CA  . ASN B 1 35 ? -4.498  -13.123 -0.948  1.00 21.54  ? 27  ASN B CA  1 
ATOM   821  C C   . ASN B 1 35 ? -5.190  -13.662 -2.212  1.00 21.47  ? 27  ASN B C   1 
ATOM   822  O O   . ASN B 1 35 ? -4.579  -14.455 -2.975  1.00 20.45  ? 27  ASN B O   1 
ATOM   823  C CB  . ASN B 1 35 ? -5.090  -13.820 0.279   1.00 22.06  ? 27  ASN B CB  1 
ATOM   824  C CG  . ASN B 1 35 ? -4.463  -13.459 1.607   1.00 23.12  ? 27  ASN B CG  1 
ATOM   825  O OD1 . ASN B 1 35 ? -5.145  -13.466 2.633   1.00 26.25  ? 27  ASN B OD1 1 
ATOM   826  N ND2 . ASN B 1 35 ? -3.166  -13.210 1.635   1.00 23.75  ? 27  ASN B ND2 1 
ATOM   827  N N   . ILE B 1 36 ? -6.440  -13.246 -2.424  1.00 20.80  ? 28  ILE B N   1 
ATOM   828  C CA  . ILE B 1 36 ? -7.276  -13.730 -3.555  1.00 22.18  ? 28  ILE B CA  1 
ATOM   829  C C   . ILE B 1 36 ? -6.624  -13.279 -4.862  1.00 23.02  ? 28  ILE B C   1 
ATOM   830  O O   . ILE B 1 36 ? -6.368  -14.124 -5.695  1.00 21.57  ? 28  ILE B O   1 
ATOM   831  C CB  . ILE B 1 36 ? -8.732  -13.254 -3.401  1.00 22.83  ? 28  ILE B CB  1 
ATOM   832  C CG1 . ILE B 1 36 ? -9.439  -13.967 -2.237  1.00 23.62  ? 28  ILE B CG1 1 
ATOM   833  C CG2 . ILE B 1 36 ? -9.490  -13.458 -4.700  1.00 23.57  ? 28  ILE B CG2 1 
ATOM   834  C CD1 . ILE B 1 36 ? -10.658 -13.241 -1.711  1.00 22.96  ? 28  ILE B CD1 1 
ATOM   835  N N   . LYS B 1 37 ? -6.301  -11.995 -4.997  1.00 25.46  ? 29  LYS B N   1 
ATOM   836  C CA  . LYS B 1 37 ? -5.564  -11.501 -6.175  1.00 27.96  ? 29  LYS B CA  1 
ATOM   837  C C   . LYS B 1 37 ? -4.347  -12.409 -6.435  1.00 27.77  ? 29  LYS B C   1 
ATOM   838  O O   . LYS B 1 37 ? -4.218  -12.919 -7.535  1.00 29.69  ? 29  LYS B O   1 
ATOM   839  C CB  . LYS B 1 37 ? -5.165  -10.039 -5.980  1.00 30.55  ? 29  LYS B CB  1 
ATOM   840  C CG  . LYS B 1 37 ? -4.542  -9.404  -7.220  1.00 32.46  ? 29  LYS B CG  1 
ATOM   841  C CD  . LYS B 1 37 ? -3.190  -8.775  -6.996  1.00 32.86  ? 29  LYS B CD  1 
ATOM   842  C CE  . LYS B 1 37 ? -3.280  -7.600  -6.058  1.00 37.71  ? 29  LYS B CE  1 
ATOM   843  N NZ  . LYS B 1 37 ? -1.969  -6.938  -5.864  1.00 42.97  ? 29  LYS B NZ  1 
ATOM   844  N N   . VAL B 1 38 ? -3.488  -12.649 -5.457  1.00 29.15  ? 30  VAL B N   1 
ATOM   845  C CA  . VAL B 1 38 ? -2.259  -13.464 -5.689  1.00 29.83  ? 30  VAL B CA  1 
ATOM   846  C C   . VAL B 1 38 ? -2.634  -14.913 -6.056  1.00 31.26  ? 30  VAL B C   1 
ATOM   847  O O   . VAL B 1 38 ? -1.983  -15.501 -6.965  1.00 31.71  ? 30  VAL B O   1 
ATOM   848  C CB  . VAL B 1 38 ? -1.336  -13.397 -4.472  1.00 28.03  ? 30  VAL B CB  1 
ATOM   849  C CG1 . VAL B 1 38 ? -0.220  -14.404 -4.580  1.00 27.72  ? 30  VAL B CG1 1 
ATOM   850  C CG2 . VAL B 1 38 ? -0.809  -11.988 -4.298  1.00 28.76  ? 30  VAL B CG2 1 
ATOM   851  N N   . VAL B 1 39 ? -3.646  -15.498 -5.415  1.00 29.45  ? 31  VAL B N   1 
ATOM   852  C CA  . VAL B 1 39 ? -4.037  -16.901 -5.736  1.00 29.25  ? 31  VAL B CA  1 
ATOM   853  C C   . VAL B 1 39 ? -4.520  -16.969 -7.196  1.00 30.63  ? 31  VAL B C   1 
ATOM   854  O O   . VAL B 1 39 ? -4.202  -17.962 -7.887  1.00 31.27  ? 31  VAL B O   1 
ATOM   855  C CB  . VAL B 1 39 ? -5.066  -17.437 -4.728  1.00 28.87  ? 31  VAL B CB  1 
ATOM   856  C CG1 . VAL B 1 39 ? -5.818  -18.637 -5.275  1.00 28.85  ? 31  VAL B CG1 1 
ATOM   857  C CG2 . VAL B 1 39 ? -4.410  -17.771 -3.392  1.00 27.68  ? 31  VAL B CG2 1 
ATOM   858  N N   . ILE B 1 40 ? -5.221  -15.940 -7.672  1.00 31.84  ? 32  ILE B N   1 
ATOM   859  C CA  . ILE B 1 40 ? -5.782  -15.883 -9.054  1.00 34.51  ? 32  ILE B CA  1 
ATOM   860  C C   . ILE B 1 40 ? -4.651  -15.680 -10.082 1.00 39.28  ? 32  ILE B C   1 
ATOM   861  O O   . ILE B 1 40 ? -4.737  -16.262 -11.198 1.00 39.58  ? 32  ILE B O   1 
ATOM   862  C CB  . ILE B 1 40 ? -6.884  -14.807 -9.144  1.00 32.78  ? 32  ILE B CB  1 
ATOM   863  C CG1 . ILE B 1 40 ? -8.113  -15.220 -8.327  1.00 30.62  ? 32  ILE B CG1 1 
ATOM   864  C CG2 . ILE B 1 40 ? -7.239  -14.513 -10.590 1.00 32.00  ? 32  ILE B CG2 1 
ATOM   865  C CD1 . ILE B 1 40 ? -9.118  -14.125 -8.131  1.00 29.44  ? 32  ILE B CD1 1 
ATOM   866  N N   . GLN B 1 41 ? -3.598  -14.943 -9.730  1.00 42.27  ? 33  GLN B N   1 
ATOM   867  C CA  . GLN B 1 41 ? -2.457  -14.687 -10.649 1.00 44.58  ? 33  GLN B CA  1 
ATOM   868  C C   . GLN B 1 41 ? -1.627  -15.968 -10.860 1.00 43.77  ? 33  GLN B C   1 
ATOM   869  O O   . GLN B 1 41 ? -1.329  -16.275 -12.033 1.00 41.06  ? 33  GLN B O   1 
ATOM   870  C CB  . GLN B 1 41 ? -1.720  -13.455 -10.147 1.00 50.08  ? 33  GLN B CB  1 
ATOM   871  C CG  . GLN B 1 41 ? -2.626  -12.231 -10.247 1.00 57.55  ? 33  GLN B CG  1 
ATOM   872  C CD  . GLN B 1 41 ? -1.953  -10.935 -9.882  1.00 65.19  ? 33  GLN B CD  1 
ATOM   873  O OE1 . GLN B 1 41 ? -2.422  -9.849  -10.238 1.00 67.61  ? 33  GLN B OE1 1 
ATOM   874  N NE2 . GLN B 1 41 ? -0.853  -11.055 -9.151  1.00 68.40  ? 33  GLN B NE2 1 
ATOM   875  N N   . LYS B 1 42 ? -1.331  -16.736 -9.808  1.00 44.10  ? 34  LYS B N   1 
ATOM   876  C CA  . LYS B 1 42 ? -0.616  -18.038 -9.923  1.00 46.12  ? 34  LYS B CA  1 
ATOM   877  C C   . LYS B 1 42 ? -1.425  -19.028 -10.766 1.00 45.86  ? 34  LYS B C   1 
ATOM   878  O O   . LYS B 1 42 ? -0.828  -19.679 -11.656 1.00 43.93  ? 34  LYS B O   1 
ATOM   879  C CB  . LYS B 1 42 ? -0.328  -18.637 -8.545  1.00 51.97  ? 34  LYS B CB  1 
ATOM   880  C CG  . LYS B 1 42 ? 0.948   -18.118 -7.887  1.00 57.84  ? 34  LYS B CG  1 
ATOM   881  C CD  . LYS B 1 42 ? 0.923   -16.617 -7.583  1.00 58.14  ? 34  LYS B CD  1 
ATOM   882  C CE  . LYS B 1 42 ? 2.181   -16.115 -6.906  1.00 56.22  ? 34  LYS B CE  1 
ATOM   883  N NZ  . LYS B 1 42 ? 2.517   -16.927 -5.714  1.00 56.84  ? 34  LYS B NZ  1 
ATOM   884  N N   . GLU B 1 43 ? -2.725  -19.157 -10.496 1.00 45.59  ? 35  GLU B N   1 
ATOM   885  C CA  . GLU B 1 43 ? -3.593  -20.145 -11.189 1.00 48.35  ? 35  GLU B CA  1 
ATOM   886  C C   . GLU B 1 43 ? -3.832  -19.727 -12.647 1.00 48.01  ? 35  GLU B C   1 
ATOM   887  O O   . GLU B 1 43 ? -3.824  -20.620 -13.505 1.00 54.12  ? 35  GLU B O   1 
ATOM   888  C CB  . GLU B 1 43 ? -4.936  -20.303 -10.477 1.00 50.86  ? 35  GLU B CB  1 
ATOM   889  C CG  . GLU B 1 43 ? -5.878  -21.265 -11.182 1.00 54.32  ? 35  GLU B CG  1 
ATOM   890  C CD  . GLU B 1 43 ? -5.414  -22.714 -11.237 1.00 58.87  ? 35  GLU B CD  1 
ATOM   891  O OE1 . GLU B 1 43 ? -5.833  -23.436 -12.176 1.00 54.99  ? 35  GLU B OE1 1 
ATOM   892  O OE2 . GLU B 1 43 ? -4.649  -23.122 -10.326 1.00 66.09  ? 35  GLU B OE2 1 
ATOM   893  N N   . HIS B 1 44 ? -4.088  -18.447 -12.918 1.00 43.40  ? 36  HIS B N   1 
ATOM   894  C CA  . HIS B 1 44 ? -4.707  -17.997 -14.194 1.00 43.61  ? 36  HIS B CA  1 
ATOM   895  C C   . HIS B 1 44 ? -3.772  -17.097 -14.991 1.00 46.60  ? 36  HIS B C   1 
ATOM   896  O O   . HIS B 1 44 ? -4.115  -16.794 -16.153 1.00 45.47  ? 36  HIS B O   1 
ATOM   897  C CB  . HIS B 1 44 ? -6.038  -17.291 -13.928 1.00 41.16  ? 36  HIS B CB  1 
ATOM   898  C CG  . HIS B 1 44 ? -7.032  -18.207 -13.316 1.00 40.39  ? 36  HIS B CG  1 
ATOM   899  N ND1 . HIS B 1 44 ? -7.738  -19.119 -14.066 1.00 41.85  ? 36  HIS B ND1 1 
ATOM   900  C CD2 . HIS B 1 44 ? -7.419  -18.373 -12.037 1.00 41.48  ? 36  HIS B CD2 1 
ATOM   901  C CE1 . HIS B 1 44 ? -8.537  -19.801 -13.272 1.00 43.43  ? 36  HIS B CE1 1 
ATOM   902  N NE2 . HIS B 1 44 ? -8.365  -19.359 -12.019 1.00 41.89  ? 36  HIS B NE2 1 
ATOM   903  N N   . ASN B 1 45 ? -2.677  -16.640 -14.383 1.00 52.30  ? 37  ASN B N   1 
ATOM   904  C CA  . ASN B 1 45 ? -1.602  -15.933 -15.115 1.00 53.70  ? 37  ASN B CA  1 
ATOM   905  C C   . ASN B 1 45 ? -2.173  -14.620 -15.675 1.00 54.35  ? 37  ASN B C   1 
ATOM   906  O O   . ASN B 1 45 ? -1.696  -14.164 -16.712 1.00 57.91  ? 37  ASN B O   1 
ATOM   907  C CB  . ASN B 1 45 ? -1.024  -16.895 -16.157 1.00 57.50  ? 37  ASN B CB  1 
ATOM   908  C CG  . ASN B 1 45 ? -0.188  -16.206 -17.204 1.00 60.84  ? 37  ASN B CG  1 
ATOM   909  O OD1 . ASN B 1 45 ? -0.412  -16.398 -18.402 1.00 61.15  ? 37  ASN B OD1 1 
ATOM   910  N ND2 . ASN B 1 45 ? 0.755   -15.397 -16.747 1.00 62.66  ? 37  ASN B ND2 1 
ATOM   911  N N   . VAL B 1 46 ? -3.169  -14.034 -15.006 1.00 56.48  ? 38  VAL B N   1 
ATOM   912  C CA  . VAL B 1 46 ? -3.699  -12.674 -15.319 1.00 58.90  ? 38  VAL B CA  1 
ATOM   913  C C   . VAL B 1 46 ? -3.213  -11.753 -14.197 1.00 59.49  ? 38  VAL B C   1 
ATOM   914  O O   . VAL B 1 46 ? -2.925  -12.264 -13.102 1.00 54.92  ? 38  VAL B O   1 
ATOM   915  C CB  . VAL B 1 46 ? -5.239  -12.644 -15.462 1.00 58.35  ? 38  VAL B CB  1 
ATOM   916  C CG1 . VAL B 1 46 ? -5.748  -13.732 -16.385 1.00 58.92  ? 38  VAL B CG1 1 
ATOM   917  C CG2 . VAL B 1 46 ? -5.965  -12.733 -14.129 1.00 56.03  ? 38  VAL B CG2 1 
ATOM   918  N N   . VAL B 1 47 ? -3.134  -10.455 -14.464 1.00 55.76  ? 39  VAL B N   1 
ATOM   919  C CA  . VAL B 1 47 ? -2.730  -9.432  -13.460 1.00 56.52  ? 39  VAL B CA  1 
ATOM   920  C C   . VAL B 1 47 ? -3.948  -8.538  -13.195 1.00 53.37  ? 39  VAL B C   1 
ATOM   921  O O   . VAL B 1 47 ? -4.350  -7.800  -14.118 1.00 51.32  ? 39  VAL B O   1 
ATOM   922  C CB  . VAL B 1 47 ? -1.500  -8.628  -13.935 1.00 62.09  ? 39  VAL B CB  1 
ATOM   923  C CG1 . VAL B 1 47 ? -1.495  -8.399  -15.448 1.00 60.14  ? 39  VAL B CG1 1 
ATOM   924  C CG2 . VAL B 1 47 ? -1.359  -7.305  -13.178 1.00 60.79  ? 39  VAL B CG2 1 
ATOM   925  N N   . LEU B 1 48 ? -4.509  -8.600  -11.982 1.00 47.98  ? 40  LEU B N   1 
ATOM   926  C CA  . LEU B 1 48 ? -5.732  -7.848  -11.599 1.00 44.47  ? 40  LEU B CA  1 
ATOM   927  C C   . LEU B 1 48 ? -5.432  -6.915  -10.434 1.00 41.67  ? 40  LEU B C   1 
ATOM   928  O O   . LEU B 1 48 ? -4.763  -7.280  -9.477  1.00 46.55  ? 40  LEU B O   1 
ATOM   929  C CB  . LEU B 1 48 ? -6.842  -8.828  -11.216 1.00 44.60  ? 40  LEU B CB  1 
ATOM   930  C CG  . LEU B 1 48 ? -7.218  -9.845  -12.287 1.00 47.49  ? 40  LEU B CG  1 
ATOM   931  C CD1 . LEU B 1 48 ? -8.380  -10.695 -11.816 1.00 49.11  ? 40  LEU B CD1 1 
ATOM   932  C CD2 . LEU B 1 48 ? -7.546  -9.180  -13.617 1.00 46.85  ? 40  LEU B CD2 1 
ATOM   933  N N   . PRO B 1 49 ? -5.910  -5.662  -10.472 1.00 37.66  ? 41  PRO B N   1 
ATOM   934  C CA  . PRO B 1 49 ? -5.800  -4.805  -9.306  1.00 37.75  ? 41  PRO B CA  1 
ATOM   935  C C   . PRO B 1 49 ? -6.634  -5.406  -8.177  1.00 38.82  ? 41  PRO B C   1 
ATOM   936  O O   . PRO B 1 49 ? -7.681  -5.975  -8.441  1.00 44.23  ? 41  PRO B O   1 
ATOM   937  C CB  . PRO B 1 49 ? -6.314  -3.435  -9.761  1.00 38.38  ? 41  PRO B CB  1 
ATOM   938  C CG  . PRO B 1 49 ? -7.029  -3.683  -11.076 1.00 37.63  ? 41  PRO B CG  1 
ATOM   939  C CD  . PRO B 1 49 ? -6.502  -4.988  -11.633 1.00 38.05  ? 41  PRO B CD  1 
ATOM   940  N N   . THR B 1 50 ? -6.133  -5.263  -6.953  1.00 37.90  ? 42  THR B N   1 
ATOM   941  C CA  . THR B 1 50 ? -6.787  -5.710  -5.706  1.00 35.05  ? 42  THR B CA  1 
ATOM   942  C C   . THR B 1 50 ? -8.205  -5.156  -5.672  1.00 33.98  ? 42  THR B C   1 
ATOM   943  O O   . THR B 1 50 ? -9.067  -5.841  -5.119  1.00 37.04  ? 42  THR B O   1 
ATOM   944  C CB  . THR B 1 50 ? -5.993  -5.250  -4.481  1.00 35.05  ? 42  THR B CB  1 
ATOM   945  O OG1 . THR B 1 50 ? -4.719  -5.882  -4.608  1.00 32.67  ? 42  THR B OG1 1 
ATOM   946  C CG2 . THR B 1 50 ? -6.667  -5.596  -3.169  1.00 35.70  ? 42  THR B CG2 1 
ATOM   947  N N   . GLY B 1 51 ? -8.396  -3.941  -6.190  1.00 33.96  ? 43  GLY B N   1 
ATOM   948  C CA  . GLY B 1 51 ? -9.691  -3.238  -6.223  1.00 32.94  ? 43  GLY B CA  1 
ATOM   949  C C   . GLY B 1 51 ? -10.762 -4.072  -6.904  1.00 32.25  ? 43  GLY B C   1 
ATOM   950  O O   . GLY B 1 51 ? -11.858 -4.157  -6.333  1.00 35.84  ? 43  GLY B O   1 
ATOM   951  N N   . SER B 1 52 ? -10.463 -4.642  -8.083  1.00 31.59  ? 44  SER B N   1 
ATOM   952  C CA  . SER B 1 52 ? -11.381 -5.489  -8.893  1.00 29.53  ? 44  SER B CA  1 
ATOM   953  C C   . SER B 1 52 ? -11.988 -6.532  -7.975  1.00 28.35  ? 44  SER B C   1 
ATOM   954  O O   . SER B 1 52 ? -13.203 -6.593  -7.877  1.00 30.29  ? 44  SER B O   1 
ATOM   955  C CB  . SER B 1 52 ? -10.687 -6.199  -10.014 1.00 29.35  ? 44  SER B CB  1 
ATOM   956  O OG  . SER B 1 52 ? -9.869  -5.317  -10.721 1.00 33.92  ? 44  SER B OG  1 
ATOM   957  N N   . ILE B 1 53 ? -11.118 -7.298  -7.323  1.00 29.33  ? 45  ILE B N   1 
ATOM   958  C CA  . ILE B 1 53 ? -11.490 -8.378  -6.362  1.00 30.46  ? 45  ILE B CA  1 
ATOM   959  C C   . ILE B 1 53 ? -12.308 -7.769  -5.220  1.00 29.23  ? 45  ILE B C   1 
ATOM   960  O O   . ILE B 1 53 ? -13.425 -8.227  -4.968  1.00 33.50  ? 45  ILE B O   1 
ATOM   961  C CB  . ILE B 1 53 ? -10.215 -9.089  -5.892  1.00 28.90  ? 45  ILE B CB  1 
ATOM   962  C CG1 . ILE B 1 53 ? -9.765  -10.094 -6.948  1.00 30.22  ? 45  ILE B CG1 1 
ATOM   963  C CG2 . ILE B 1 53 ? -10.406 -9.738  -4.542  1.00 30.04  ? 45  ILE B CG2 1 
ATOM   964  C CD1 . ILE B 1 53 ? -8.296  -10.083 -7.162  1.00 32.94  ? 45  ILE B CD1 1 
ATOM   965  N N   . ASN B 1 54 ? -11.788 -6.726  -4.599  1.00 27.74  ? 46  ASN B N   1 
ATOM   966  C CA  . ASN B 1 54 ? -12.500 -5.984  -3.538  1.00 27.40  ? 46  ASN B CA  1 
ATOM   967  C C   . ASN B 1 54 ? -13.918 -5.673  -4.008  1.00 26.83  ? 46  ASN B C   1 
ATOM   968  O O   . ASN B 1 54 ? -14.888 -5.923  -3.241  1.00 26.14  ? 46  ASN B O   1 
ATOM   969  C CB  . ASN B 1 54 ? -11.756 -4.704  -3.199  1.00 27.56  ? 46  ASN B CB  1 
ATOM   970  C CG  . ASN B 1 54 ? -11.671 -4.531  -1.712  1.00 29.09  ? 46  ASN B CG  1 
ATOM   971  O OD1 . ASN B 1 54 ? -11.635 -5.523  -0.980  1.00 28.53  ? 46  ASN B OD1 1 
ATOM   972  N ND2 . ASN B 1 54 ? -11.656 -3.283  -1.275  1.00 31.45  ? 46  ASN B ND2 1 
ATOM   973  N N   . SER B 1 55 ? -14.019 -5.187  -5.244  1.00 25.02  ? 47  SER B N   1 
ATOM   974  C CA  . SER B 1 55 ? -15.292 -4.763  -5.861  1.00 26.23  ? 47  SER B CA  1 
ATOM   975  C C   . SER B 1 55 ? -16.233 -5.970  -5.936  1.00 28.33  ? 47  SER B C   1 
ATOM   976  O O   . SER B 1 55 ? -17.457 -5.815  -5.616  1.00 27.37  ? 47  SER B O   1 
ATOM   977  C CB  . SER B 1 55 ? -15.055 -4.143  -7.197  1.00 25.87  ? 47  SER B CB  1 
ATOM   978  O OG  . SER B 1 55 ? -16.282 -3.743  -7.773  1.00 25.73  ? 47  SER B OG  1 
ATOM   979  N N   . ILE B 1 56 ? -15.681 -7.126  -6.314  1.00 26.86  ? 48  ILE B N   1 
ATOM   980  C CA  . ILE B 1 56 ? -16.456 -8.390  -6.445  1.00 27.92  ? 48  ILE B CA  1 
ATOM   981  C C   . ILE B 1 56 ? -16.978 -8.791  -5.057  1.00 28.36  ? 48  ILE B C   1 
ATOM   982  O O   . ILE B 1 56 ? -18.168 -9.125  -4.950  1.00 28.17  ? 48  ILE B O   1 
ATOM   983  C CB  . ILE B 1 56 ? -15.586 -9.479  -7.100  1.00 29.09  ? 48  ILE B CB  1 
ATOM   984  C CG1 . ILE B 1 56 ? -15.261 -9.135  -8.557  1.00 30.77  ? 48  ILE B CG1 1 
ATOM   985  C CG2 . ILE B 1 56 ? -16.229 -10.850 -6.987  1.00 29.67  ? 48  ILE B CG2 1 
ATOM   986  C CD1 . ILE B 1 56 ? -16.454 -9.104  -9.468  1.00 31.66  ? 48  ILE B CD1 1 
ATOM   987  N N   . LEU B 1 57 ? -16.128 -8.754  -4.028  1.00 27.70  ? 49  LEU B N   1 
ATOM   988  C CA  . LEU B 1 57 ? -16.468 -9.272  -2.676  1.00 27.94  ? 49  LEU B CA  1 
ATOM   989  C C   . LEU B 1 57 ? -17.604 -8.427  -2.079  1.00 25.90  ? 49  LEU B C   1 
ATOM   990  O O   . LEU B 1 57 ? -18.561 -8.978  -1.522  1.00 23.63  ? 49  LEU B O   1 
ATOM   991  C CB  . LEU B 1 57 ? -15.220 -9.202  -1.792  1.00 29.98  ? 49  LEU B CB  1 
ATOM   992  C CG  . LEU B 1 57 ? -14.037 -10.070 -2.213  1.00 30.02  ? 49  LEU B CG  1 
ATOM   993  C CD1 . LEU B 1 57 ? -12.792 -9.646  -1.446  1.00 29.14  ? 49  LEU B CD1 1 
ATOM   994  C CD2 . LEU B 1 57 ? -14.327 -11.559 -1.996  1.00 30.16  ? 49  LEU B CD2 1 
ATOM   995  N N   . TYR B 1 58 ? -17.488 -7.116  -2.188  1.00 25.73  ? 50  TYR B N   1 
ATOM   996  C CA  . TYR B 1 58 ? -18.451 -6.153  -1.603  1.00 27.91  ? 50  TYR B CA  1 
ATOM   997  C C   . TYR B 1 58 ? -19.759 -6.113  -2.418  1.00 28.98  ? 50  TYR B C   1 
ATOM   998  O O   . TYR B 1 58 ? -20.829 -5.953  -1.787  1.00 31.92  ? 50  TYR B O   1 
ATOM   999  C CB  . TYR B 1 58 ? -17.806 -4.770  -1.516  1.00 26.66  ? 50  TYR B CB  1 
ATOM   1000 C CG  . TYR B 1 58 ? -17.014 -4.480  -0.268  1.00 25.29  ? 50  TYR B CG  1 
ATOM   1001 C CD1 . TYR B 1 58 ? -17.665 -4.251  0.931   1.00 24.86  ? 50  TYR B CD1 1 
ATOM   1002 C CD2 . TYR B 1 58 ? -15.631 -4.348  -0.300  1.00 25.41  ? 50  TYR B CD2 1 
ATOM   1003 C CE1 . TYR B 1 58 ? -16.959 -3.929  2.081   1.00 25.49  ? 50  TYR B CE1 1 
ATOM   1004 C CE2 . TYR B 1 58 ? -14.905 -4.033  0.842   1.00 25.36  ? 50  TYR B CE2 1 
ATOM   1005 C CZ  . TYR B 1 58 ? -15.577 -3.809  2.042   1.00 26.26  ? 50  TYR B CZ  1 
ATOM   1006 O OH  . TYR B 1 58 ? -14.905 -3.480  3.199   1.00 25.07  ? 50  TYR B OH  1 
ATOM   1007 N N   . SER B 1 59 ? -19.701 -6.234  -3.752  1.00 28.64  ? 51  SER B N   1 
ATOM   1008 C CA  . SER B 1 59 ? -20.883 -6.101  -4.650  1.00 30.14  ? 51  SER B CA  1 
ATOM   1009 C C   . SER B 1 59 ? -21.693 -7.400  -4.725  1.00 28.02  ? 51  SER B C   1 
ATOM   1010 O O   . SER B 1 59 ? -22.746 -7.348  -5.335  1.00 30.03  ? 51  SER B O   1 
ATOM   1011 C CB  . SER B 1 59 ? -20.492 -5.666  -6.044  1.00 30.43  ? 51  SER B CB  1 
ATOM   1012 O OG  . SER B 1 59 ? -19.802 -4.427  -6.015  1.00 33.66  ? 51  SER B OG  1 
ATOM   1013 N N   . ASN B 1 60 ? -21.229 -8.520  -4.166  1.00 26.94  ? 52  ASN B N   1 
ATOM   1014 C CA  . ASN B 1 60 ? -21.974 -9.808  -4.221  1.00 27.95  ? 52  ASN B CA  1 
ATOM   1015 C C   . ASN B 1 60 ? -22.155 -10.351 -2.804  1.00 29.26  ? 52  ASN B C   1 
ATOM   1016 O O   . ASN B 1 60 ? -21.520 -11.339 -2.460  1.00 30.95  ? 52  ASN B O   1 
ATOM   1017 C CB  . ASN B 1 60 ? -21.318 -10.759 -5.216  1.00 27.68  ? 52  ASN B CB  1 
ATOM   1018 C CG  . ASN B 1 60 ? -21.156 -10.096 -6.572  1.00 27.03  ? 52  ASN B CG  1 
ATOM   1019 O OD1 . ASN B 1 60 ? -21.986 -10.260 -7.450  1.00 28.23  ? 52  ASN B OD1 1 
ATOM   1020 N ND2 . ASN B 1 60 ? -20.108 -9.314  -6.763  1.00 27.60  ? 52  ASN B ND2 1 
ATOM   1021 N N   . SER B 1 61 ? -23.034 -9.702  -2.037  1.00 35.71  ? 53  SER B N   1 
ATOM   1022 C CA  . SER B 1 61 ? -23.369 -9.983  -0.612  1.00 38.76  ? 53  SER B CA  1 
ATOM   1023 C C   . SER B 1 61 ? -23.975 -11.378 -0.446  1.00 39.41  ? 53  SER B C   1 
ATOM   1024 O O   . SER B 1 61 ? -23.855 -11.964 0.642   1.00 47.02  ? 53  SER B O   1 
ATOM   1025 C CB  . SER B 1 61 ? -24.313 -8.952  -0.081  1.00 40.86  ? 53  SER B CB  1 
ATOM   1026 O OG  . SER B 1 61 ? -23.736 -7.663  -0.173  1.00 44.07  ? 53  SER B OG  1 
ATOM   1027 N N   . GLU B 1 62 ? -24.614 -11.899 -1.481  1.00 38.73  ? 54  GLU B N   1 
ATOM   1028 C CA  . GLU B 1 62 ? -25.212 -13.251 -1.446  1.00 39.16  ? 54  GLU B CA  1 
ATOM   1029 C C   . GLU B 1 62 ? -24.093 -14.289 -1.586  1.00 36.65  ? 54  GLU B C   1 
ATOM   1030 O O   . GLU B 1 62 ? -24.284 -15.444 -1.169  1.00 37.29  ? 54  GLU B O   1 
ATOM   1031 C CB  . GLU B 1 62 ? -26.286 -13.341 -2.530  1.00 46.11  ? 54  GLU B CB  1 
ATOM   1032 C CG  . GLU B 1 62 ? -27.310 -12.209 -2.450  1.00 52.43  ? 54  GLU B CG  1 
ATOM   1033 C CD  . GLU B 1 62 ? -27.925 -12.020 -1.063  1.00 59.73  ? 54  GLU B CD  1 
ATOM   1034 O OE1 . GLU B 1 62 ? -27.768 -10.916 -0.482  1.00 65.56  ? 54  GLU B OE1 1 
ATOM   1035 O OE2 . GLU B 1 62 ? -28.547 -12.986 -0.551  1.00 61.48  ? 54  GLU B OE2 1 
ATOM   1036 N N   . LEU B 1 63 ? -22.951 -13.910 -2.153  1.00 34.55  ? 55  LEU B N   1 
ATOM   1037 C CA  . LEU B 1 63 ? -21.878 -14.888 -2.473  1.00 33.98  ? 55  LEU B CA  1 
ATOM   1038 C C   . LEU B 1 63 ? -20.765 -14.813 -1.422  1.00 30.84  ? 55  LEU B C   1 
ATOM   1039 O O   . LEU B 1 63 ? -20.214 -15.874 -1.075  1.00 29.96  ? 55  LEU B O   1 
ATOM   1040 C CB  . LEU B 1 63 ? -21.356 -14.622 -3.893  1.00 35.22  ? 55  LEU B CB  1 
ATOM   1041 C CG  . LEU B 1 63 ? -22.406 -14.698 -5.001  1.00 34.03  ? 55  LEU B CG  1 
ATOM   1042 C CD1 . LEU B 1 63 ? -21.773 -14.509 -6.370  1.00 32.61  ? 55  LEU B CD1 1 
ATOM   1043 C CD2 . LEU B 1 63 ? -23.168 -16.012 -4.943  1.00 34.26  ? 55  LEU B CD2 1 
ATOM   1044 N N   . PHE B 1 64 ? -20.448 -13.617 -0.925  1.00 28.24  ? 56  PHE B N   1 
ATOM   1045 C CA  . PHE B 1 64 ? -19.259 -13.387 -0.074  1.00 26.65  ? 56  PHE B CA  1 
ATOM   1046 C C   . PHE B 1 64 ? -19.629 -12.517 1.122   1.00 26.20  ? 56  PHE B C   1 
ATOM   1047 O O   . PHE B 1 64 ? -20.392 -11.572 0.955   1.00 25.74  ? 56  PHE B O   1 
ATOM   1048 C CB  . PHE B 1 64 ? -18.155 -12.687 -0.876  1.00 25.12  ? 56  PHE B CB  1 
ATOM   1049 C CG  . PHE B 1 64 ? -17.886 -13.290 -2.226  1.00 23.42  ? 56  PHE B CG  1 
ATOM   1050 C CD1 . PHE B 1 64 ? -17.332 -14.551 -2.332  1.00 23.43  ? 56  PHE B CD1 1 
ATOM   1051 C CD2 . PHE B 1 64 ? -18.177 -12.590 -3.387  1.00 23.99  ? 56  PHE B CD2 1 
ATOM   1052 C CE1 . PHE B 1 64 ? -17.086 -15.112 -3.576  1.00 23.90  ? 56  PHE B CE1 1 
ATOM   1053 C CE2 . PHE B 1 64 ? -17.922 -13.145 -4.628  1.00 23.87  ? 56  PHE B CE2 1 
ATOM   1054 C CZ  . PHE B 1 64 ? -17.382 -14.409 -4.721  1.00 23.78  ? 56  PHE B CZ  1 
ATOM   1055 N N   . GLU B 1 65 ? -19.025 -12.801 2.272   1.00 28.94  ? 57  GLU B N   1 
ATOM   1056 C CA  . GLU B 1 65 ? -19.141 -11.981 3.506   1.00 31.87  ? 57  GLU B CA  1 
ATOM   1057 C C   . GLU B 1 65 ? -17.772 -11.920 4.168   1.00 30.38  ? 57  GLU B C   1 
ATOM   1058 O O   . GLU B 1 65 ? -16.942 -12.792 3.849   1.00 32.88  ? 57  GLU B O   1 
ATOM   1059 C CB  . GLU B 1 65 ? -20.158 -12.577 4.484   1.00 33.79  ? 57  GLU B CB  1 
ATOM   1060 C CG  . GLU B 1 65 ? -19.898 -14.034 4.820   1.00 36.27  ? 57  GLU B CG  1 
ATOM   1061 C CD  . GLU B 1 65 ? -20.917 -14.635 5.772   1.00 40.68  ? 57  GLU B CD  1 
ATOM   1062 O OE1 . GLU B 1 65 ? -21.085 -14.068 6.870   1.00 45.03  ? 57  GLU B OE1 1 
ATOM   1063 O OE2 . GLU B 1 65 ? -21.540 -15.664 5.419   1.00 44.05  ? 57  GLU B OE2 1 
ATOM   1064 N N   . LYS B 1 66 ? -17.574 -10.935 5.044   1.00 28.15  ? 58  LYS B N   1 
ATOM   1065 C CA  . LYS B 1 66 ? -16.399 -10.826 5.942   1.00 27.61  ? 58  LYS B CA  1 
ATOM   1066 C C   . LYS B 1 66 ? -16.611 -11.756 7.140   1.00 28.15  ? 58  LYS B C   1 
ATOM   1067 O O   . LYS B 1 66 ? -17.745 -11.867 7.608   1.00 28.33  ? 58  LYS B O   1 
ATOM   1068 C CB  . LYS B 1 66 ? -16.241 -9.382  6.417   1.00 27.78  ? 58  LYS B CB  1 
ATOM   1069 C CG  . LYS B 1 66 ? -16.006 -8.338  5.335   1.00 26.54  ? 58  LYS B CG  1 
ATOM   1070 C CD  . LYS B 1 66 ? -16.522 -6.983  5.736   1.00 26.04  ? 58  LYS B CD  1 
ATOM   1071 C CE  . LYS B 1 66 ? -15.823 -5.851  5.012   1.00 26.18  ? 58  LYS B CE  1 
ATOM   1072 N NZ  . LYS B 1 66 ? -16.408 -4.541  5.379   1.00 27.09  ? 58  LYS B NZ  1 
ATOM   1073 N N   . ILE B 1 67 ? -15.563 -12.416 7.624   1.00 29.21  ? 59  ILE B N   1 
ATOM   1074 C CA  . ILE B 1 67 ? -15.690 -13.331 8.799   1.00 30.26  ? 59  ILE B CA  1 
ATOM   1075 C C   . ILE B 1 67 ? -15.809 -12.479 10.081  1.00 32.55  ? 59  ILE B C   1 
ATOM   1076 O O   . ILE B 1 67 ? -16.460 -12.896 11.034  1.00 32.32  ? 59  ILE B O   1 
ATOM   1077 C CB  . ILE B 1 67 ? -14.512 -14.318 8.838   1.00 28.00  ? 59  ILE B CB  1 
ATOM   1078 C CG1 . ILE B 1 67 ? -14.682 -15.346 9.963   1.00 27.90  ? 59  ILE B CG1 1 
ATOM   1079 C CG2 . ILE B 1 67 ? -13.189 -13.569 8.947   1.00 27.37  ? 59  ILE B CG2 1 
ATOM   1080 C CD1 . ILE B 1 67 ? -15.258 -16.678 9.551   1.00 27.50  ? 59  ILE B CD1 1 
ATOM   1081 N N   . ASP B 1 68 ? -15.192 -11.304 10.105  1.00 35.72  ? 60  ASP B N   1 
ATOM   1082 C CA  . ASP B 1 68 ? -15.333 -10.341 11.217  1.00 38.53  ? 60  ASP B CA  1 
ATOM   1083 C C   . ASP B 1 68 ? -16.266 -9.209  10.784  1.00 43.78  ? 60  ASP B C   1 
ATOM   1084 O O   . ASP B 1 68 ? -15.939 -8.533  9.782   1.00 41.28  ? 60  ASP B O   1 
ATOM   1085 C CB  . ASP B 1 68 ? -13.982 -9.771  11.626  1.00 37.68  ? 60  ASP B CB  1 
ATOM   1086 C CG  . ASP B 1 68 ? -14.149 -8.542  12.491  1.00 38.71  ? 60  ASP B CG  1 
ATOM   1087 O OD1 . ASP B 1 68 ? -15.115 -8.518  13.298  1.00 37.16  ? 60  ASP B OD1 1 
ATOM   1088 O OD2 . ASP B 1 68 ? -13.324 -7.626  12.347  1.00 41.45  ? 60  ASP B OD2 1 
ATOM   1089 N N   . LYS B 1 69 ? -17.330 -8.979  11.561  1.00 51.27  ? 61  LYS B N   1 
ATOM   1090 C CA  . LYS B 1 69 ? -18.390 -7.969  11.288  1.00 59.08  ? 61  LYS B CA  1 
ATOM   1091 C C   . LYS B 1 69 ? -18.228 -6.736  12.193  1.00 62.08  ? 61  LYS B C   1 
ATOM   1092 O O   . LYS B 1 69 ? -18.993 -5.773  11.987  1.00 61.23  ? 61  LYS B O   1 
ATOM   1093 C CB  . LYS B 1 69 ? -19.786 -8.577  11.482  1.00 62.78  ? 61  LYS B CB  1 
ATOM   1094 C CG  . LYS B 1 69 ? -20.371 -9.257  10.252  1.00 63.12  ? 61  LYS B CG  1 
ATOM   1095 C CD  . LYS B 1 69 ? -20.250 -10.768 10.263  1.00 65.28  ? 61  LYS B CD  1 
ATOM   1096 C CE  . LYS B 1 69 ? -20.143 -11.343 8.868   1.00 66.06  ? 61  LYS B CE  1 
ATOM   1097 N NZ  . LYS B 1 69 ? -21.092 -10.708 7.922   1.00 68.29  ? 61  LYS B NZ  1 
ATOM   1098 N N   . THR B 1 70 ? -17.271 -6.742  13.131  1.00 61.63  ? 62  THR B N   1 
ATOM   1099 C CA  . THR B 1 70 ? -17.006 -5.625  14.089  1.00 57.39  ? 62  THR B CA  1 
ATOM   1100 C C   . THR B 1 70 ? -16.037 -4.604  13.470  1.00 58.01  ? 62  THR B C   1 
ATOM   1101 O O   . THR B 1 70 ? -15.694 -3.631  14.152  1.00 61.00  ? 62  THR B O   1 
ATOM   1102 C CB  . THR B 1 70 ? -16.483 -6.158  15.431  1.00 54.94  ? 62  THR B CB  1 
ATOM   1103 O OG1 . THR B 1 70 ? -15.069 -6.354  15.358  1.00 52.73  ? 62  THR B OG1 1 
ATOM   1104 C CG2 . THR B 1 70 ? -17.146 -7.454  15.849  1.00 55.02  ? 62  THR B CG2 1 
ATOM   1105 N N   . ASN B 1 71 ? -15.587 -4.824  12.230  1.00 64.45  ? 63  ASN B N   1 
ATOM   1106 C CA  . ASN B 1 71 ? -14.653 -3.927  11.484  1.00 65.35  ? 63  ASN B CA  1 
ATOM   1107 C C   . ASN B 1 71 ? -13.300 -3.834  12.204  1.00 58.09  ? 63  ASN B C   1 
ATOM   1108 O O   . ASN B 1 71 ? -12.508 -2.923  11.853  1.00 57.93  ? 63  ASN B O   1 
ATOM   1109 C CB  . ASN B 1 71 ? -15.253 -2.533  11.252  1.00 70.86  ? 63  ASN B CB  1 
ATOM   1110 C CG  . ASN B 1 71 ? -15.943 -2.401  9.911   1.00 67.37  ? 63  ASN B CG  1 
ATOM   1111 O OD1 . ASN B 1 71 ? -15.396 -2.797  8.880   1.00 62.52  ? 63  ASN B OD1 1 
ATOM   1112 N ND2 . ASN B 1 71 ? -17.145 -1.847  9.921   1.00 65.93  ? 63  ASN B ND2 1 
ATOM   1113 N N   . THR B 1 72 ? -13.022 -4.767  13.123  1.00 48.31  ? 64  THR B N   1 
ATOM   1114 C CA  . THR B 1 72 ? -11.727 -4.894  13.837  1.00 43.85  ? 64  THR B CA  1 
ATOM   1115 C C   . THR B 1 72 ? -10.651 -5.487  12.912  1.00 39.93  ? 64  THR B C   1 
ATOM   1116 O O   . THR B 1 72 ? -9.503  -5.053  13.017  1.00 39.91  ? 64  THR B O   1 
ATOM   1117 C CB  . THR B 1 72 ? -11.923 -5.695  15.121  1.00 42.60  ? 64  THR B CB  1 
ATOM   1118 O OG1 . THR B 1 72 ? -12.950 -4.986  15.813  1.00 43.63  ? 64  THR B OG1 1 
ATOM   1119 C CG2 . THR B 1 72 ? -10.665 -5.790  15.950  1.00 42.87  ? 64  THR B CG2 1 
ATOM   1120 N N   . ILE B 1 73 ? -10.993 -6.442  12.044  1.00 36.15  ? 65  ILE B N   1 
ATOM   1121 C CA  . ILE B 1 73 ? -10.002 -7.122  11.160  1.00 32.48  ? 65  ILE B CA  1 
ATOM   1122 C C   . ILE B 1 73 ? -9.841  -6.318  9.873   1.00 30.95  ? 65  ILE B C   1 
ATOM   1123 O O   . ILE B 1 73 ? -10.787 -6.304  9.075   1.00 31.57  ? 65  ILE B O   1 
ATOM   1124 C CB  . ILE B 1 73 ? -10.414 -8.572  10.879  1.00 31.25  ? 65  ILE B CB  1 
ATOM   1125 C CG1 . ILE B 1 73 ? -10.398 -9.393  12.168  1.00 31.89  ? 65  ILE B CG1 1 
ATOM   1126 C CG2 . ILE B 1 73 ? -9.526  -9.184  9.804   1.00 32.18  ? 65  ILE B CG2 1 
ATOM   1127 C CD1 . ILE B 1 73 ? -9.058  -9.411  12.866  1.00 30.11  ? 65  ILE B CD1 1 
ATOM   1128 N N   . TYR B 1 74 ? -8.690  -5.666  9.716   1.00 29.18  ? 66  TYR B N   1 
ATOM   1129 C CA  . TYR B 1 74 ? -8.283  -4.946  8.488   1.00 29.22  ? 66  TYR B CA  1 
ATOM   1130 C C   . TYR B 1 74 ? -6.859  -5.350  8.116   1.00 26.97  ? 66  TYR B C   1 
ATOM   1131 O O   . TYR B 1 74 ? -6.018  -5.528  8.996   1.00 25.07  ? 66  TYR B O   1 
ATOM   1132 C CB  . TYR B 1 74 ? -8.332  -3.427  8.660   1.00 32.52  ? 66  TYR B CB  1 
ATOM   1133 C CG  . TYR B 1 74 ? -8.031  -2.706  7.368   1.00 35.79  ? 66  TYR B CG  1 
ATOM   1134 C CD1 . TYR B 1 74 ? -9.001  -2.617  6.390   1.00 35.25  ? 66  TYR B CD1 1 
ATOM   1135 C CD2 . TYR B 1 74 ? -6.769  -2.203  7.070   1.00 38.29  ? 66  TYR B CD2 1 
ATOM   1136 C CE1 . TYR B 1 74 ? -8.756  -2.020  5.169   1.00 34.72  ? 66  TYR B CE1 1 
ATOM   1137 C CE2 . TYR B 1 74 ? -6.506  -1.596  5.849   1.00 37.62  ? 66  TYR B CE2 1 
ATOM   1138 C CZ  . TYR B 1 74 ? -7.508  -1.503  4.896   1.00 37.37  ? 66  TYR B CZ  1 
ATOM   1139 O OH  . TYR B 1 74 ? -7.319  -0.910  3.676   1.00 41.08  ? 66  TYR B OH  1 
ATOM   1140 N N   . PRO B 1 75 ? -6.555  -5.518  6.810   1.00 26.16  ? 67  PRO B N   1 
ATOM   1141 C CA  . PRO B 1 75 ? -7.575  -5.578  5.763   1.00 25.88  ? 67  PRO B CA  1 
ATOM   1142 C C   . PRO B 1 75 ? -8.512  -6.764  5.970   1.00 26.35  ? 67  PRO B C   1 
ATOM   1143 O O   . PRO B 1 75 ? -8.078  -7.823  6.425   1.00 27.00  ? 67  PRO B O   1 
ATOM   1144 C CB  . PRO B 1 75 ? -6.809  -5.697  4.434   1.00 24.91  ? 67  PRO B CB  1 
ATOM   1145 C CG  . PRO B 1 75 ? -5.421  -6.110  4.839   1.00 28.11  ? 67  PRO B CG  1 
ATOM   1146 C CD  . PRO B 1 75 ? -5.199  -5.585  6.252   1.00 28.36  ? 67  PRO B CD  1 
ATOM   1147 N N   . PRO B 1 76 ? -9.816  -6.621  5.633   1.00 25.50  ? 68  PRO B N   1 
ATOM   1148 C CA  . PRO B 1 76 ? -10.808 -7.642  5.939   1.00 25.92  ? 68  PRO B CA  1 
ATOM   1149 C C   . PRO B 1 76 ? -10.471 -9.038  5.402   1.00 24.63  ? 68  PRO B C   1 
ATOM   1150 O O   . PRO B 1 76 ? -9.873  -9.169  4.335   1.00 20.33  ? 68  PRO B O   1 
ATOM   1151 C CB  . PRO B 1 76 ? -12.090 -7.120  5.276   1.00 26.84  ? 68  PRO B CB  1 
ATOM   1152 C CG  . PRO B 1 76 ? -11.897 -5.626  5.266   1.00 27.58  ? 68  PRO B CG  1 
ATOM   1153 C CD  . PRO B 1 76 ? -10.423 -5.453  4.984   1.00 26.72  ? 68  PRO B CD  1 
ATOM   1154 N N   . LEU B 1 77 ? -10.891 -10.033 6.187   1.00 25.05  ? 69  LEU B N   1 
ATOM   1155 C CA  . LEU B 1 77 ? -10.842 -11.473 5.830   1.00 26.57  ? 69  LEU B CA  1 
ATOM   1156 C C   . LEU B 1 77 ? -12.232 -11.909 5.358   1.00 26.05  ? 69  LEU B C   1 
ATOM   1157 O O   . LEU B 1 77 ? -13.236 -11.596 6.026   1.00 26.07  ? 69  LEU B O   1 
ATOM   1158 C CB  . LEU B 1 77 ? -10.344 -12.288 7.029   1.00 26.36  ? 69  LEU B CB  1 
ATOM   1159 C CG  . LEU B 1 77 ? -8.845  -12.180 7.333   1.00 27.30  ? 69  LEU B CG  1 
ATOM   1160 C CD1 . LEU B 1 77 ? -8.530  -12.770 8.699   1.00 27.47  ? 69  LEU B CD1 1 
ATOM   1161 C CD2 . LEU B 1 77 ? -8.004  -12.872 6.263   1.00 27.40  ? 69  LEU B CD2 1 
ATOM   1162 N N   . TRP B 1 78 ? -12.262 -12.608 4.229   1.00 25.36  ? 70  TRP B N   1 
ATOM   1163 C CA  . TRP B 1 78 ? -13.490 -12.935 3.476   1.00 26.35  ? 70  TRP B CA  1 
ATOM   1164 C C   . TRP B 1 78 ? -13.640 -14.441 3.458   1.00 27.48  ? 70  TRP B C   1 
ATOM   1165 O O   . TRP B 1 78 ? -12.618 -15.109 3.356   1.00 24.92  ? 70  TRP B O   1 
ATOM   1166 C CB  . TRP B 1 78 ? -13.416 -12.382 2.045   1.00 25.88  ? 70  TRP B CB  1 
ATOM   1167 C CG  . TRP B 1 78 ? -13.413 -10.886 1.985   1.00 24.68  ? 70  TRP B CG  1 
ATOM   1168 C CD1 . TRP B 1 78 ? -12.324 -10.075 2.072   1.00 23.24  ? 70  TRP B CD1 1 
ATOM   1169 C CD2 . TRP B 1 78 ? -14.561 -10.020 1.874   1.00 24.11  ? 70  TRP B CD2 1 
ATOM   1170 N NE1 . TRP B 1 78 ? -12.708 -8.768  1.986   1.00 23.66  ? 70  TRP B NE1 1 
ATOM   1171 C CE2 . TRP B 1 78 ? -14.075 -8.694  1.883   1.00 24.64  ? 70  TRP B CE2 1 
ATOM   1172 C CE3 . TRP B 1 78 ? -15.940 -10.225 1.737   1.00 23.41  ? 70  TRP B CE3 1 
ATOM   1173 C CZ2 . TRP B 1 78 ? -14.919 -7.586  1.749   1.00 23.54  ? 70  TRP B CZ2 1 
ATOM   1174 C CZ3 . TRP B 1 78 ? -16.773 -9.126  1.611   1.00 23.96  ? 70  TRP B CZ3 1 
ATOM   1175 C CH2 . TRP B 1 78 ? -16.268 -7.825  1.617   1.00 23.18  ? 70  TRP B CH2 1 
ATOM   1176 N N   . ILE B 1 79 ? -14.883 -14.914 3.524   1.00 33.30  ? 71  ILE B N   1 
ATOM   1177 C CA  . ILE B 1 79 ? -15.279 -16.327 3.244   1.00 35.29  ? 71  ILE B CA  1 
ATOM   1178 C C   . ILE B 1 79 ? -16.436 -16.312 2.247   1.00 35.72  ? 71  ILE B C   1 
ATOM   1179 O O   . ILE B 1 79 ? -17.123 -15.266 2.166   1.00 32.30  ? 71  ILE B O   1 
ATOM   1180 C CB  . ILE B 1 79 ? -15.682 -17.039 4.546   1.00 36.75  ? 71  ILE B CB  1 
ATOM   1181 C CG1 . ILE B 1 79 ? -16.879 -16.346 5.204   1.00 36.52  ? 71  ILE B CG1 1 
ATOM   1182 C CG2 . ILE B 1 79 ? -14.493 -17.152 5.497   1.00 36.82  ? 71  ILE B CG2 1 
ATOM   1183 C CD1 . ILE B 1 79 ? -17.751 -17.271 5.998   1.00 37.18  ? 71  ILE B CD1 1 
ATOM   1184 N N   . ARG B 1 80 ? -16.648 -17.439 1.557   1.00 40.20  ? 72  ARG B N   1 
ATOM   1185 C CA  . ARG B 1 80 ? -17.926 -17.785 0.867   1.00 45.50  ? 72  ARG B CA  1 
ATOM   1186 C C   . ARG B 1 80 ? -19.101 -17.730 1.854   1.00 44.95  ? 72  ARG B C   1 
ATOM   1187 O O   . ARG B 1 80 ? -18.970 -18.283 2.966   1.00 42.66  ? 72  ARG B O   1 
ATOM   1188 C CB  . ARG B 1 80 ? -17.858 -19.180 0.248   1.00 46.83  ? 72  ARG B CB  1 
ATOM   1189 C CG  . ARG B 1 80 ? -17.025 -19.244 -1.022  1.00 53.69  ? 72  ARG B CG  1 
ATOM   1190 C CD  . ARG B 1 80 ? -17.875 -19.777 -2.157  1.00 63.88  ? 72  ARG B CD  1 
ATOM   1191 N NE  . ARG B 1 80 ? -19.087 -18.978 -2.329  1.00 67.99  ? 72  ARG B NE  1 
ATOM   1192 C CZ  . ARG B 1 80 ? -20.085 -19.282 -3.157  1.00 70.42  ? 72  ARG B CZ  1 
ATOM   1193 N NH1 . ARG B 1 80 ? -20.025 -20.382 -3.897  1.00 68.66  ? 72  ARG B NH1 1 
ATOM   1194 N NH2 . ARG B 1 80 ? -21.139 -18.483 -3.238  1.00 66.01  ? 72  ARG B NH2 1 
ATOM   1195 N N   . LYS B 1 81 ? -20.202 -17.094 1.437   1.00 49.01  ? 73  LYS B N   1 
ATOM   1196 C CA  . LYS B 1 81 ? -21.458 -16.932 2.219   1.00 53.65  ? 73  LYS B CA  1 
ATOM   1197 C C   . LYS B 1 81 ? -21.921 -18.300 2.721   1.00 59.77  ? 73  LYS B C   1 
ATOM   1198 O O   . LYS B 1 81 ? -22.045 -19.218 1.871   1.00 58.61  ? 73  LYS B O   1 
ATOM   1199 C CB  . LYS B 1 81 ? -22.553 -16.299 1.357   1.00 56.12  ? 73  LYS B CB  1 
ATOM   1200 C CG  . LYS B 1 81 ? -23.253 -15.102 1.984   1.00 58.98  ? 73  LYS B CG  1 
ATOM   1201 C CD  . LYS B 1 81 ? -24.364 -15.483 2.912   1.00 58.80  ? 73  LYS B CD  1 
ATOM   1202 C CE  . LYS B 1 81 ? -25.130 -14.271 3.381   1.00 60.13  ? 73  LYS B CE  1 
ATOM   1203 N NZ  . LYS B 1 81 ? -26.347 -14.670 4.117   1.00 65.00  ? 73  LYS B NZ  1 
ATOM   1204 N N   . ASN B 1 82 ? -22.161 -18.413 4.038   1.00 68.68  ? 74  ASN B N   1 
ATOM   1205 C CA  . ASN B 1 82 ? -22.678 -19.624 4.744   1.00 72.85  ? 74  ASN B CA  1 
ATOM   1206 C C   . ASN B 1 82 ? -23.657 -20.390 3.834   1.00 71.84  ? 74  ASN B C   1 
ATOM   1207 O O   . ASN B 1 82 ? -24.652 -19.863 3.319   1.00 66.01  ? 74  ASN B O   1 
ATOM   1208 C CB  . ASN B 1 82 ? -23.332 -19.263 6.088   1.00 73.31  ? 74  ASN B CB  1 
ATOM   1209 C CG  . ASN B 1 82 ? -23.555 -20.455 7.005   1.00 73.31  ? 74  ASN B CG  1 
ATOM   1210 O OD1 . ASN B 1 82 ? -23.853 -21.559 6.545   1.00 66.47  ? 74  ASN B OD1 1 
ATOM   1211 N ND2 . ASN B 1 82 ? -23.424 -20.251 8.309   1.00 66.36  ? 74  ASN B ND2 1 
HETATM 1212 O O   . HOH C 2 .  ? 22.492  18.820  0.872   1.00 40.37  ? 101 HOH A O   1 
HETATM 1213 O O   . HOH C 2 .  ? 7.563   26.207  9.164   1.00 32.32  ? 102 HOH A O   1 
HETATM 1214 O O   . HOH C 2 .  ? 18.948  10.214  18.240  1.00 39.23  ? 103 HOH A O   1 
HETATM 1215 O O   . HOH C 2 .  ? 14.718  17.132  -4.701  1.00 42.84  ? 104 HOH A O   1 
HETATM 1216 O O   . HOH C 2 .  ? 8.106   9.091   -5.870  1.00 11.59  ? 105 HOH A O   1 
HETATM 1217 O O   . HOH C 2 .  ? 19.335  2.408   1.887   1.00 18.34  ? 106 HOH A O   1 
HETATM 1218 O O   . HOH C 2 .  ? 16.768  6.333   -5.825  1.00 29.92  ? 107 HOH A O   1 
HETATM 1219 O O   . HOH C 2 .  ? 17.351  2.993   -17.119 1.00 31.38  ? 108 HOH A O   1 
HETATM 1220 O O   . HOH C 2 .  ? 16.845  13.600  -7.298  1.00 24.22  ? 109 HOH A O   1 
HETATM 1221 O O   . HOH C 2 .  ? 24.576  11.248  -5.137  1.00 38.12  ? 110 HOH A O   1 
HETATM 1222 O O   . HOH C 2 .  ? 20.707  21.384  8.033   1.00 45.59  ? 111 HOH A O   1 
HETATM 1223 O O   . HOH C 2 .  ? 2.855   11.161  -3.061  1.00 8.33   ? 112 HOH A O   1 
HETATM 1224 O O   . HOH C 2 .  ? 12.601  7.540   -9.740  1.00 26.93  ? 113 HOH A O   1 
HETATM 1225 O O   . HOH C 2 .  ? 8.801   2.412   1.381   1.00 11.78  ? 114 HOH A O   1 
HETATM 1226 O O   . HOH C 2 .  ? 8.260   5.541   -0.152  1.00 35.66  ? 115 HOH A O   1 
HETATM 1227 O O   . HOH C 2 .  ? 1.232   -0.679  6.276   1.00 26.43  ? 116 HOH A O   1 
HETATM 1228 O O   . HOH D 2 .  ? -21.392 -9.467  -21.664 1.00 35.29  ? 101 HOH B O   1 
HETATM 1229 O O   . HOH D 2 .  ? -14.324 -7.985  17.087  1.00 32.35  ? 102 HOH B O   1 
HETATM 1230 O O   . HOH D 2 .  ? -17.994 -10.464 13.465  1.00 47.98  ? 103 HOH B O   1 
HETATM 1231 O O   . HOH D 2 .  ? -20.292 -8.553  0.257   1.00 31.74  ? 104 HOH B O   1 
HETATM 1232 O O   . HOH D 2 .  ? -16.875 -5.692  -9.273  1.00 32.71  ? 105 HOH B O   1 
HETATM 1233 O O   . HOH D 2 .  ? -23.146 -17.732 -1.508  1.00 50.84  ? 106 HOH B O   1 
HETATM 1234 O O   . HOH D 2 .  ? -11.628 -19.499 2.053   1.00 36.62  ? 107 HOH B O   1 
HETATM 1235 O O   . HOH D 2 .  ? -13.044 -10.087 8.141   1.00 24.58  ? 108 HOH B O   1 
HETATM 1236 O O   . HOH D 2 .  ? -11.262 -6.218  1.556   1.00 19.66  ? 109 HOH B O   1 
HETATM 1237 O O   . HOH D 2 .  ? -22.058 -10.762 -13.090 1.00 31.77  ? 110 HOH B O   1 
HETATM 1238 O O   . HOH D 2 .  ? -14.957 -19.581 1.969   1.00 41.50  ? 111 HOH B O   1 
HETATM 1239 O O   . HOH D 2 .  ? -9.065  -7.613  1.977   1.00 17.36  ? 112 HOH B O   1 
HETATM 1240 O O   . HOH D 2 .  ? -24.723 -11.413 -4.321  1.00 26.70  ? 113 HOH B O   1 
HETATM 1241 O O   . HOH D 2 .  ? -13.460 -7.325  8.666   1.00 37.81  ? 114 HOH B O   1 
HETATM 1242 O O   . HOH D 2 .  ? -8.146  -13.700 -18.077 1.00 46.00  ? 115 HOH B O   1 
HETATM 1243 O O   . HOH D 2 .  ? -19.533 -7.310  -8.820  1.00 34.38  ? 116 HOH B O   1 
HETATM 1244 O O   . HOH D 2 .  ? -19.837 -9.039  5.115   1.00 21.33  ? 117 HOH B O   1 
HETATM 1245 O O   . HOH D 2 .  ? -18.311 0.854   9.223   1.00 50.14  ? 118 HOH B O   1 
HETATM 1246 O O   . HOH D 2 .  ? -3.986  -8.214  2.575   1.00 11.05  ? 119 HOH B O   1 
HETATM 1247 O O   . HOH D 2 .  ? -6.605  -7.255  1.080   1.00 17.85  ? 120 HOH B O   1 
HETATM 1248 O O   . HOH D 2 .  ? -2.263  -3.756  -5.255  1.00 33.89  ? 121 HOH B O   1 
HETATM 1249 O O   . HOH D 2 .  ? -6.528  -1.094  -6.071  1.00 24.59  ? 122 HOH B O   1 
HETATM 1250 O O   . HOH D 2 .  ? -10.337 -0.593  -3.138  1.00 16.47  ? 123 HOH B O   1 
HETATM 1251 O O   . HOH D 2 .  ? 1.623   -3.345  -3.339  1.00 59.48  ? 124 HOH B O   1 
HETATM 1252 O O   . HOH D 2 .  ? -20.034 -7.314  3.143   1.00 36.55  ? 125 HOH B O   1 
# 
